data_6GFJ
#
_entry.id   6GFJ
#
_cell.length_a   89.460
_cell.length_b   121.570
_cell.length_c   123.160
_cell.angle_alpha   90.00
_cell.angle_beta   109.04
_cell.angle_gamma   90.00
#
_symmetry.space_group_name_H-M   'P 1 21 1'
#
loop_
_entity.id
_entity.type
_entity.pdbx_description
1 polymer 'Sugar ABC transporter substrate-binding protein,Receptor-interacting serine/threonine-protein kinase 2'
2 branched alpha-D-glucopyranose-(1-4)-alpha-D-glucopyranose
#
_entity_poly.entity_id   1
_entity_poly.type   'polypeptide(L)'
_entity_poly.pdbx_seq_one_letter_code
;MKIEEGKLVIWINGDKGYNGLAEVGKKFEKDTGIKVTVEHPDKLEEKFPQVAATGDGPDIIFWAHDRFGGYAQSGLLAEI
TPDKAFQDKLYPFTWDAVRYNGKLIAYPIAVEALSLIYNKDLLPNPPKTWEEIPALDKELKAKGKSALMFNLQEPYFTWP
LIAADGGYAFKYENGKYDIKDVGVDNAGAKAGLTFLVDLIKNKHMNADTDYSIAEAAFNKGETAMTINGPWAWSNIDTSA
VNYGVTVLPTFKGQPSKPFVGVLSAGINAASPNKELAKEFLENYLLTDEGLEAVNKDKPLGAVALKSYEEELAKDPRIAA
TMENAQKGEIMPNIPQMSAFWYAVRTAVINAASGRQTVDAALAAAQTNAAAIAQQWIQSKREDIVNQMTEACLNQSLDAL
LSRDLIMKEDYELVSTKPTRTSKVRQLLDTTDIQGEEFAKVIVQKLKDNKQMGLQPYPEILVVSRSPSLNLLQNKSM
;
_entity_poly.pdbx_strand_id   A,B,C,D
#
# COMPACT_ATOMS: atom_id res chain seq x y z
N ILE A 3 -16.21 10.53 -29.67
CA ILE A 3 -15.17 11.53 -29.26
C ILE A 3 -15.24 12.81 -30.11
N GLU A 4 -14.58 13.87 -29.66
CA GLU A 4 -14.71 15.19 -30.26
C GLU A 4 -14.03 15.32 -31.62
N GLU A 5 -14.79 15.76 -32.62
CA GLU A 5 -14.26 16.14 -33.94
C GLU A 5 -13.77 17.58 -33.87
N GLY A 6 -12.64 17.84 -34.53
CA GLY A 6 -12.00 19.16 -34.53
C GLY A 6 -10.64 19.10 -33.86
N LYS A 7 -10.60 18.61 -32.62
CA LYS A 7 -9.37 18.53 -31.83
C LYS A 7 -8.75 17.13 -31.83
N LEU A 8 -7.45 17.08 -31.56
CA LEU A 8 -6.70 15.82 -31.39
C LEU A 8 -6.39 15.57 -29.91
N VAL A 9 -6.64 14.35 -29.46
CA VAL A 9 -6.33 13.93 -28.09
C VAL A 9 -5.39 12.73 -28.16
N ILE A 10 -4.16 12.94 -27.69
CA ILE A 10 -3.09 11.93 -27.74
C ILE A 10 -2.90 11.29 -26.37
N TRP A 11 -2.81 9.97 -26.36
CA TRP A 11 -2.50 9.19 -25.16
C TRP A 11 -1.11 8.56 -25.32
N ILE A 12 -0.22 8.81 -24.35
CA ILE A 12 1.16 8.31 -24.35
C ILE A 12 1.61 8.03 -22.92
N ASN A 13 2.50 7.06 -22.74
CA ASN A 13 2.93 6.64 -21.40
C ASN A 13 3.70 7.74 -20.67
N GLY A 14 3.56 7.77 -19.35
CA GLY A 14 4.16 8.82 -18.50
C GLY A 14 5.68 8.84 -18.47
N ASP A 15 6.30 7.66 -18.57
CA ASP A 15 7.77 7.55 -18.60
C ASP A 15 8.42 8.14 -19.87
N LYS A 16 7.67 8.20 -20.98
CA LYS A 16 8.16 8.79 -22.24
C LYS A 16 8.08 10.32 -22.21
N GLY A 17 8.63 10.95 -23.23
CA GLY A 17 8.67 12.42 -23.33
C GLY A 17 7.38 13.04 -23.82
N TYR A 18 6.38 13.13 -22.93
CA TYR A 18 5.06 13.67 -23.27
C TYR A 18 5.05 15.20 -23.45
N ASN A 19 5.79 15.91 -22.60
CA ASN A 19 5.95 17.37 -22.75
C ASN A 19 6.67 17.76 -24.05
N GLY A 20 7.58 16.89 -24.51
CA GLY A 20 8.20 17.05 -25.82
C GLY A 20 7.21 16.87 -26.97
N LEU A 21 6.36 15.86 -26.86
CA LEU A 21 5.28 15.63 -27.84
C LEU A 21 4.22 16.72 -27.77
N ALA A 22 4.02 17.33 -26.60
CA ALA A 22 3.14 18.49 -26.44
C ALA A 22 3.61 19.71 -27.25
N GLU A 23 4.93 19.91 -27.32
CA GLU A 23 5.52 20.97 -28.16
C GLU A 23 5.32 20.73 -29.66
N VAL A 24 5.27 19.45 -30.07
CA VAL A 24 4.95 19.10 -31.47
C VAL A 24 3.48 19.42 -31.76
N GLY A 25 2.62 19.28 -30.75
CA GLY A 25 1.22 19.70 -30.83
C GLY A 25 1.01 21.19 -30.96
N LYS A 26 1.81 21.98 -30.23
CA LYS A 26 1.75 23.45 -30.32
C LYS A 26 2.25 24.01 -31.67
N LYS A 27 3.18 23.29 -32.31
CA LYS A 27 3.59 23.58 -33.69
C LYS A 27 2.45 23.27 -34.68
N PHE A 28 1.74 22.17 -34.44
CA PHE A 28 0.57 21.78 -35.23
C PHE A 28 -0.60 22.77 -35.05
N GLU A 29 -0.79 23.23 -33.81
CA GLU A 29 -1.80 24.24 -33.48
C GLU A 29 -1.48 25.59 -34.13
N LYS A 30 -0.22 26.02 -34.02
CA LYS A 30 0.24 27.27 -34.62
C LYS A 30 0.12 27.26 -36.15
N ASP A 31 0.48 26.14 -36.78
CA ASP A 31 0.42 26.01 -38.24
C ASP A 31 -0.99 25.81 -38.76
N THR A 32 -1.55 24.61 -38.59
CA THR A 32 -2.83 24.24 -39.24
C THR A 32 -4.10 24.60 -38.44
N GLY A 33 -3.94 25.06 -37.20
CA GLY A 33 -5.07 25.57 -36.39
C GLY A 33 -5.71 24.60 -35.43
N ILE A 34 -5.56 23.29 -35.68
CA ILE A 34 -6.18 22.24 -34.86
C ILE A 34 -5.40 22.10 -33.56
N LYS A 35 -6.08 22.25 -32.43
CA LYS A 35 -5.46 22.14 -31.10
C LYS A 35 -5.22 20.67 -30.72
N VAL A 36 -4.09 20.42 -30.06
CA VAL A 36 -3.67 19.08 -29.64
C VAL A 36 -3.54 19.02 -28.12
N THR A 37 -4.01 17.92 -27.53
CA THR A 37 -3.90 17.68 -26.08
C THR A 37 -3.22 16.34 -25.84
N VAL A 38 -2.04 16.38 -25.20
CA VAL A 38 -1.27 15.17 -24.88
C VAL A 38 -1.51 14.80 -23.42
N GLU A 39 -2.21 13.69 -23.21
CA GLU A 39 -2.51 13.18 -21.86
C GLU A 39 -1.66 11.94 -21.58
N HIS A 40 -1.44 11.64 -20.30
CA HIS A 40 -0.66 10.47 -19.89
C HIS A 40 -1.30 9.74 -18.71
N PRO A 41 -2.44 9.05 -18.97
CA PRO A 41 -3.17 8.34 -17.92
C PRO A 41 -2.53 7.01 -17.55
N ASP A 42 -2.76 6.58 -16.31
CA ASP A 42 -2.18 5.34 -15.78
C ASP A 42 -2.92 4.13 -16.36
N LYS A 43 -2.19 3.05 -16.60
CA LYS A 43 -2.72 1.84 -17.24
C LYS A 43 -3.42 2.13 -18.58
N LEU A 44 -2.81 2.97 -19.40
CA LEU A 44 -3.36 3.29 -20.72
C LEU A 44 -3.35 2.10 -21.70
N GLU A 45 -2.51 1.11 -21.43
CA GLU A 45 -2.54 -0.17 -22.16
C GLU A 45 -3.85 -0.96 -21.90
N GLU A 46 -4.39 -0.83 -20.68
CA GLU A 46 -5.65 -1.49 -20.28
C GLU A 46 -6.90 -0.59 -20.39
N LYS A 47 -6.73 0.73 -20.33
CA LYS A 47 -7.84 1.67 -20.51
C LYS A 47 -8.31 1.78 -21.95
N PHE A 48 -7.38 1.70 -22.90
CA PHE A 48 -7.70 1.84 -24.32
C PHE A 48 -8.68 0.81 -24.89
N PRO A 49 -8.45 -0.50 -24.65
CA PRO A 49 -9.41 -1.50 -25.16
C PRO A 49 -10.82 -1.43 -24.54
N GLN A 50 -10.93 -0.86 -23.34
CA GLN A 50 -12.23 -0.64 -22.70
C GLN A 50 -12.98 0.49 -23.41
N VAL A 51 -12.38 1.68 -23.40
CA VAL A 51 -13.04 2.90 -23.88
C VAL A 51 -13.25 2.93 -25.40
N ALA A 52 -12.26 2.47 -26.16
CA ALA A 52 -12.33 2.46 -27.63
C ALA A 52 -13.33 1.42 -28.18
N ALA A 53 -13.58 0.35 -27.43
CA ALA A 53 -14.56 -0.68 -27.81
C ALA A 53 -15.99 -0.12 -27.85
N THR A 54 -16.32 0.73 -26.88
CA THR A 54 -17.61 1.44 -26.85
C THR A 54 -17.65 2.54 -27.91
N GLY A 55 -16.61 3.38 -27.93
CA GLY A 55 -16.49 4.46 -28.92
C GLY A 55 -15.47 5.52 -28.56
N ASP A 56 -15.62 6.09 -27.36
CA ASP A 56 -14.80 7.22 -26.89
C ASP A 56 -13.32 6.85 -26.63
N GLY A 57 -12.49 7.83 -26.24
CA GLY A 57 -11.07 7.58 -25.94
C GLY A 57 -10.18 8.61 -26.58
N PRO A 58 -8.93 8.24 -26.91
CA PRO A 58 -8.04 9.15 -27.64
C PRO A 58 -8.19 9.02 -29.15
N ASP A 59 -7.71 10.02 -29.88
CA ASP A 59 -7.63 9.94 -31.34
C ASP A 59 -6.48 9.02 -31.76
N ILE A 60 -5.39 9.07 -30.99
CA ILE A 60 -4.13 8.43 -31.34
C ILE A 60 -3.44 7.88 -30.07
N ILE A 61 -2.92 6.65 -30.16
CA ILE A 61 -2.42 5.90 -28.99
C ILE A 61 -0.93 5.53 -29.14
N PHE A 62 -0.13 5.87 -28.13
CA PHE A 62 1.31 5.60 -28.11
C PHE A 62 1.66 4.49 -27.11
N TRP A 63 2.10 3.35 -27.63
CA TRP A 63 2.56 2.24 -26.82
C TRP A 63 3.46 1.32 -27.67
N ALA A 64 4.19 0.42 -27.01
CA ALA A 64 4.95 -0.61 -27.71
C ALA A 64 4.06 -1.46 -28.61
N HIS A 65 4.63 -1.92 -29.72
CA HIS A 65 3.89 -2.67 -30.75
C HIS A 65 3.21 -3.99 -30.34
N ASP A 66 3.58 -4.56 -29.20
CA ASP A 66 3.04 -5.86 -28.77
C ASP A 66 1.53 -5.85 -28.48
N ARG A 67 1.05 -4.78 -27.86
CA ARG A 67 -0.38 -4.63 -27.55
C ARG A 67 -1.27 -4.37 -28.78
N PHE A 68 -0.68 -3.94 -29.89
CA PHE A 68 -1.43 -3.43 -31.03
C PHE A 68 -2.18 -4.48 -31.84
N GLY A 69 -1.58 -5.66 -32.03
CA GLY A 69 -2.27 -6.75 -32.74
C GLY A 69 -3.50 -7.28 -32.00
N GLY A 70 -3.48 -7.18 -30.68
CA GLY A 70 -4.67 -7.44 -29.86
C GLY A 70 -5.77 -6.40 -30.02
N TYR A 71 -5.38 -5.13 -30.14
CA TYR A 71 -6.34 -4.06 -30.47
C TYR A 71 -6.87 -4.20 -31.90
N ALA A 72 -6.01 -4.66 -32.81
CA ALA A 72 -6.33 -4.81 -34.23
C ALA A 72 -7.32 -5.94 -34.48
N GLN A 73 -7.11 -7.07 -33.82
CA GLN A 73 -8.06 -8.20 -33.85
C GLN A 73 -9.42 -7.79 -33.28
N SER A 74 -9.40 -6.91 -32.28
CA SER A 74 -10.62 -6.33 -31.71
C SER A 74 -11.25 -5.19 -32.54
N GLY A 75 -10.66 -4.84 -33.68
CA GLY A 75 -11.18 -3.79 -34.56
C GLY A 75 -11.11 -2.37 -34.02
N LEU A 76 -10.22 -2.14 -33.05
CA LEU A 76 -10.10 -0.85 -32.38
C LEU A 76 -9.25 0.15 -33.14
N LEU A 77 -8.25 -0.34 -33.87
CA LEU A 77 -7.30 0.52 -34.59
C LEU A 77 -7.68 0.72 -36.05
N ALA A 78 -7.50 1.94 -36.54
CA ALA A 78 -7.70 2.28 -37.94
C ALA A 78 -6.55 1.75 -38.77
N GLU A 79 -6.89 1.11 -39.90
CA GLU A 79 -5.92 0.54 -40.81
C GLU A 79 -5.25 1.67 -41.60
N ILE A 80 -4.02 2.01 -41.23
CA ILE A 80 -3.29 3.15 -41.84
C ILE A 80 -2.81 2.85 -43.25
N THR A 81 -2.82 3.88 -44.11
CA THR A 81 -2.38 3.76 -45.50
C THR A 81 -1.41 4.89 -45.84
N PRO A 82 -0.16 4.80 -45.34
CA PRO A 82 0.88 5.72 -45.80
C PRO A 82 1.36 5.31 -47.18
N ASP A 83 1.59 6.29 -48.05
CA ASP A 83 2.13 6.04 -49.38
C ASP A 83 3.55 5.45 -49.33
N LYS A 84 3.90 4.68 -50.35
CA LYS A 84 5.18 3.96 -50.37
C LYS A 84 6.42 4.83 -50.55
N ALA A 85 6.23 6.11 -50.90
CA ALA A 85 7.29 7.12 -50.78
C ALA A 85 7.58 7.44 -49.31
N PHE A 86 6.54 7.44 -48.46
CA PHE A 86 6.72 7.63 -47.01
C PHE A 86 7.24 6.38 -46.30
N GLN A 87 6.83 5.19 -46.76
CA GLN A 87 7.30 3.93 -46.18
C GLN A 87 8.83 3.74 -46.27
N ASP A 88 9.45 4.34 -47.28
CA ASP A 88 10.92 4.30 -47.42
C ASP A 88 11.67 5.17 -46.40
N LYS A 89 11.01 6.22 -45.88
CA LYS A 89 11.64 7.12 -44.89
C LYS A 89 11.88 6.46 -43.53
N LEU A 90 11.03 5.50 -43.16
CA LEU A 90 11.23 4.67 -41.96
C LEU A 90 11.89 3.34 -42.33
N TYR A 91 12.53 2.70 -41.35
CA TYR A 91 13.21 1.41 -41.56
C TYR A 91 12.21 0.30 -41.88
N PRO A 92 12.60 -0.67 -42.73
CA PRO A 92 11.66 -1.68 -43.21
C PRO A 92 11.21 -2.69 -42.14
N PHE A 93 12.09 -3.05 -41.22
CA PHE A 93 11.74 -4.01 -40.16
C PHE A 93 10.84 -3.41 -39.08
N THR A 94 10.82 -2.07 -38.96
CA THR A 94 9.89 -1.40 -38.04
C THR A 94 8.46 -1.43 -38.57
N TRP A 95 8.29 -1.45 -39.89
CA TRP A 95 6.97 -1.67 -40.50
C TRP A 95 6.45 -3.09 -40.24
N ASP A 96 7.35 -4.08 -40.26
CA ASP A 96 6.98 -5.46 -39.94
C ASP A 96 6.47 -5.62 -38.50
N ALA A 97 7.00 -4.81 -37.59
CA ALA A 97 6.54 -4.76 -36.19
C ALA A 97 5.07 -4.33 -36.02
N VAL A 98 4.56 -3.55 -36.97
CA VAL A 98 3.20 -3.00 -36.92
C VAL A 98 2.32 -3.54 -38.06
N ARG A 99 2.66 -4.72 -38.58
CA ARG A 99 1.93 -5.36 -39.67
C ARG A 99 1.16 -6.55 -39.09
N TYR A 100 -0.17 -6.44 -39.05
CA TYR A 100 -1.03 -7.51 -38.52
C TYR A 100 -1.93 -8.10 -39.61
N ASN A 101 -1.61 -9.32 -40.03
CA ASN A 101 -2.33 -10.03 -41.12
C ASN A 101 -2.30 -9.23 -42.42
N GLY A 102 -1.09 -8.86 -42.85
CA GLY A 102 -0.88 -8.09 -44.07
C GLY A 102 -1.50 -6.70 -44.09
N LYS A 103 -1.64 -6.09 -42.92
CA LYS A 103 -2.24 -4.76 -42.77
C LYS A 103 -1.45 -3.93 -41.75
N LEU A 104 -1.03 -2.74 -42.17
CA LEU A 104 -0.30 -1.83 -41.30
C LEU A 104 -1.28 -1.13 -40.35
N ILE A 105 -1.05 -1.28 -39.05
CA ILE A 105 -2.01 -0.82 -38.02
C ILE A 105 -1.55 0.38 -37.17
N ALA A 106 -0.26 0.71 -37.21
CA ALA A 106 0.27 1.90 -36.53
C ALA A 106 1.55 2.39 -37.20
N TYR A 107 1.93 3.63 -36.90
CA TYR A 107 3.19 4.21 -37.39
C TYR A 107 4.32 3.92 -36.40
N PRO A 108 5.41 3.26 -36.86
CA PRO A 108 6.55 3.05 -35.96
C PRO A 108 7.28 4.34 -35.64
N ILE A 109 7.50 4.61 -34.35
CA ILE A 109 8.18 5.82 -33.90
C ILE A 109 9.63 5.51 -33.56
N ALA A 110 9.85 4.55 -32.67
CA ALA A 110 11.22 4.21 -32.22
C ALA A 110 11.36 2.80 -31.64
N VAL A 111 12.49 2.17 -31.96
CA VAL A 111 12.88 0.89 -31.38
C VAL A 111 13.54 1.16 -30.02
N GLU A 112 13.15 0.35 -29.05
CA GLU A 112 13.61 0.48 -27.66
C GLU A 112 13.89 -0.89 -27.06
N ALA A 113 14.97 -0.97 -26.29
CA ALA A 113 15.37 -2.21 -25.62
C ALA A 113 16.13 -1.87 -24.35
N LEU A 114 16.12 -2.81 -23.42
CA LEU A 114 16.74 -2.61 -22.11
C LEU A 114 18.26 -2.75 -22.18
N SER A 115 18.95 -1.99 -21.33
CA SER A 115 20.41 -1.95 -21.29
C SER A 115 20.88 -1.95 -19.84
N LEU A 116 22.12 -2.38 -19.60
CA LEU A 116 22.72 -2.29 -18.28
C LEU A 116 23.26 -0.87 -18.11
N ILE A 117 22.78 -0.18 -17.09
CA ILE A 117 23.17 1.21 -16.81
C ILE A 117 23.92 1.24 -15.48
N TYR A 118 25.21 1.58 -15.53
CA TYR A 118 26.13 1.45 -14.38
C TYR A 118 26.78 2.79 -13.99
N ASN A 119 27.10 2.92 -12.71
CA ASN A 119 27.76 4.10 -12.16
C ASN A 119 29.28 3.94 -12.29
N LYS A 120 29.89 4.73 -13.17
CA LYS A 120 31.34 4.64 -13.44
C LYS A 120 32.23 4.94 -12.23
N ASP A 121 31.78 5.86 -11.37
CA ASP A 121 32.53 6.23 -10.16
C ASP A 121 32.52 5.12 -9.10
N LEU A 122 31.35 4.49 -8.90
CA LEU A 122 31.23 3.37 -7.95
C LEU A 122 31.75 2.05 -8.54
N LEU A 123 31.70 1.92 -9.86
CA LEU A 123 32.03 0.66 -10.54
C LEU A 123 32.49 0.95 -11.98
N PRO A 124 33.81 1.15 -12.18
CA PRO A 124 34.30 1.54 -13.50
C PRO A 124 34.28 0.42 -14.54
N ASN A 125 34.56 -0.81 -14.11
CA ASN A 125 34.45 -1.99 -14.96
C ASN A 125 33.22 -2.79 -14.52
N PRO A 126 32.10 -2.68 -15.26
CA PRO A 126 30.88 -3.37 -14.86
C PRO A 126 30.92 -4.86 -15.20
N PRO A 127 30.16 -5.70 -14.47
CA PRO A 127 30.17 -7.15 -14.68
C PRO A 127 29.54 -7.56 -15.99
N LYS A 128 30.17 -8.53 -16.67
CA LYS A 128 29.64 -9.12 -17.90
C LYS A 128 28.97 -10.47 -17.66
N THR A 129 28.80 -10.86 -16.39
CA THR A 129 28.02 -12.05 -16.03
C THR A 129 27.12 -11.77 -14.81
N TRP A 130 25.91 -12.35 -14.83
CA TRP A 130 24.99 -12.30 -13.68
C TRP A 130 25.58 -13.00 -12.45
N GLU A 131 26.33 -14.07 -12.70
CA GLU A 131 26.87 -14.93 -11.63
C GLU A 131 27.85 -14.24 -10.67
N GLU A 132 28.49 -13.15 -11.12
CA GLU A 132 29.41 -12.38 -10.27
C GLU A 132 28.75 -11.22 -9.49
N ILE A 133 27.46 -10.98 -9.71
CA ILE A 133 26.73 -9.90 -9.02
C ILE A 133 26.51 -10.15 -7.51
N PRO A 134 26.23 -11.41 -7.11
CA PRO A 134 26.17 -11.72 -5.67
C PRO A 134 27.47 -11.37 -4.93
N ALA A 135 28.60 -11.74 -5.53
CA ALA A 135 29.92 -11.42 -5.00
C ALA A 135 30.17 -9.90 -4.95
N LEU A 136 29.86 -9.23 -6.05
CA LEU A 136 30.04 -7.77 -6.15
C LEU A 136 29.22 -7.01 -5.10
N ASP A 137 28.01 -7.49 -4.82
CA ASP A 137 27.14 -6.85 -3.82
C ASP A 137 27.71 -6.91 -2.41
N LYS A 138 28.29 -8.05 -2.05
CA LYS A 138 28.91 -8.23 -0.72
C LYS A 138 30.01 -7.22 -0.47
N GLU A 139 30.78 -6.92 -1.51
CA GLU A 139 31.84 -5.91 -1.44
C GLU A 139 31.28 -4.49 -1.28
N LEU A 140 30.25 -4.17 -2.06
CA LEU A 140 29.61 -2.83 -1.98
C LEU A 140 28.80 -2.61 -0.70
N LYS A 141 28.29 -3.68 -0.11
CA LYS A 141 27.64 -3.62 1.22
C LYS A 141 28.60 -3.10 2.30
N ALA A 142 29.88 -3.44 2.19
CA ALA A 142 30.91 -2.93 3.11
C ALA A 142 31.09 -1.41 3.03
N LYS A 143 31.00 -0.86 1.82
CA LYS A 143 31.10 0.59 1.61
C LYS A 143 29.75 1.34 1.70
N GLY A 144 28.69 0.64 2.12
CA GLY A 144 27.39 1.26 2.36
C GLY A 144 26.60 1.52 1.10
N LYS A 145 26.57 0.52 0.21
CA LYS A 145 25.85 0.61 -1.06
C LYS A 145 25.45 -0.78 -1.56
N SER A 146 24.74 -0.84 -2.69
CA SER A 146 24.31 -2.11 -3.29
C SER A 146 24.74 -2.20 -4.75
N ALA A 147 24.81 -3.42 -5.27
CA ALA A 147 25.30 -3.67 -6.63
C ALA A 147 24.25 -3.31 -7.67
N LEU A 148 23.13 -4.00 -7.61
CA LEU A 148 22.06 -3.90 -8.61
C LEU A 148 20.75 -3.54 -7.94
N MET A 149 19.91 -2.79 -8.65
CA MET A 149 18.57 -2.45 -8.17
C MET A 149 17.70 -2.02 -9.34
N PHE A 150 16.64 -2.79 -9.62
CA PHE A 150 15.73 -2.48 -10.72
C PHE A 150 14.29 -2.93 -10.45
N ASN A 151 13.38 -2.52 -11.34
CA ASN A 151 11.94 -2.79 -11.20
C ASN A 151 11.62 -4.29 -11.34
N LEU A 152 11.29 -4.93 -10.23
CA LEU A 152 10.92 -6.35 -10.19
C LEU A 152 9.42 -6.61 -10.40
N GLN A 153 8.61 -5.55 -10.36
CA GLN A 153 7.15 -5.69 -10.45
C GLN A 153 6.74 -6.05 -11.87
N GLU A 154 7.17 -5.22 -12.83
CA GLU A 154 6.88 -5.46 -14.24
C GLU A 154 7.77 -6.60 -14.78
N PRO A 155 7.16 -7.56 -15.51
CA PRO A 155 7.94 -8.66 -16.08
C PRO A 155 8.85 -8.29 -17.26
N TYR A 156 8.65 -7.12 -17.87
CA TYR A 156 9.52 -6.62 -18.96
C TYR A 156 11.00 -6.63 -18.56
N PHE A 157 11.28 -6.24 -17.32
CA PHE A 157 12.64 -6.03 -16.83
C PHE A 157 13.33 -7.34 -16.42
N THR A 158 12.56 -8.23 -15.80
CA THR A 158 13.07 -9.52 -15.34
C THR A 158 13.13 -10.59 -16.45
N TRP A 159 12.40 -10.36 -17.55
CA TRP A 159 12.35 -11.31 -18.67
C TRP A 159 13.72 -11.62 -19.30
N PRO A 160 14.56 -10.58 -19.55
CA PRO A 160 15.93 -10.81 -20.03
C PRO A 160 16.67 -11.98 -19.36
N LEU A 161 16.56 -12.05 -18.03
CA LEU A 161 17.17 -13.13 -17.26
C LEU A 161 16.48 -14.47 -17.53
N ILE A 162 15.15 -14.45 -17.60
CA ILE A 162 14.33 -15.65 -17.80
C ILE A 162 14.58 -16.29 -19.17
N ALA A 163 14.55 -15.46 -20.22
CA ALA A 163 14.75 -15.93 -21.58
C ALA A 163 16.18 -16.41 -21.88
N ALA A 164 17.16 -15.89 -21.15
CA ALA A 164 18.58 -16.14 -21.40
C ALA A 164 18.93 -17.60 -21.65
N ASP A 165 18.72 -18.45 -20.64
CA ASP A 165 19.10 -19.86 -20.72
C ASP A 165 18.22 -20.67 -21.68
N GLY A 166 17.00 -20.18 -21.93
CA GLY A 166 16.10 -20.80 -22.93
C GLY A 166 14.60 -20.69 -22.75
N GLY A 167 14.13 -19.64 -22.06
CA GLY A 167 12.71 -19.34 -21.95
C GLY A 167 12.25 -18.55 -23.16
N TYR A 168 10.95 -18.62 -23.45
CA TYR A 168 10.36 -17.90 -24.58
C TYR A 168 8.85 -17.79 -24.43
N ALA A 169 8.28 -16.74 -25.01
CA ALA A 169 6.83 -16.49 -24.92
C ALA A 169 6.04 -17.47 -25.77
N PHE A 170 6.22 -17.39 -27.09
CA PHE A 170 5.58 -18.31 -28.03
C PHE A 170 6.58 -18.68 -29.11
N LYS A 171 6.70 -19.96 -29.44
CA LYS A 171 7.70 -20.40 -30.42
C LYS A 171 7.35 -19.94 -31.82
N TYR A 172 8.39 -19.54 -32.56
CA TYR A 172 8.28 -19.11 -33.94
C TYR A 172 8.29 -20.37 -34.81
N GLU A 173 7.30 -20.53 -35.66
CA GLU A 173 7.21 -21.69 -36.56
C GLU A 173 7.68 -21.30 -37.96
N ASN A 174 8.89 -20.74 -38.01
CA ASN A 174 9.46 -20.06 -39.19
C ASN A 174 8.43 -19.39 -40.10
N GLY A 175 7.78 -18.36 -39.58
CA GLY A 175 6.87 -17.49 -40.33
C GLY A 175 5.75 -16.91 -39.48
N LYS A 176 5.15 -17.74 -38.65
CA LYS A 176 4.16 -17.29 -37.66
C LYS A 176 4.34 -18.01 -36.33
N TYR A 177 3.79 -17.42 -35.28
CA TYR A 177 3.96 -17.92 -33.92
C TYR A 177 2.99 -19.05 -33.63
N ASP A 178 3.50 -20.12 -33.02
CA ASP A 178 2.68 -21.23 -32.53
C ASP A 178 2.08 -20.81 -31.18
N ILE A 179 0.78 -20.51 -31.16
CA ILE A 179 0.08 -20.05 -29.96
C ILE A 179 -0.03 -21.09 -28.84
N LYS A 180 0.16 -22.37 -29.19
CA LYS A 180 0.06 -23.47 -28.23
C LYS A 180 1.41 -23.87 -27.61
N ASP A 181 2.52 -23.51 -28.26
CA ASP A 181 3.87 -23.80 -27.74
C ASP A 181 4.44 -22.62 -26.92
N VAL A 182 4.15 -22.63 -25.62
CA VAL A 182 4.60 -21.60 -24.69
C VAL A 182 5.78 -22.12 -23.87
N GLY A 183 6.81 -21.29 -23.68
CA GLY A 183 8.05 -21.71 -23.03
C GLY A 183 8.43 -20.96 -21.77
N VAL A 184 7.45 -20.58 -20.96
CA VAL A 184 7.73 -20.04 -19.62
C VAL A 184 7.99 -21.13 -18.57
N ASP A 185 7.65 -22.38 -18.91
CA ASP A 185 7.77 -23.51 -17.99
C ASP A 185 9.15 -24.19 -18.06
N ASN A 186 9.78 -24.18 -19.23
CA ASN A 186 11.02 -24.95 -19.49
C ASN A 186 12.20 -24.62 -18.55
N ALA A 187 13.13 -25.58 -18.44
CA ALA A 187 14.27 -25.50 -17.52
C ALA A 187 15.08 -24.20 -17.63
N GLY A 188 15.27 -23.72 -18.87
CA GLY A 188 15.91 -22.43 -19.10
C GLY A 188 15.20 -21.29 -18.41
N ALA A 189 13.87 -21.30 -18.47
CA ALA A 189 13.05 -20.29 -17.82
C ALA A 189 13.09 -20.41 -16.30
N LYS A 190 13.02 -21.64 -15.79
CA LYS A 190 13.15 -21.91 -14.36
C LYS A 190 14.50 -21.44 -13.82
N ALA A 191 15.57 -21.81 -14.51
CA ALA A 191 16.93 -21.43 -14.13
C ALA A 191 17.11 -19.92 -13.95
N GLY A 192 16.59 -19.15 -14.92
CA GLY A 192 16.66 -17.70 -14.87
C GLY A 192 15.93 -17.09 -13.68
N LEU A 193 14.68 -17.49 -13.49
CA LEU A 193 13.86 -16.98 -12.40
C LEU A 193 14.38 -17.41 -11.03
N THR A 194 14.86 -18.66 -10.95
CA THR A 194 15.50 -19.18 -9.73
C THR A 194 16.63 -18.26 -9.29
N PHE A 195 17.49 -17.87 -10.23
CA PHE A 195 18.61 -16.97 -9.92
C PHE A 195 18.13 -15.60 -9.44
N LEU A 196 17.05 -15.08 -10.03
CA LEU A 196 16.44 -13.84 -9.58
C LEU A 196 15.88 -13.97 -8.17
N VAL A 197 15.22 -15.10 -7.88
CA VAL A 197 14.71 -15.37 -6.54
C VAL A 197 15.85 -15.49 -5.51
N ASP A 198 16.93 -16.17 -5.91
CA ASP A 198 18.10 -16.36 -5.05
C ASP A 198 18.77 -15.05 -4.63
N LEU A 199 18.88 -14.11 -5.58
CA LEU A 199 19.39 -12.76 -5.27
C LEU A 199 18.56 -12.05 -4.21
N ILE A 200 17.25 -12.24 -4.26
CA ILE A 200 16.32 -11.64 -3.29
C ILE A 200 16.41 -12.37 -1.96
N LYS A 201 16.47 -13.70 -2.01
CA LYS A 201 16.60 -14.52 -0.80
C LYS A 201 17.90 -14.24 -0.01
N ASN A 202 19.00 -13.97 -0.72
CA ASN A 202 20.29 -13.66 -0.08
C ASN A 202 20.49 -12.16 0.21
N LYS A 203 19.41 -11.38 0.25
CA LYS A 203 19.44 -9.95 0.64
C LYS A 203 20.26 -9.05 -0.29
N HIS A 204 20.50 -9.49 -1.53
CA HIS A 204 21.20 -8.66 -2.52
C HIS A 204 20.19 -7.70 -3.14
N MET A 205 18.99 -8.22 -3.45
CA MET A 205 17.86 -7.42 -3.93
C MET A 205 16.69 -7.48 -2.95
N ASN A 206 15.70 -6.62 -3.19
CA ASN A 206 14.50 -6.49 -2.35
C ASN A 206 13.27 -6.78 -3.21
N ALA A 207 12.42 -7.72 -2.76
CA ALA A 207 11.31 -8.26 -3.55
C ALA A 207 10.31 -7.22 -4.07
N ASP A 208 10.04 -6.19 -3.28
CA ASP A 208 9.02 -5.18 -3.60
C ASP A 208 9.65 -3.85 -4.03
N THR A 209 10.55 -3.93 -4.99
CA THR A 209 11.23 -2.77 -5.58
C THR A 209 10.54 -2.42 -6.89
N ASP A 210 9.92 -1.24 -6.94
CA ASP A 210 9.26 -0.73 -8.15
C ASP A 210 10.17 0.24 -8.92
N TYR A 211 9.68 0.77 -10.03
CA TYR A 211 10.43 1.67 -10.92
C TYR A 211 10.93 2.93 -10.21
N SER A 212 10.06 3.55 -9.41
CA SER A 212 10.38 4.78 -8.68
C SER A 212 11.45 4.57 -7.60
N ILE A 213 11.47 3.37 -7.00
CA ILE A 213 12.48 3.01 -6.00
C ILE A 213 13.84 2.87 -6.69
N ALA A 214 13.84 2.14 -7.80
CA ALA A 214 15.06 1.85 -8.58
C ALA A 214 15.74 3.09 -9.13
N GLU A 215 15.00 3.88 -9.91
CA GLU A 215 15.56 5.10 -10.52
C GLU A 215 16.09 6.07 -9.45
N ALA A 216 15.29 6.27 -8.39
CA ALA A 216 15.69 7.14 -7.28
C ALA A 216 16.99 6.69 -6.62
N ALA A 217 17.15 5.39 -6.44
CA ALA A 217 18.36 4.83 -5.81
C ALA A 217 19.62 5.03 -6.66
N PHE A 218 19.53 4.69 -7.94
CA PHE A 218 20.67 4.85 -8.87
C PHE A 218 21.01 6.31 -9.15
N ASN A 219 19.98 7.15 -9.28
CA ASN A 219 20.18 8.58 -9.59
C ASN A 219 20.72 9.36 -8.38
N LYS A 220 20.39 8.92 -7.16
CA LYS A 220 20.98 9.49 -5.93
C LYS A 220 22.39 8.97 -5.62
N GLY A 221 22.80 7.89 -6.29
CA GLY A 221 24.13 7.28 -6.11
C GLY A 221 24.18 6.25 -4.99
N GLU A 222 23.05 5.62 -4.71
CA GLU A 222 22.93 4.62 -3.63
C GLU A 222 23.16 3.18 -4.13
N THR A 223 23.06 2.97 -5.45
CA THR A 223 23.37 1.68 -6.07
C THR A 223 24.23 1.87 -7.31
N ALA A 224 24.99 0.83 -7.66
CA ALA A 224 25.99 0.89 -8.73
C ALA A 224 25.47 0.51 -10.11
N MET A 225 24.33 -0.19 -10.17
CA MET A 225 23.76 -0.63 -11.44
C MET A 225 22.23 -0.62 -11.45
N THR A 226 21.66 -0.37 -12.62
CA THR A 226 20.23 -0.54 -12.87
C THR A 226 20.00 -1.03 -14.31
N ILE A 227 18.83 -1.62 -14.54
CA ILE A 227 18.41 -2.07 -15.86
C ILE A 227 17.21 -1.20 -16.25
N ASN A 228 17.31 -0.57 -17.42
CA ASN A 228 16.30 0.39 -17.88
C ASN A 228 16.47 0.70 -19.37
N GLY A 229 15.45 1.32 -19.94
CA GLY A 229 15.45 1.73 -21.35
C GLY A 229 16.01 3.15 -21.54
N PRO A 230 15.99 3.64 -22.80
CA PRO A 230 16.46 5.00 -23.13
C PRO A 230 15.81 6.14 -22.34
N TRP A 231 14.48 6.13 -22.29
CA TRP A 231 13.67 7.13 -21.55
C TRP A 231 14.22 7.55 -20.17
N ALA A 232 14.80 6.61 -19.45
CA ALA A 232 15.38 6.87 -18.12
C ALA A 232 16.64 7.74 -18.12
N TRP A 233 17.33 7.82 -19.26
CA TRP A 233 18.61 8.56 -19.34
C TRP A 233 18.48 10.04 -19.02
N SER A 234 17.32 10.62 -19.35
CA SER A 234 17.07 12.05 -19.12
C SER A 234 17.24 12.46 -17.65
N ASN A 235 16.61 11.71 -16.75
CA ASN A 235 16.69 11.99 -15.31
C ASN A 235 18.10 11.77 -14.72
N ILE A 236 18.86 10.84 -15.31
CA ILE A 236 20.21 10.53 -14.83
C ILE A 236 21.17 11.67 -15.16
N ASP A 237 21.03 12.23 -16.36
CA ASP A 237 21.80 13.41 -16.78
C ASP A 237 21.62 14.58 -15.81
N THR A 238 20.39 14.78 -15.34
CA THR A 238 20.06 15.86 -14.40
C THR A 238 20.82 15.70 -13.09
N SER A 239 20.75 14.51 -12.50
CA SER A 239 21.47 14.18 -11.28
C SER A 239 22.98 14.14 -11.49
N ALA A 240 23.40 13.85 -12.72
CA ALA A 240 24.82 13.87 -13.12
C ALA A 240 25.60 12.87 -12.27
N VAL A 241 25.12 11.63 -12.29
CA VAL A 241 25.87 10.49 -11.79
C VAL A 241 26.65 10.02 -13.00
N ASN A 242 27.98 10.08 -12.93
CA ASN A 242 28.81 9.70 -14.07
C ASN A 242 28.53 8.24 -14.43
N TYR A 243 27.80 8.04 -15.51
CA TYR A 243 27.23 6.74 -15.86
C TYR A 243 27.56 6.31 -17.28
N GLY A 244 27.45 5.02 -17.52
CA GLY A 244 27.60 4.44 -18.86
C GLY A 244 26.49 3.44 -19.11
N VAL A 245 26.13 3.27 -20.37
CA VAL A 245 25.12 2.31 -20.80
C VAL A 245 25.84 1.23 -21.57
N THR A 246 25.57 -0.04 -21.24
CA THR A 246 26.28 -1.16 -21.86
C THR A 246 25.43 -2.42 -21.98
N VAL A 247 26.04 -3.50 -22.46
CA VAL A 247 25.36 -4.76 -22.73
C VAL A 247 24.96 -5.43 -21.41
N LEU A 248 23.81 -6.10 -21.42
CA LEU A 248 23.31 -6.83 -20.26
C LEU A 248 24.21 -8.02 -19.94
N PRO A 249 24.36 -8.34 -18.64
CA PRO A 249 25.24 -9.45 -18.26
C PRO A 249 24.73 -10.81 -18.73
N THR A 250 25.67 -11.72 -19.01
CA THR A 250 25.33 -13.06 -19.48
C THR A 250 24.89 -13.96 -18.33
N PHE A 251 24.10 -14.98 -18.65
CA PHE A 251 23.69 -16.01 -17.69
C PHE A 251 23.97 -17.37 -18.29
N LYS A 252 24.65 -18.25 -17.54
CA LYS A 252 25.08 -19.56 -18.01
C LYS A 252 25.82 -19.49 -19.36
N GLY A 253 26.62 -18.44 -19.54
CA GLY A 253 27.36 -18.22 -20.79
C GLY A 253 26.60 -17.46 -21.86
N GLN A 254 25.31 -17.77 -22.01
CA GLN A 254 24.46 -17.13 -23.04
C GLN A 254 24.04 -15.73 -22.61
N PRO A 255 23.79 -14.83 -23.59
CA PRO A 255 23.48 -13.44 -23.25
C PRO A 255 22.04 -13.27 -22.83
N SER A 256 21.77 -12.24 -22.03
CA SER A 256 20.40 -11.87 -21.68
C SER A 256 19.68 -11.41 -22.94
N LYS A 257 18.45 -11.89 -23.12
CA LYS A 257 17.63 -11.56 -24.28
C LYS A 257 16.44 -10.69 -23.86
N PRO A 258 16.60 -9.35 -23.87
CA PRO A 258 15.46 -8.50 -23.58
C PRO A 258 14.47 -8.52 -24.73
N PHE A 259 13.18 -8.42 -24.41
CA PHE A 259 12.18 -8.23 -25.44
C PHE A 259 12.35 -6.82 -26.01
N VAL A 260 12.31 -6.71 -27.33
CA VAL A 260 12.53 -5.44 -28.02
C VAL A 260 11.18 -4.85 -28.43
N GLY A 261 10.88 -3.66 -27.91
CA GLY A 261 9.66 -2.94 -28.25
C GLY A 261 9.87 -1.91 -29.35
N VAL A 262 8.82 -1.70 -30.14
CA VAL A 262 8.76 -0.65 -31.15
C VAL A 262 7.62 0.26 -30.71
N LEU A 263 7.97 1.39 -30.13
CA LEU A 263 6.98 2.40 -29.74
C LEU A 263 6.25 2.82 -31.01
N SER A 264 4.95 2.50 -31.07
CA SER A 264 4.14 2.75 -32.25
C SER A 264 3.00 3.71 -31.94
N ALA A 265 2.54 4.40 -32.97
CA ALA A 265 1.42 5.34 -32.85
C ALA A 265 0.30 4.88 -33.78
N GLY A 266 -0.76 4.33 -33.18
CA GLY A 266 -1.94 3.87 -33.92
C GLY A 266 -3.10 4.84 -33.75
N ILE A 267 -3.93 4.94 -34.79
CA ILE A 267 -5.07 5.85 -34.81
C ILE A 267 -6.33 5.08 -34.42
N ASN A 268 -7.20 5.69 -33.62
CA ASN A 268 -8.42 5.05 -33.13
C ASN A 268 -9.43 4.93 -34.27
N ALA A 269 -9.95 3.72 -34.49
CA ALA A 269 -10.94 3.45 -35.55
C ALA A 269 -12.25 4.20 -35.35
N ALA A 270 -12.59 4.51 -34.10
CA ALA A 270 -13.80 5.25 -33.74
C ALA A 270 -13.62 6.77 -33.65
N SER A 271 -12.53 7.32 -34.20
CA SER A 271 -12.31 8.76 -34.20
C SER A 271 -12.78 9.38 -35.52
N PRO A 272 -13.31 10.62 -35.47
CA PRO A 272 -13.62 11.36 -36.70
C PRO A 272 -12.39 12.01 -37.35
N ASN A 273 -11.30 12.15 -36.60
CA ASN A 273 -10.12 12.90 -37.03
C ASN A 273 -9.02 11.97 -37.56
N LYS A 274 -9.39 11.04 -38.44
CA LYS A 274 -8.44 10.06 -39.01
C LYS A 274 -7.43 10.71 -39.95
N GLU A 275 -7.89 11.65 -40.77
CA GLU A 275 -7.02 12.38 -41.70
C GLU A 275 -6.19 13.46 -41.01
N LEU A 276 -6.72 14.05 -39.94
CA LEU A 276 -5.98 15.02 -39.13
C LEU A 276 -4.81 14.39 -38.35
N ALA A 277 -4.98 13.14 -37.91
CA ALA A 277 -3.92 12.40 -37.22
C ALA A 277 -2.77 12.00 -38.17
N LYS A 278 -3.12 11.60 -39.39
CA LYS A 278 -2.11 11.22 -40.41
C LYS A 278 -1.21 12.39 -40.83
N GLU A 279 -1.77 13.60 -40.86
CA GLU A 279 -0.97 14.82 -41.06
C GLU A 279 -0.03 15.04 -39.88
N PHE A 280 -0.54 14.90 -38.66
CA PHE A 280 0.27 15.05 -37.44
C PHE A 280 1.40 14.03 -37.36
N LEU A 281 1.10 12.78 -37.72
CA LEU A 281 2.11 11.71 -37.64
C LEU A 281 3.16 11.82 -38.74
N GLU A 282 2.71 11.83 -40.00
CA GLU A 282 3.61 11.76 -41.15
C GLU A 282 4.40 13.06 -41.39
N ASN A 283 3.73 14.20 -41.25
CA ASN A 283 4.32 15.49 -41.62
C ASN A 283 4.82 16.34 -40.44
N TYR A 284 4.47 16.00 -39.20
CA TYR A 284 4.90 16.77 -38.02
C TYR A 284 5.73 15.98 -37.00
N LEU A 285 5.25 14.80 -36.59
CA LEU A 285 5.98 13.96 -35.63
C LEU A 285 7.15 13.22 -36.27
N LEU A 286 6.87 12.40 -37.29
CA LEU A 286 7.91 11.65 -37.98
C LEU A 286 8.70 12.55 -38.95
N THR A 287 9.42 13.49 -38.36
CA THR A 287 10.36 14.37 -39.05
C THR A 287 11.49 14.64 -38.08
N ASP A 288 12.59 15.16 -38.60
CA ASP A 288 13.80 15.34 -37.80
C ASP A 288 13.59 16.39 -36.70
N GLU A 289 12.84 17.46 -36.99
CA GLU A 289 12.50 18.48 -35.99
C GLU A 289 11.61 17.91 -34.89
N GLY A 290 10.56 17.20 -35.29
CA GLY A 290 9.57 16.65 -34.38
C GLY A 290 10.11 15.62 -33.41
N LEU A 291 10.90 14.68 -33.91
CA LEU A 291 11.46 13.61 -33.09
C LEU A 291 12.45 14.13 -32.04
N GLU A 292 13.28 15.10 -32.39
CA GLU A 292 14.25 15.67 -31.43
C GLU A 292 13.60 16.49 -30.30
N ALA A 293 12.45 17.09 -30.58
CA ALA A 293 11.67 17.78 -29.55
C ALA A 293 11.18 16.81 -28.47
N VAL A 294 10.83 15.59 -28.90
CA VAL A 294 10.46 14.52 -27.98
C VAL A 294 11.73 13.97 -27.31
N ASN A 295 12.72 13.62 -28.12
CA ASN A 295 13.99 13.03 -27.67
C ASN A 295 14.72 13.90 -26.63
N LYS A 296 14.64 15.22 -26.79
CA LYS A 296 15.22 16.17 -25.83
C LYS A 296 14.59 16.05 -24.44
N ASP A 297 13.27 15.92 -24.39
CA ASP A 297 12.55 15.77 -23.12
C ASP A 297 12.94 14.46 -22.43
N LYS A 298 12.66 13.35 -23.11
CA LYS A 298 13.03 12.01 -22.65
C LYS A 298 13.28 11.09 -23.85
N PRO A 299 14.54 10.60 -24.03
CA PRO A 299 14.97 9.82 -25.21
C PRO A 299 13.99 8.77 -25.71
N LEU A 300 13.78 8.75 -27.02
CA LEU A 300 12.91 7.76 -27.67
C LEU A 300 13.61 6.41 -27.77
N GLY A 301 14.92 6.44 -28.04
CA GLY A 301 15.73 5.25 -28.25
C GLY A 301 16.37 5.34 -29.62
N ALA A 302 16.40 4.22 -30.34
CA ALA A 302 16.87 4.20 -31.73
C ALA A 302 15.64 4.35 -32.62
N VAL A 303 15.48 5.51 -33.24
CA VAL A 303 14.24 5.81 -33.98
C VAL A 303 14.07 5.04 -35.28
N ALA A 304 12.81 4.91 -35.70
CA ALA A 304 12.45 4.23 -36.94
C ALA A 304 12.73 5.10 -38.17
N LEU A 305 12.75 6.42 -37.99
CA LEU A 305 13.02 7.37 -39.08
C LEU A 305 14.50 7.36 -39.48
N LYS A 306 14.77 6.94 -40.72
CA LYS A 306 16.15 6.77 -41.21
C LYS A 306 17.01 8.02 -41.08
N SER A 307 16.43 9.18 -41.43
CA SER A 307 17.14 10.45 -41.42
C SER A 307 17.60 10.87 -40.03
N TYR A 308 16.76 10.67 -39.01
CA TYR A 308 17.10 11.04 -37.64
C TYR A 308 17.92 9.98 -36.90
N GLU A 309 17.77 8.71 -37.29
CA GLU A 309 18.61 7.63 -36.72
C GLU A 309 20.10 7.82 -37.04
N GLU A 310 20.38 8.37 -38.22
CA GLU A 310 21.74 8.71 -38.65
C GLU A 310 22.51 9.51 -37.58
N GLU A 311 21.83 10.45 -36.93
CA GLU A 311 22.43 11.25 -35.84
C GLU A 311 22.52 10.45 -34.53
N LEU A 312 21.44 9.76 -34.17
CA LEU A 312 21.39 9.03 -32.91
C LEU A 312 22.32 7.82 -32.86
N ALA A 313 22.65 7.24 -34.02
CA ALA A 313 23.59 6.12 -34.10
C ALA A 313 25.01 6.45 -33.62
N LYS A 314 25.40 7.72 -33.74
CA LYS A 314 26.71 8.21 -33.26
C LYS A 314 26.89 8.10 -31.75
N ASP A 315 25.80 8.33 -31.01
CA ASP A 315 25.79 8.22 -29.55
C ASP A 315 26.01 6.76 -29.11
N PRO A 316 27.05 6.49 -28.29
CA PRO A 316 27.32 5.10 -27.85
C PRO A 316 26.25 4.44 -26.97
N ARG A 317 25.39 5.25 -26.35
CA ARG A 317 24.25 4.73 -25.58
C ARG A 317 23.27 3.98 -26.49
N ILE A 318 22.96 4.56 -27.65
CA ILE A 318 22.11 3.92 -28.67
C ILE A 318 22.81 2.70 -29.26
N ALA A 319 24.12 2.80 -29.49
CA ALA A 319 24.92 1.66 -29.95
C ALA A 319 24.85 0.48 -28.97
N ALA A 320 24.88 0.80 -27.67
CA ALA A 320 24.67 -0.21 -26.62
C ALA A 320 23.23 -0.76 -26.65
N THR A 321 22.25 0.13 -26.80
CA THR A 321 20.84 -0.27 -26.89
C THR A 321 20.58 -1.22 -28.06
N MET A 322 21.12 -0.90 -29.24
CA MET A 322 20.98 -1.78 -30.42
C MET A 322 21.70 -3.12 -30.26
N GLU A 323 22.84 -3.11 -29.58
CA GLU A 323 23.59 -4.35 -29.31
C GLU A 323 22.79 -5.30 -28.42
N ASN A 324 22.10 -4.75 -27.42
CA ASN A 324 21.16 -5.53 -26.59
C ASN A 324 19.99 -6.06 -27.42
N ALA A 325 19.40 -5.17 -28.22
CA ALA A 325 18.27 -5.53 -29.08
C ALA A 325 18.60 -6.60 -30.12
N GLN A 326 19.83 -6.58 -30.65
CA GLN A 326 20.30 -7.65 -31.55
C GLN A 326 20.31 -9.01 -30.84
N LYS A 327 20.94 -9.04 -29.67
CA LYS A 327 21.05 -10.26 -28.87
C LYS A 327 19.69 -10.74 -28.37
N GLY A 328 18.80 -9.81 -28.06
CA GLY A 328 17.42 -10.13 -27.73
C GLY A 328 16.61 -10.52 -28.96
N GLU A 329 15.29 -10.51 -28.81
CA GLU A 329 14.38 -10.76 -29.92
C GLU A 329 13.13 -9.89 -29.82
N ILE A 330 12.54 -9.61 -30.99
CA ILE A 330 11.42 -8.67 -31.12
C ILE A 330 10.14 -9.28 -30.55
N MET A 331 9.34 -8.45 -29.88
CA MET A 331 8.07 -8.91 -29.32
C MET A 331 7.11 -9.34 -30.43
N PRO A 332 6.33 -10.41 -30.20
CA PRO A 332 5.17 -10.64 -31.07
C PRO A 332 4.13 -9.53 -30.88
N ASN A 333 3.39 -9.22 -31.93
CA ASN A 333 2.24 -8.29 -31.83
C ASN A 333 0.91 -8.99 -31.57
N ILE A 334 0.88 -10.32 -31.67
CA ILE A 334 -0.36 -11.13 -31.59
C ILE A 334 -1.21 -10.89 -30.32
N PRO A 335 -2.53 -11.19 -30.39
CA PRO A 335 -3.41 -10.91 -29.25
C PRO A 335 -3.15 -11.74 -27.98
N GLN A 336 -2.40 -12.84 -28.12
CA GLN A 336 -2.09 -13.72 -26.99
C GLN A 336 -1.12 -13.07 -25.98
N MET A 337 -0.33 -12.10 -26.44
CA MET A 337 0.71 -11.46 -25.61
C MET A 337 0.20 -10.79 -24.33
N SER A 338 -0.98 -10.16 -24.40
CA SER A 338 -1.58 -9.53 -23.23
C SER A 338 -1.83 -10.53 -22.10
N ALA A 339 -2.29 -11.73 -22.47
CA ALA A 339 -2.48 -12.83 -21.54
C ALA A 339 -1.15 -13.36 -21.01
N PHE A 340 -0.19 -13.55 -21.92
CA PHE A 340 1.19 -13.95 -21.57
C PHE A 340 1.81 -13.01 -20.54
N TRP A 341 1.70 -11.71 -20.77
CA TRP A 341 2.36 -10.73 -19.92
C TRP A 341 1.87 -10.75 -18.47
N TYR A 342 0.55 -10.60 -18.25
CA TYR A 342 0.02 -10.64 -16.89
C TYR A 342 0.02 -12.05 -16.25
N ALA A 343 0.24 -13.08 -17.06
CA ALA A 343 0.54 -14.43 -16.54
C ALA A 343 1.95 -14.51 -15.95
N VAL A 344 2.94 -13.96 -16.66
CA VAL A 344 4.32 -13.91 -16.20
C VAL A 344 4.50 -12.89 -15.06
N ARG A 345 3.77 -11.77 -15.12
CA ARG A 345 3.78 -10.76 -14.04
C ARG A 345 3.55 -11.38 -12.67
N THR A 346 2.52 -12.23 -12.57
CA THR A 346 2.17 -12.91 -11.32
C THR A 346 3.28 -13.87 -10.87
N ALA A 347 3.73 -14.73 -11.78
CA ALA A 347 4.76 -15.72 -11.50
C ALA A 347 6.06 -15.11 -10.98
N VAL A 348 6.46 -13.97 -11.54
CA VAL A 348 7.64 -13.24 -11.08
C VAL A 348 7.43 -12.68 -9.66
N ILE A 349 6.27 -12.06 -9.42
CA ILE A 349 5.99 -11.40 -8.14
C ILE A 349 5.79 -12.41 -7.00
N ASN A 350 5.07 -13.50 -7.29
CA ASN A 350 4.83 -14.55 -6.29
C ASN A 350 6.14 -15.25 -5.86
N ALA A 351 6.96 -15.61 -6.85
CA ALA A 351 8.25 -16.24 -6.59
C ALA A 351 9.22 -15.30 -5.87
N ALA A 352 9.21 -14.02 -6.24
CA ALA A 352 10.06 -13.00 -5.60
C ALA A 352 9.69 -12.78 -4.14
N SER A 353 8.40 -12.62 -3.87
CA SER A 353 7.90 -12.45 -2.50
C SER A 353 7.98 -13.73 -1.67
N GLY A 354 7.97 -14.89 -2.34
CA GLY A 354 8.15 -16.19 -1.68
C GLY A 354 6.87 -16.87 -1.23
N ARG A 355 5.75 -16.52 -1.87
CA ARG A 355 4.48 -17.20 -1.64
C ARG A 355 4.46 -18.55 -2.35
N GLN A 356 4.96 -18.57 -3.60
CA GLN A 356 5.13 -19.79 -4.40
C GLN A 356 6.60 -20.09 -4.66
N THR A 357 6.87 -21.34 -5.06
CA THR A 357 8.16 -21.72 -5.62
C THR A 357 8.20 -21.35 -7.10
N VAL A 358 9.41 -21.37 -7.64
CA VAL A 358 9.64 -21.05 -9.05
C VAL A 358 8.99 -22.10 -9.95
N ASP A 359 9.16 -23.38 -9.59
CA ASP A 359 8.56 -24.49 -10.35
C ASP A 359 7.03 -24.41 -10.36
N ALA A 360 6.44 -24.05 -9.22
CA ALA A 360 5.00 -23.90 -9.09
C ALA A 360 4.47 -22.66 -9.80
N ALA A 361 5.17 -21.54 -9.62
CA ALA A 361 4.76 -20.25 -10.21
C ALA A 361 4.74 -20.27 -11.73
N LEU A 362 5.81 -20.80 -12.34
CA LEU A 362 5.93 -20.90 -13.79
C LEU A 362 5.02 -21.96 -14.42
N ALA A 363 4.77 -23.05 -13.68
CA ALA A 363 3.79 -24.05 -14.09
C ALA A 363 2.37 -23.47 -14.16
N ALA A 364 2.06 -22.57 -13.23
CA ALA A 364 0.79 -21.84 -13.23
C ALA A 364 0.71 -20.87 -14.41
N ALA A 365 1.77 -20.09 -14.61
CA ALA A 365 1.85 -19.15 -15.74
C ALA A 365 1.88 -19.85 -17.10
N GLN A 366 2.38 -21.09 -17.15
CA GLN A 366 2.40 -21.90 -18.39
C GLN A 366 0.99 -22.12 -18.93
N THR A 367 0.11 -22.64 -18.09
CA THR A 367 -1.29 -22.86 -18.46
C THR A 367 -2.02 -21.53 -18.73
N ASN A 368 -1.75 -20.52 -17.91
CA ASN A 368 -2.39 -19.20 -18.05
C ASN A 368 -2.02 -18.46 -19.33
N ALA A 369 -0.73 -18.48 -19.66
CA ALA A 369 -0.23 -17.82 -20.87
C ALA A 369 -0.75 -18.50 -22.14
N ALA A 370 -0.73 -19.83 -22.13
CA ALA A 370 -1.26 -20.64 -23.24
C ALA A 370 -2.71 -20.27 -23.51
N ALA A 371 -3.51 -20.19 -22.45
CA ALA A 371 -4.89 -19.70 -22.47
C ALA A 371 -5.79 -20.52 -23.40
N ILE A 372 -5.98 -21.79 -23.04
CA ILE A 372 -6.66 -22.76 -23.91
C ILE A 372 -8.18 -22.63 -23.73
N ALA A 373 -8.61 -22.61 -22.48
CA ALA A 373 -10.04 -22.49 -22.15
C ALA A 373 -10.57 -21.08 -22.47
N GLN A 374 -9.84 -20.06 -22.02
CA GLN A 374 -10.26 -18.66 -22.19
C GLN A 374 -10.43 -18.28 -23.67
N GLN A 375 -9.60 -18.84 -24.55
CA GLN A 375 -9.73 -18.64 -25.99
C GLN A 375 -10.81 -19.53 -26.61
N TRP A 376 -10.96 -20.76 -26.08
CA TRP A 376 -12.05 -21.66 -26.51
C TRP A 376 -13.42 -21.04 -26.22
N ILE A 377 -13.58 -20.43 -25.03
CA ILE A 377 -14.79 -19.68 -24.70
C ILE A 377 -15.00 -18.52 -25.67
N GLN A 378 -13.93 -17.78 -25.95
CA GLN A 378 -14.00 -16.66 -26.90
C GLN A 378 -14.34 -17.09 -28.34
N SER A 379 -13.88 -18.27 -28.74
CA SER A 379 -14.15 -18.79 -30.09
C SER A 379 -15.63 -19.16 -30.31
N LYS A 380 -16.29 -19.63 -29.26
CA LYS A 380 -17.72 -20.01 -29.31
C LYS A 380 -18.52 -19.18 -28.31
N ARG A 381 -18.28 -17.86 -28.32
CA ARG A 381 -18.82 -16.95 -27.31
C ARG A 381 -20.34 -16.86 -27.33
N GLU A 382 -20.88 -16.54 -28.50
CA GLU A 382 -22.34 -16.37 -28.67
C GLU A 382 -23.10 -17.68 -28.57
N ASP A 383 -22.49 -18.77 -29.02
CA ASP A 383 -23.08 -20.11 -28.88
C ASP A 383 -23.26 -20.47 -27.41
N ILE A 384 -22.26 -20.18 -26.59
CA ILE A 384 -22.31 -20.44 -25.13
C ILE A 384 -23.38 -19.57 -24.46
N VAL A 385 -23.56 -18.33 -24.90
CA VAL A 385 -24.61 -17.46 -24.36
C VAL A 385 -25.99 -18.05 -24.63
N ASN A 386 -26.22 -18.55 -25.84
CA ASN A 386 -27.50 -19.14 -26.21
C ASN A 386 -27.73 -20.54 -25.64
N GLN A 387 -26.67 -21.35 -25.55
CA GLN A 387 -26.80 -22.80 -25.23
C GLN A 387 -26.55 -23.21 -23.77
N MET A 388 -26.09 -22.30 -22.91
CA MET A 388 -25.83 -22.65 -21.50
C MET A 388 -27.15 -22.74 -20.73
N THR A 389 -27.35 -23.85 -20.02
CA THR A 389 -28.53 -24.02 -19.16
C THR A 389 -28.40 -23.17 -17.91
N GLU A 390 -29.54 -22.88 -17.29
CA GLU A 390 -29.57 -22.11 -16.04
C GLU A 390 -29.00 -22.92 -14.87
N ALA A 391 -29.05 -24.25 -14.98
CA ALA A 391 -28.39 -25.15 -14.04
C ALA A 391 -26.86 -25.05 -14.14
N CYS A 392 -26.35 -25.13 -15.36
CA CYS A 392 -24.90 -25.02 -15.64
C CYS A 392 -24.31 -23.68 -15.18
N LEU A 393 -25.07 -22.61 -15.37
CA LEU A 393 -24.73 -21.28 -14.86
C LEU A 393 -24.54 -21.30 -13.34
N ASN A 394 -25.54 -21.79 -12.63
CA ASN A 394 -25.54 -21.83 -11.15
C ASN A 394 -24.49 -22.80 -10.60
N GLN A 395 -24.33 -23.95 -11.25
CA GLN A 395 -23.24 -24.88 -10.93
C GLN A 395 -21.86 -24.24 -11.08
N SER A 396 -21.66 -23.47 -12.15
CA SER A 396 -20.42 -22.72 -12.36
C SER A 396 -20.24 -21.62 -11.31
N LEU A 397 -21.30 -20.83 -11.10
CA LEU A 397 -21.29 -19.76 -10.09
C LEU A 397 -21.04 -20.26 -8.65
N ASP A 398 -21.57 -21.44 -8.31
CA ASP A 398 -21.34 -22.06 -7.00
C ASP A 398 -19.90 -22.55 -6.86
N ALA A 399 -19.45 -23.34 -7.84
CA ALA A 399 -18.10 -23.92 -7.84
C ALA A 399 -17.00 -22.85 -7.92
N LEU A 400 -17.24 -21.79 -8.70
CA LEU A 400 -16.31 -20.65 -8.78
C LEU A 400 -16.21 -19.87 -7.46
N LEU A 401 -17.33 -19.72 -6.76
CA LEU A 401 -17.36 -19.03 -5.45
C LEU A 401 -16.72 -19.87 -4.33
N SER A 402 -16.86 -21.20 -4.41
CA SER A 402 -16.23 -22.11 -3.43
C SER A 402 -14.69 -22.14 -3.52
N ARG A 403 -14.15 -21.85 -4.70
CA ARG A 403 -12.69 -21.75 -4.91
C ARG A 403 -12.14 -20.30 -4.88
N ASP A 404 -12.94 -19.36 -4.37
CA ASP A 404 -12.55 -17.93 -4.27
C ASP A 404 -12.07 -17.30 -5.59
N LEU A 405 -12.62 -17.76 -6.72
CA LEU A 405 -12.24 -17.24 -8.05
C LEU A 405 -13.08 -16.02 -8.47
N ILE A 406 -14.27 -15.85 -7.87
CA ILE A 406 -15.09 -14.66 -8.10
C ILE A 406 -15.01 -13.75 -6.89
N MET A 407 -14.91 -12.44 -7.13
CA MET A 407 -15.06 -11.45 -6.06
C MET A 407 -16.53 -11.34 -5.64
N LYS A 408 -16.77 -10.68 -4.51
CA LYS A 408 -18.12 -10.51 -3.97
C LYS A 408 -18.96 -9.56 -4.84
N GLU A 409 -18.34 -8.51 -5.35
CA GLU A 409 -18.98 -7.59 -6.29
C GLU A 409 -19.31 -8.24 -7.65
N ASP A 410 -18.36 -9.02 -8.19
CA ASP A 410 -18.53 -9.69 -9.49
C ASP A 410 -19.62 -10.76 -9.50
N TYR A 411 -19.74 -11.52 -8.40
CA TYR A 411 -20.80 -12.53 -8.26
C TYR A 411 -22.18 -11.91 -8.28
N GLU A 412 -22.37 -10.86 -7.47
CA GLU A 412 -23.66 -10.15 -7.39
C GLU A 412 -24.03 -9.42 -8.68
N LEU A 413 -23.03 -8.88 -9.38
CA LEU A 413 -23.25 -8.19 -10.65
C LEU A 413 -23.74 -9.14 -11.75
N VAL A 414 -23.29 -10.40 -11.72
CA VAL A 414 -23.77 -11.44 -12.64
C VAL A 414 -25.21 -11.83 -12.32
N SER A 415 -25.46 -12.26 -11.08
CA SER A 415 -26.76 -12.81 -10.69
C SER A 415 -27.92 -11.81 -10.67
N THR A 416 -27.63 -10.52 -10.51
CA THR A 416 -28.66 -9.46 -10.55
C THR A 416 -29.03 -8.99 -11.96
N LYS A 417 -28.47 -9.62 -13.01
CA LYS A 417 -28.96 -9.46 -14.38
C LYS A 417 -30.39 -10.02 -14.52
N PRO A 418 -31.17 -9.48 -15.48
CA PRO A 418 -32.58 -9.88 -15.60
C PRO A 418 -32.81 -11.31 -16.09
N THR A 419 -32.08 -11.72 -17.13
CA THR A 419 -32.25 -13.05 -17.70
C THR A 419 -30.96 -13.86 -17.79
N ARG A 420 -31.14 -15.14 -18.03
CA ARG A 420 -30.12 -16.12 -18.17
C ARG A 420 -29.26 -15.91 -19.33
N THR A 421 -29.82 -15.34 -20.34
CA THR A 421 -29.09 -14.98 -21.55
C THR A 421 -28.15 -13.84 -21.18
N SER A 422 -28.64 -12.91 -20.36
CA SER A 422 -27.81 -11.78 -19.91
C SER A 422 -26.85 -12.13 -18.76
N LYS A 423 -27.24 -13.09 -17.91
CA LYS A 423 -26.36 -13.59 -16.84
C LYS A 423 -25.11 -14.29 -17.41
N VAL A 424 -25.33 -15.17 -18.38
CA VAL A 424 -24.23 -15.92 -19.01
C VAL A 424 -23.29 -14.97 -19.76
N ARG A 425 -23.88 -13.99 -20.44
CA ARG A 425 -23.11 -12.90 -21.07
C ARG A 425 -22.20 -12.21 -20.05
N GLN A 426 -22.77 -11.83 -18.91
CA GLN A 426 -22.01 -11.17 -17.85
C GLN A 426 -20.98 -12.10 -17.18
N LEU A 427 -21.27 -13.41 -17.16
CA LEU A 427 -20.28 -14.41 -16.72
C LEU A 427 -19.11 -14.47 -17.70
N LEU A 428 -19.42 -14.59 -19.00
CA LEU A 428 -18.37 -14.61 -20.04
C LEU A 428 -17.64 -13.28 -20.22
N ASP A 429 -18.24 -12.16 -19.79
CA ASP A 429 -17.53 -10.88 -19.73
C ASP A 429 -16.42 -10.90 -18.66
N THR A 430 -16.72 -11.47 -17.50
CA THR A 430 -15.75 -11.60 -16.41
C THR A 430 -14.70 -12.71 -16.63
N THR A 431 -14.96 -13.69 -17.49
CA THR A 431 -13.94 -14.73 -17.81
C THR A 431 -12.71 -14.14 -18.48
N ASP A 432 -12.91 -13.11 -19.31
CA ASP A 432 -11.81 -12.44 -20.00
C ASP A 432 -11.00 -11.59 -19.01
N ILE A 433 -11.70 -10.94 -18.09
CA ILE A 433 -11.07 -10.10 -17.05
C ILE A 433 -10.35 -10.94 -15.98
N GLN A 434 -10.98 -12.00 -15.49
CA GLN A 434 -10.56 -12.69 -14.25
C GLN A 434 -9.58 -13.87 -14.39
N GLY A 435 -9.09 -14.14 -15.61
CA GLY A 435 -8.01 -15.12 -15.80
C GLY A 435 -8.48 -16.46 -16.34
N GLU A 436 -7.53 -17.41 -16.45
CA GLU A 436 -7.75 -18.66 -17.15
C GLU A 436 -8.23 -19.83 -16.27
N GLU A 437 -7.89 -19.80 -14.99
CA GLU A 437 -8.39 -20.83 -14.05
C GLU A 437 -9.91 -20.66 -13.84
N PHE A 438 -10.37 -19.41 -13.92
CA PHE A 438 -11.79 -19.06 -13.98
C PHE A 438 -12.50 -19.77 -15.14
N ALA A 439 -11.92 -19.70 -16.32
CA ALA A 439 -12.50 -20.29 -17.54
C ALA A 439 -12.56 -21.82 -17.52
N LYS A 440 -11.56 -22.46 -16.92
CA LYS A 440 -11.51 -23.92 -16.80
C LYS A 440 -12.69 -24.50 -16.02
N VAL A 441 -13.22 -23.75 -15.05
CA VAL A 441 -14.38 -24.16 -14.29
C VAL A 441 -15.61 -24.22 -15.18
N ILE A 442 -15.84 -23.15 -15.95
CA ILE A 442 -17.01 -23.05 -16.82
C ILE A 442 -16.98 -24.13 -17.92
N VAL A 443 -15.82 -24.30 -18.55
CA VAL A 443 -15.65 -25.33 -19.60
C VAL A 443 -15.81 -26.74 -19.02
N GLN A 444 -15.45 -26.93 -17.75
CA GLN A 444 -15.72 -28.18 -17.03
C GLN A 444 -17.23 -28.40 -16.84
N LYS A 445 -17.94 -27.38 -16.39
CA LYS A 445 -19.40 -27.48 -16.18
C LYS A 445 -20.19 -27.63 -17.48
N LEU A 446 -19.75 -26.95 -18.55
CA LEU A 446 -20.34 -27.15 -19.88
C LEU A 446 -20.15 -28.59 -20.40
N LYS A 447 -19.02 -29.21 -20.06
CA LYS A 447 -18.75 -30.60 -20.41
C LYS A 447 -19.45 -31.59 -19.46
N ASP A 448 -19.66 -31.20 -18.19
CA ASP A 448 -20.44 -32.01 -17.23
C ASP A 448 -21.92 -32.12 -17.64
N ASN A 449 -22.52 -30.99 -18.02
CA ASN A 449 -23.92 -30.94 -18.45
C ASN A 449 -24.14 -31.34 -19.92
N LYS A 450 -23.06 -31.70 -20.63
CA LYS A 450 -23.13 -32.26 -21.99
C LYS A 450 -23.81 -31.33 -22.98
N GLN A 451 -23.24 -30.14 -23.10
CA GLN A 451 -23.72 -29.12 -24.03
C GLN A 451 -23.16 -29.44 -25.41
N MET A 452 -23.61 -30.51 -26.03
CA MET A 452 -23.06 -30.94 -27.31
C MET A 452 -23.22 -29.94 -28.43
N GLY A 453 -24.00 -28.90 -28.22
CA GLY A 453 -24.18 -27.91 -29.27
C GLY A 453 -22.84 -27.28 -29.62
N LEU A 454 -22.07 -27.01 -28.57
CA LEU A 454 -20.75 -26.41 -28.64
C LEU A 454 -19.91 -27.42 -29.38
N GLN A 455 -18.98 -26.94 -30.18
CA GLN A 455 -18.21 -27.75 -31.09
C GLN A 455 -17.14 -28.55 -30.40
N PRO A 456 -16.07 -28.96 -31.19
CA PRO A 456 -15.09 -29.79 -30.47
C PRO A 456 -14.52 -29.10 -29.25
N TYR A 457 -14.41 -29.86 -28.17
CA TYR A 457 -13.88 -29.38 -26.89
C TYR A 457 -12.33 -29.40 -26.88
N PRO A 458 -11.68 -28.71 -25.90
CA PRO A 458 -10.21 -28.59 -25.92
C PRO A 458 -9.42 -29.91 -25.93
N GLU A 459 -9.60 -30.74 -24.91
CA GLU A 459 -8.92 -32.03 -24.79
C GLU A 459 -9.76 -33.02 -23.97
N ILE B 3 27.21 48.58 -28.70
CA ILE B 3 26.33 48.37 -29.89
C ILE B 3 26.80 49.21 -31.09
N GLU B 4 26.29 48.90 -32.28
CA GLU B 4 26.78 49.48 -33.53
C GLU B 4 26.39 50.95 -33.72
N GLU B 5 27.39 51.79 -33.96
CA GLU B 5 27.19 53.17 -34.37
C GLU B 5 26.98 53.22 -35.88
N GLY B 6 26.08 54.09 -36.32
CA GLY B 6 25.72 54.22 -37.73
C GLY B 6 24.27 53.83 -37.96
N LYS B 7 23.91 52.61 -37.55
CA LYS B 7 22.56 52.05 -37.73
C LYS B 7 21.69 52.16 -36.49
N LEU B 8 20.38 52.13 -36.69
CA LEU B 8 19.38 52.09 -35.60
C LEU B 8 18.76 50.70 -35.50
N VAL B 9 18.68 50.19 -34.26
CA VAL B 9 18.05 48.90 -33.97
C VAL B 9 16.92 49.14 -32.97
N ILE B 10 15.69 48.90 -33.43
CA ILE B 10 14.47 49.14 -32.65
C ILE B 10 13.92 47.82 -32.12
N TRP B 11 13.57 47.82 -30.84
CA TRP B 11 12.90 46.69 -30.19
C TRP B 11 11.46 47.11 -29.84
N ILE B 12 10.49 46.32 -30.29
CA ILE B 12 9.06 46.57 -30.05
C ILE B 12 8.32 45.24 -29.94
N ASN B 13 7.23 45.22 -29.15
CA ASN B 13 6.50 43.98 -28.89
C ASN B 13 5.84 43.42 -30.15
N GLY B 14 5.74 42.09 -30.22
CA GLY B 14 5.22 41.39 -31.39
C GLY B 14 3.75 41.64 -31.71
N ASP B 15 2.94 41.83 -30.66
CA ASP B 15 1.50 42.13 -30.84
C ASP B 15 1.22 43.50 -31.47
N LYS B 16 2.15 44.45 -31.34
CA LYS B 16 2.02 45.79 -31.95
C LYS B 16 2.39 45.75 -33.44
N GLY B 17 2.18 46.88 -34.11
CA GLY B 17 2.45 47.00 -35.55
C GLY B 17 3.90 47.25 -35.89
N TYR B 18 4.70 46.18 -35.84
CA TYR B 18 6.16 46.28 -36.10
C TYR B 18 6.50 46.47 -37.57
N ASN B 19 5.76 45.79 -38.46
CA ASN B 19 5.93 45.98 -39.92
C ASN B 19 5.55 47.38 -40.38
N GLY B 20 4.58 48.00 -39.69
CA GLY B 20 4.26 49.41 -39.89
C GLY B 20 5.38 50.34 -39.49
N LEU B 21 5.99 50.07 -38.33
CA LEU B 21 7.15 50.83 -37.85
C LEU B 21 8.38 50.58 -38.72
N ALA B 22 8.48 49.40 -39.33
CA ALA B 22 9.53 49.09 -40.31
C ALA B 22 9.45 49.97 -41.56
N GLU B 23 8.24 50.29 -42.00
CA GLU B 23 8.03 51.24 -43.11
C GLU B 23 8.44 52.68 -42.77
N VAL B 24 8.32 53.06 -41.50
CA VAL B 24 8.80 54.36 -41.02
C VAL B 24 10.34 54.39 -41.04
N GLY B 25 10.96 53.24 -40.78
CA GLY B 25 12.41 53.06 -40.93
C GLY B 25 12.93 53.16 -42.36
N LYS B 26 12.17 52.60 -43.31
CA LYS B 26 12.53 52.69 -44.74
C LYS B 26 12.38 54.11 -45.32
N LYS B 27 11.47 54.91 -44.75
CA LYS B 27 11.40 56.34 -45.05
C LYS B 27 12.61 57.10 -44.49
N PHE B 28 13.03 56.72 -43.29
CA PHE B 28 14.23 57.28 -42.65
C PHE B 28 15.52 56.89 -43.40
N GLU B 29 15.56 55.65 -43.88
CA GLU B 29 16.67 55.14 -44.70
C GLU B 29 16.74 55.86 -46.05
N LYS B 30 15.59 55.99 -46.71
CA LYS B 30 15.51 56.67 -48.00
C LYS B 30 15.90 58.15 -47.90
N ASP B 31 15.44 58.83 -46.84
CA ASP B 31 15.73 60.25 -46.64
C ASP B 31 17.16 60.50 -46.15
N THR B 32 17.42 60.22 -44.87
CA THR B 32 18.71 60.62 -44.24
C THR B 32 19.86 59.60 -44.39
N GLY B 33 19.57 58.41 -44.93
CA GLY B 33 20.61 57.42 -45.26
C GLY B 33 20.86 56.33 -44.22
N ILE B 34 20.51 56.59 -42.96
CA ILE B 34 20.76 55.67 -41.85
C ILE B 34 19.73 54.53 -41.91
N LYS B 35 20.23 53.29 -41.99
CA LYS B 35 19.37 52.10 -42.06
C LYS B 35 18.79 51.77 -40.68
N VAL B 36 17.53 51.30 -40.68
CA VAL B 36 16.79 50.96 -39.46
C VAL B 36 16.39 49.48 -39.50
N THR B 37 16.51 48.81 -38.36
CA THR B 37 16.10 47.41 -38.21
C THR B 37 15.12 47.29 -37.03
N VAL B 38 13.88 46.88 -37.32
CA VAL B 38 12.84 46.70 -36.31
C VAL B 38 12.74 45.21 -35.96
N GLU B 39 13.16 44.86 -34.75
CA GLU B 39 13.10 43.48 -34.25
C GLU B 39 11.99 43.36 -33.21
N HIS B 40 11.48 42.13 -33.02
CA HIS B 40 10.43 41.87 -32.04
C HIS B 40 10.69 40.58 -31.25
N PRO B 41 11.70 40.62 -30.35
CA PRO B 41 12.07 39.44 -29.57
C PRO B 41 11.12 39.18 -28.40
N ASP B 42 11.03 37.92 -27.98
CA ASP B 42 10.15 37.50 -26.89
C ASP B 42 10.74 37.93 -25.55
N LYS B 43 9.87 38.27 -24.60
CA LYS B 43 10.26 38.79 -23.29
C LYS B 43 11.24 39.98 -23.39
N LEU B 44 10.96 40.91 -24.30
CA LEU B 44 11.79 42.12 -24.45
C LEU B 44 11.73 43.07 -23.24
N GLU B 45 10.66 42.96 -22.43
CA GLU B 45 10.58 43.64 -21.14
C GLU B 45 11.63 43.14 -20.14
N GLU B 46 11.97 41.85 -20.21
CA GLU B 46 12.98 41.21 -19.34
C GLU B 46 14.37 41.10 -19.97
N LYS B 47 14.46 41.08 -21.31
CA LYS B 47 15.75 41.05 -22.02
C LYS B 47 16.49 42.38 -21.96
N PHE B 48 15.74 43.49 -22.02
CA PHE B 48 16.34 44.83 -22.05
C PHE B 48 17.19 45.19 -20.82
N PRO B 49 16.66 44.99 -19.58
CA PRO B 49 17.50 45.30 -18.41
C PRO B 49 18.75 44.44 -18.23
N GLN B 50 18.76 43.23 -18.82
CA GLN B 50 19.94 42.37 -18.82
C GLN B 50 21.00 42.94 -19.76
N VAL B 51 20.65 43.04 -21.03
CA VAL B 51 21.62 43.40 -22.08
C VAL B 51 22.09 44.87 -22.01
N ALA B 52 21.19 45.79 -21.71
CA ALA B 52 21.53 47.22 -21.61
C ALA B 52 22.39 47.57 -20.39
N ALA B 53 22.29 46.76 -19.33
CA ALA B 53 23.11 46.95 -18.12
C ALA B 53 24.60 46.73 -18.39
N THR B 54 24.90 45.72 -19.21
CA THR B 54 26.27 45.46 -19.66
C THR B 54 26.72 46.49 -20.68
N GLY B 55 25.89 46.72 -21.70
CA GLY B 55 26.16 47.73 -22.73
C GLY B 55 25.31 47.57 -23.98
N ASP B 56 25.36 46.38 -24.58
CA ASP B 56 24.68 46.10 -25.86
C ASP B 56 23.13 46.12 -25.78
N GLY B 57 22.46 45.88 -26.91
CA GLY B 57 21.00 45.84 -26.95
C GLY B 57 20.45 46.65 -28.11
N PRO B 58 19.23 47.19 -27.98
CA PRO B 58 18.68 48.09 -29.00
C PRO B 58 19.07 49.54 -28.77
N ASP B 59 18.94 50.36 -29.81
CA ASP B 59 19.12 51.81 -29.67
C ASP B 59 17.91 52.43 -28.97
N ILE B 60 16.73 51.87 -29.26
CA ILE B 60 15.45 52.46 -28.85
C ILE B 60 14.45 51.33 -28.51
N ILE B 61 13.73 51.50 -27.39
CA ILE B 61 12.88 50.43 -26.81
C ILE B 61 11.40 50.86 -26.72
N PHE B 62 10.52 50.02 -27.25
CA PHE B 62 9.07 50.27 -27.26
C PHE B 62 8.34 49.34 -26.29
N TRP B 63 7.79 49.92 -25.23
CA TRP B 63 6.97 49.20 -24.26
C TRP B 63 6.10 50.20 -23.49
N ALA B 64 5.09 49.68 -22.78
CA ALA B 64 4.27 50.49 -21.89
C ALA B 64 5.13 51.21 -20.84
N HIS B 65 4.70 52.40 -20.44
CA HIS B 65 5.46 53.27 -19.53
C HIS B 65 5.78 52.74 -18.11
N ASP B 66 5.10 51.68 -17.68
CA ASP B 66 5.29 51.15 -16.31
C ASP B 66 6.69 50.57 -16.06
N ARG B 67 7.26 49.88 -17.05
CA ARG B 67 8.62 49.31 -16.93
C ARG B 67 9.74 50.35 -16.95
N PHE B 68 9.46 51.55 -17.45
CA PHE B 68 10.50 52.54 -17.76
C PHE B 68 11.15 53.19 -16.55
N GLY B 69 10.39 53.47 -15.49
CA GLY B 69 10.96 54.03 -14.26
C GLY B 69 11.91 53.08 -13.54
N GLY B 70 11.68 51.77 -13.71
CA GLY B 70 12.61 50.75 -13.26
C GLY B 70 13.91 50.72 -14.06
N TYR B 71 13.81 50.92 -15.38
CA TYR B 71 14.99 51.08 -16.24
C TYR B 71 15.74 52.38 -15.93
N ALA B 72 14.98 53.42 -15.61
CA ALA B 72 15.52 54.75 -15.33
C ALA B 72 16.31 54.82 -14.01
N GLN B 73 15.76 54.19 -12.97
CA GLN B 73 16.46 54.04 -11.69
C GLN B 73 17.75 53.21 -11.86
N SER B 74 17.73 52.26 -12.79
CA SER B 74 18.92 51.47 -13.15
C SER B 74 19.89 52.18 -14.10
N GLY B 75 19.59 53.41 -14.51
CA GLY B 75 20.46 54.19 -15.40
C GLY B 75 20.57 53.67 -16.82
N LEU B 76 19.58 52.90 -17.26
CA LEU B 76 19.60 52.27 -18.58
C LEU B 76 19.11 53.19 -19.70
N LEU B 77 18.18 54.09 -19.37
CA LEU B 77 17.56 54.98 -20.35
C LEU B 77 18.24 56.34 -20.40
N ALA B 78 18.38 56.87 -21.62
CA ALA B 78 18.91 58.21 -21.85
C ALA B 78 17.85 59.25 -21.51
N GLU B 79 18.25 60.27 -20.77
CA GLU B 79 17.36 61.35 -20.34
C GLU B 79 17.09 62.27 -21.54
N ILE B 80 15.89 62.14 -22.13
CA ILE B 80 15.53 62.88 -23.36
C ILE B 80 15.27 64.36 -23.08
N THR B 81 15.63 65.21 -24.05
CA THR B 81 15.42 66.65 -23.94
C THR B 81 14.78 67.18 -25.22
N PRO B 82 13.46 66.92 -25.40
CA PRO B 82 12.72 67.58 -26.47
C PRO B 82 12.42 69.02 -26.09
N ASP B 83 12.55 69.93 -27.07
CA ASP B 83 12.23 71.34 -26.85
C ASP B 83 10.74 71.54 -26.55
N LYS B 84 10.43 72.60 -25.81
CA LYS B 84 9.06 72.85 -25.35
C LYS B 84 8.06 73.26 -26.43
N ALA B 85 8.56 73.58 -27.63
CA ALA B 85 7.72 73.67 -28.83
C ALA B 85 7.23 72.29 -29.27
N PHE B 86 8.07 71.26 -29.12
CA PHE B 86 7.69 69.87 -29.40
C PHE B 86 6.81 69.25 -28.30
N GLN B 87 7.06 69.62 -27.05
CA GLN B 87 6.24 69.12 -25.93
C GLN B 87 4.75 69.50 -26.03
N ASP B 88 4.45 70.62 -26.68
CA ASP B 88 3.06 71.02 -26.92
C ASP B 88 2.33 70.16 -27.97
N LYS B 89 3.06 69.54 -28.90
CA LYS B 89 2.46 68.70 -29.95
C LYS B 89 1.84 67.39 -29.40
N LEU B 90 2.42 66.87 -28.31
CA LEU B 90 1.84 65.73 -27.59
C LEU B 90 1.01 66.19 -26.40
N TYR B 91 0.09 65.34 -25.94
CA TYR B 91 -0.77 65.66 -24.79
C TYR B 91 0.04 65.78 -23.49
N PRO B 92 -0.38 66.69 -22.59
CA PRO B 92 0.43 66.97 -21.39
C PRO B 92 0.47 65.83 -20.36
N PHE B 93 -0.61 65.08 -20.22
CA PHE B 93 -0.66 63.97 -19.26
C PHE B 93 0.13 62.75 -19.74
N THR B 94 0.40 62.63 -21.04
CA THR B 94 1.25 61.57 -21.56
C THR B 94 2.72 61.81 -21.23
N TRP B 95 3.11 63.09 -21.13
CA TRP B 95 4.45 63.44 -20.64
C TRP B 95 4.64 63.07 -19.16
N ASP B 96 3.58 63.25 -18.35
CA ASP B 96 3.60 62.85 -16.94
C ASP B 96 3.80 61.34 -16.75
N ALA B 97 3.29 60.55 -17.70
CA ALA B 97 3.48 59.09 -17.73
C ALA B 97 4.95 58.65 -17.86
N VAL B 98 5.77 59.50 -18.50
CA VAL B 98 7.18 59.20 -18.78
C VAL B 98 8.14 60.14 -18.04
N ARG B 99 7.66 60.72 -16.92
CA ARG B 99 8.44 61.63 -16.10
C ARG B 99 8.85 60.91 -14.81
N TYR B 100 10.14 60.63 -14.67
CA TYR B 100 10.67 59.93 -13.48
C TYR B 100 11.63 60.83 -12.68
N ASN B 101 11.16 61.30 -11.52
CA ASN B 101 11.89 62.22 -10.65
C ASN B 101 12.28 63.51 -11.38
N GLY B 102 11.26 64.16 -11.95
CA GLY B 102 11.43 65.42 -12.69
C GLY B 102 12.30 65.33 -13.92
N LYS B 103 12.33 64.15 -14.56
CA LYS B 103 13.15 63.90 -15.76
C LYS B 103 12.36 63.07 -16.76
N LEU B 104 12.26 63.56 -18.00
CA LEU B 104 11.58 62.86 -19.07
C LEU B 104 12.48 61.75 -19.59
N ILE B 105 12.00 60.51 -19.56
CA ILE B 105 12.83 59.33 -19.89
C ILE B 105 12.47 58.58 -21.18
N ALA B 106 11.29 58.87 -21.76
CA ALA B 106 10.89 58.31 -23.05
C ALA B 106 9.87 59.21 -23.74
N TYR B 107 9.69 59.00 -25.04
CA TYR B 107 8.69 59.72 -25.84
C TYR B 107 7.36 58.97 -25.81
N PRO B 108 6.26 59.60 -25.36
CA PRO B 108 4.95 58.92 -25.39
C PRO B 108 4.43 58.76 -26.82
N ILE B 109 4.05 57.55 -27.17
CA ILE B 109 3.54 57.23 -28.51
C ILE B 109 2.02 57.17 -28.50
N ALA B 110 1.46 56.32 -27.64
CA ALA B 110 0.01 56.13 -27.58
C ALA B 110 -0.51 55.58 -26.26
N VAL B 111 -1.67 56.10 -25.85
CA VAL B 111 -2.41 55.59 -24.70
C VAL B 111 -3.23 54.38 -25.14
N GLU B 112 -3.19 53.34 -24.32
CA GLU B 112 -3.85 52.07 -24.60
C GLU B 112 -4.51 51.50 -23.33
N ALA B 113 -5.70 50.94 -23.51
CA ALA B 113 -6.45 50.34 -22.41
C ALA B 113 -7.35 49.24 -22.94
N LEU B 114 -7.68 48.30 -22.06
CA LEU B 114 -8.48 47.13 -22.44
C LEU B 114 -9.95 47.50 -22.59
N SER B 115 -10.62 46.79 -23.50
CA SER B 115 -12.04 47.02 -23.82
C SER B 115 -12.75 45.67 -23.96
N LEU B 116 -14.07 45.67 -23.79
CA LEU B 116 -14.87 44.47 -24.05
C LEU B 116 -15.14 44.42 -25.56
N ILE B 117 -14.72 43.33 -26.19
CA ILE B 117 -14.88 43.14 -27.64
C ILE B 117 -15.84 41.97 -27.87
N TYR B 118 -17.00 42.26 -28.45
CA TYR B 118 -18.11 41.31 -28.55
C TYR B 118 -18.55 41.05 -30.00
N ASN B 119 -19.06 39.84 -30.24
CA ASN B 119 -19.57 39.44 -31.55
C ASN B 119 -21.04 39.85 -31.67
N LYS B 120 -21.31 40.82 -32.54
CA LYS B 120 -22.68 41.36 -32.72
C LYS B 120 -23.69 40.33 -33.24
N ASP B 121 -23.23 39.40 -34.08
CA ASP B 121 -24.10 38.36 -34.64
C ASP B 121 -24.49 37.30 -33.60
N LEU B 122 -23.53 36.89 -32.77
CA LEU B 122 -23.80 35.93 -31.70
C LEU B 122 -24.44 36.58 -30.47
N LEU B 123 -24.19 37.87 -30.27
CA LEU B 123 -24.63 38.58 -29.07
C LEU B 123 -24.77 40.08 -29.38
N PRO B 124 -25.98 40.52 -29.82
CA PRO B 124 -26.14 41.92 -30.24
C PRO B 124 -26.15 42.92 -29.09
N ASN B 125 -26.74 42.55 -27.95
CA ASN B 125 -26.71 43.35 -26.74
C ASN B 125 -25.77 42.69 -25.74
N PRO B 126 -24.54 43.22 -25.60
CA PRO B 126 -23.56 42.60 -24.71
C PRO B 126 -23.84 42.93 -23.24
N PRO B 127 -23.38 42.06 -22.31
CA PRO B 127 -23.65 42.26 -20.88
C PRO B 127 -22.88 43.44 -20.29
N LYS B 128 -23.56 44.21 -19.43
CA LYS B 128 -22.95 45.31 -18.71
C LYS B 128 -22.60 44.95 -17.26
N THR B 129 -22.73 43.66 -16.91
CA THR B 129 -22.29 43.15 -15.61
C THR B 129 -21.58 41.80 -15.76
N TRP B 130 -20.52 41.58 -14.97
CA TRP B 130 -19.83 40.29 -14.89
C TRP B 130 -20.76 39.18 -14.37
N GLU B 131 -21.66 39.55 -13.45
CA GLU B 131 -22.53 38.59 -12.76
C GLU B 131 -23.51 37.84 -13.67
N GLU B 132 -23.84 38.40 -14.83
CA GLU B 132 -24.72 37.73 -15.81
C GLU B 132 -24.00 36.85 -16.85
N ILE B 133 -22.67 36.84 -16.83
CA ILE B 133 -21.87 36.04 -17.77
C ILE B 133 -21.98 34.51 -17.55
N PRO B 134 -22.03 34.05 -16.28
CA PRO B 134 -22.28 32.63 -16.03
C PRO B 134 -23.59 32.14 -16.65
N ALA B 135 -24.65 32.92 -16.48
CA ALA B 135 -25.96 32.65 -17.08
C ALA B 135 -25.92 32.65 -18.60
N LEU B 136 -25.29 33.69 -19.17
CA LEU B 136 -25.15 33.82 -20.62
C LEU B 136 -24.40 32.66 -21.26
N ASP B 137 -23.38 32.15 -20.57
CA ASP B 137 -22.59 31.02 -21.07
C ASP B 137 -23.39 29.73 -21.19
N LYS B 138 -24.24 29.47 -20.18
CA LYS B 138 -25.11 28.27 -20.18
C LYS B 138 -26.02 28.24 -21.40
N GLU B 139 -26.52 29.41 -21.80
CA GLU B 139 -27.36 29.53 -22.99
C GLU B 139 -26.56 29.28 -24.28
N LEU B 140 -25.36 29.86 -24.38
CA LEU B 140 -24.50 29.68 -25.56
C LEU B 140 -23.90 28.27 -25.68
N LYS B 141 -23.72 27.59 -24.54
CA LYS B 141 -23.32 26.17 -24.54
C LYS B 141 -24.33 25.28 -25.28
N ALA B 142 -25.62 25.62 -25.19
CA ALA B 142 -26.68 24.90 -25.92
C ALA B 142 -26.53 25.01 -27.44
N LYS B 143 -26.11 26.20 -27.92
CA LYS B 143 -25.88 26.43 -29.35
C LYS B 143 -24.44 26.10 -29.82
N GLY B 144 -23.64 25.49 -28.94
CA GLY B 144 -22.31 25.02 -29.31
C GLY B 144 -21.28 26.13 -29.35
N LYS B 145 -21.28 26.99 -28.34
CA LYS B 145 -20.35 28.12 -28.25
C LYS B 145 -20.16 28.52 -26.77
N SER B 146 -19.29 29.51 -26.54
CA SER B 146 -19.02 30.02 -25.19
C SER B 146 -19.20 31.54 -25.12
N ALA B 147 -19.41 32.04 -23.92
CA ALA B 147 -19.70 33.47 -23.72
C ALA B 147 -18.44 34.31 -23.82
N LEU B 148 -17.49 34.04 -22.92
CA LEU B 148 -16.27 34.82 -22.79
C LEU B 148 -15.05 33.92 -22.91
N MET B 149 -13.97 34.48 -23.46
CA MET B 149 -12.70 33.76 -23.56
C MET B 149 -11.56 34.76 -23.77
N PHE B 150 -10.65 34.84 -22.80
CA PHE B 150 -9.50 35.76 -22.88
C PHE B 150 -8.25 35.22 -22.18
N ASN B 151 -7.14 35.93 -22.37
CA ASN B 151 -5.84 35.51 -21.84
C ASN B 151 -5.79 35.58 -20.30
N LEU B 152 -5.79 34.41 -19.66
CA LEU B 152 -5.72 34.30 -18.20
C LEU B 152 -4.29 34.23 -17.66
N GLN B 153 -3.31 34.06 -18.54
CA GLN B 153 -1.91 33.87 -18.11
C GLN B 153 -1.34 35.19 -17.63
N GLU B 154 -1.42 36.21 -18.47
CA GLU B 154 -0.93 37.55 -18.12
C GLU B 154 -1.91 38.23 -17.15
N PRO B 155 -1.40 38.84 -16.07
CA PRO B 155 -2.26 39.53 -15.11
C PRO B 155 -2.84 40.86 -15.59
N TYR B 156 -2.32 41.42 -16.68
CA TYR B 156 -2.86 42.66 -17.28
C TYR B 156 -4.37 42.55 -17.58
N PHE B 157 -4.77 41.38 -18.06
CA PHE B 157 -6.14 41.15 -18.55
C PHE B 157 -7.12 40.87 -17.41
N THR B 158 -6.68 40.11 -16.42
CA THR B 158 -7.51 39.75 -15.27
C THR B 158 -7.56 40.84 -14.19
N TRP B 159 -6.61 41.79 -14.23
CA TRP B 159 -6.55 42.87 -13.24
C TRP B 159 -7.83 43.74 -13.17
N PRO B 160 -8.40 44.16 -14.33
CA PRO B 160 -9.68 44.87 -14.35
C PRO B 160 -10.74 44.34 -13.38
N LEU B 161 -10.88 43.02 -13.34
CA LEU B 161 -11.82 42.36 -12.43
C LEU B 161 -11.37 42.49 -10.96
N ILE B 162 -10.06 42.31 -10.74
CA ILE B 162 -9.47 42.34 -9.40
C ILE B 162 -9.59 43.74 -8.77
N ALA B 163 -9.21 44.76 -9.52
CA ALA B 163 -9.25 46.15 -9.04
C ALA B 163 -10.66 46.70 -8.83
N ALA B 164 -11.65 46.15 -9.56
CA ALA B 164 -13.02 46.67 -9.57
C ALA B 164 -13.60 46.96 -8.19
N ASP B 165 -13.74 45.93 -7.37
CA ASP B 165 -14.36 46.06 -6.05
C ASP B 165 -13.50 46.84 -5.04
N GLY B 166 -12.19 46.87 -5.27
CA GLY B 166 -11.27 47.68 -4.46
C GLY B 166 -9.82 47.22 -4.29
N GLY B 167 -9.29 46.47 -5.27
CA GLY B 167 -7.88 46.11 -5.29
C GLY B 167 -7.07 47.22 -5.92
N TYR B 168 -5.78 47.27 -5.60
CA TYR B 168 -4.87 48.27 -6.15
C TYR B 168 -3.41 47.85 -5.98
N ALA B 169 -2.54 48.32 -6.87
CA ALA B 169 -1.12 47.96 -6.84
C ALA B 169 -0.41 48.66 -5.69
N PHE B 170 -0.33 50.00 -5.74
CA PHE B 170 0.29 50.79 -4.68
C PHE B 170 -0.55 52.04 -4.46
N LYS B 171 -0.86 52.36 -3.21
CA LYS B 171 -1.73 53.51 -2.93
C LYS B 171 -1.01 54.83 -3.22
N TYR B 172 -1.77 55.77 -3.78
CA TYR B 172 -1.29 57.12 -4.07
C TYR B 172 -1.42 57.93 -2.79
N GLU B 173 -0.32 58.56 -2.36
CA GLU B 173 -0.30 59.36 -1.13
C GLU B 173 -0.40 60.86 -1.48
N ASN B 174 -1.42 61.17 -2.30
CA ASN B 174 -1.59 62.47 -2.97
C ASN B 174 -0.27 63.18 -3.31
N GLY B 175 0.49 62.58 -4.24
CA GLY B 175 1.69 63.18 -4.82
C GLY B 175 2.74 62.18 -5.25
N LYS B 176 2.97 61.17 -4.40
CA LYS B 176 3.77 60.00 -4.76
C LYS B 176 3.14 58.72 -4.24
N TYR B 177 3.54 57.59 -4.82
CA TYR B 177 3.02 56.29 -4.44
C TYR B 177 3.68 55.78 -3.16
N ASP B 178 2.86 55.26 -2.24
CA ASP B 178 3.36 54.61 -1.02
C ASP B 178 3.76 53.18 -1.38
N ILE B 179 5.06 52.92 -1.41
CA ILE B 179 5.61 51.60 -1.79
C ILE B 179 5.29 50.48 -0.80
N LYS B 180 4.92 50.84 0.42
CA LYS B 180 4.61 49.88 1.47
C LYS B 180 3.12 49.52 1.57
N ASP B 181 2.24 50.37 1.03
CA ASP B 181 0.78 50.13 1.03
C ASP B 181 0.34 49.45 -0.29
N VAL B 182 0.36 48.11 -0.28
CA VAL B 182 -0.03 47.29 -1.42
C VAL B 182 -1.41 46.69 -1.16
N GLY B 183 -2.27 46.71 -2.19
CA GLY B 183 -3.67 46.30 -2.04
C GLY B 183 -4.12 45.14 -2.90
N VAL B 184 -3.23 44.15 -3.12
CA VAL B 184 -3.63 42.90 -3.77
C VAL B 184 -4.28 41.90 -2.79
N ASP B 185 -4.14 42.16 -1.48
CA ASP B 185 -4.64 41.28 -0.43
C ASP B 185 -6.10 41.58 -0.02
N ASN B 186 -6.49 42.85 -0.11
CA ASN B 186 -7.78 43.33 0.42
C ASN B 186 -9.03 42.62 -0.16
N ALA B 187 -10.13 42.68 0.59
CA ALA B 187 -11.39 41.98 0.26
C ALA B 187 -11.89 42.26 -1.16
N GLY B 188 -11.76 43.49 -1.61
CA GLY B 188 -12.09 43.87 -3.00
C GLY B 188 -11.30 43.07 -4.01
N ALA B 189 -10.01 42.89 -3.74
CA ALA B 189 -9.13 42.09 -4.61
C ALA B 189 -9.47 40.59 -4.57
N LYS B 190 -9.74 40.09 -3.37
CA LYS B 190 -10.16 38.70 -3.19
C LYS B 190 -11.47 38.41 -3.93
N ALA B 191 -12.45 39.30 -3.74
CA ALA B 191 -13.77 39.17 -4.38
C ALA B 191 -13.66 39.04 -5.90
N GLY B 192 -12.84 39.90 -6.52
CA GLY B 192 -12.64 39.88 -7.96
C GLY B 192 -12.03 38.58 -8.47
N LEU B 193 -10.94 38.16 -7.84
CA LEU B 193 -10.24 36.94 -8.25
C LEU B 193 -11.07 35.69 -7.98
N THR B 194 -11.79 35.69 -6.85
CA THR B 194 -12.72 34.60 -6.51
C THR B 194 -13.72 34.38 -7.65
N PHE B 195 -14.31 35.47 -8.15
CA PHE B 195 -15.25 35.38 -9.25
C PHE B 195 -14.62 34.82 -10.53
N LEU B 196 -13.38 35.22 -10.81
CA LEU B 196 -12.62 34.67 -11.93
C LEU B 196 -12.36 33.17 -11.76
N VAL B 197 -12.00 32.77 -10.55
CA VAL B 197 -11.79 31.35 -10.23
C VAL B 197 -13.10 30.56 -10.37
N ASP B 198 -14.20 31.13 -9.90
CA ASP B 198 -15.52 30.49 -9.96
C ASP B 198 -15.98 30.22 -11.40
N LEU B 199 -15.74 31.17 -12.30
CA LEU B 199 -16.02 30.98 -13.72
C LEU B 199 -15.27 29.79 -14.32
N ILE B 200 -14.03 29.60 -13.88
CA ILE B 200 -13.18 28.48 -14.33
C ILE B 200 -13.65 27.18 -13.68
N LYS B 201 -13.96 27.22 -12.39
CA LYS B 201 -14.47 26.05 -11.66
C LYS B 201 -15.80 25.52 -12.22
N ASN B 202 -16.68 26.41 -12.66
CA ASN B 202 -17.98 26.03 -13.24
C ASN B 202 -17.94 25.79 -14.77
N LYS B 203 -16.75 25.57 -15.33
CA LYS B 203 -16.57 25.19 -16.74
C LYS B 203 -17.02 26.27 -17.75
N HIS B 204 -17.11 27.53 -17.31
CA HIS B 204 -17.45 28.63 -18.21
C HIS B 204 -16.17 29.07 -18.94
N MET B 205 -15.07 29.15 -18.19
CA MET B 205 -13.73 29.42 -18.74
C MET B 205 -12.79 28.23 -18.50
N ASN B 206 -11.63 28.28 -19.16
CA ASN B 206 -10.60 27.24 -19.08
C ASN B 206 -9.30 27.86 -18.54
N ALA B 207 -8.76 27.26 -17.48
CA ALA B 207 -7.65 27.82 -16.69
C ALA B 207 -6.39 28.16 -17.50
N ASP B 208 -6.07 27.35 -18.50
CA ASP B 208 -4.84 27.48 -19.28
C ASP B 208 -5.11 28.03 -20.70
N THR B 209 -5.82 29.16 -20.73
CA THR B 209 -6.14 29.86 -21.97
C THR B 209 -5.17 31.02 -22.13
N ASP B 210 -4.33 30.97 -23.18
CA ASP B 210 -3.38 32.04 -23.49
C ASP B 210 -3.93 32.97 -24.58
N TYR B 211 -3.15 33.99 -24.95
CA TYR B 211 -3.54 35.00 -25.94
C TYR B 211 -3.91 34.41 -27.30
N SER B 212 -3.08 33.47 -27.78
CA SER B 212 -3.30 32.83 -29.08
C SER B 212 -4.55 31.96 -29.13
N ILE B 213 -4.91 31.36 -27.99
CA ILE B 213 -6.14 30.56 -27.87
C ILE B 213 -7.35 31.48 -27.96
N ALA B 214 -7.30 32.58 -27.19
CA ALA B 214 -8.39 33.55 -27.09
C ALA B 214 -8.71 34.24 -28.41
N GLU B 215 -7.71 34.88 -29.02
CA GLU B 215 -7.90 35.59 -30.29
C GLU B 215 -8.40 34.64 -31.38
N ALA B 216 -7.79 33.47 -31.48
CA ALA B 216 -8.20 32.45 -32.46
C ALA B 216 -9.66 32.04 -32.30
N ALA B 217 -10.11 31.87 -31.05
CA ALA B 217 -11.49 31.47 -30.75
C ALA B 217 -12.51 32.54 -31.16
N PHE B 218 -12.27 33.79 -30.75
CA PHE B 218 -13.17 34.91 -31.08
C PHE B 218 -13.16 35.25 -32.57
N ASN B 219 -11.98 35.21 -33.19
CA ASN B 219 -11.84 35.56 -34.61
C ASN B 219 -12.44 34.48 -35.54
N LYS B 220 -12.42 33.21 -35.10
CA LYS B 220 -13.09 32.11 -35.83
C LYS B 220 -14.61 32.06 -35.59
N GLY B 221 -15.10 32.79 -34.58
CA GLY B 221 -16.52 32.84 -34.24
C GLY B 221 -16.97 31.73 -33.30
N GLU B 222 -16.04 31.24 -32.46
CA GLU B 222 -16.32 30.17 -31.51
C GLU B 222 -16.73 30.69 -30.13
N THR B 223 -16.45 31.97 -29.85
CA THR B 223 -16.88 32.63 -28.61
C THR B 223 -17.46 34.01 -28.90
N ALA B 224 -18.33 34.47 -28.01
CA ALA B 224 -19.10 35.71 -28.23
C ALA B 224 -18.41 36.97 -27.69
N MET B 225 -17.45 36.82 -26.78
CA MET B 225 -16.76 37.96 -26.17
C MET B 225 -15.29 37.68 -25.89
N THR B 226 -14.48 38.74 -25.98
CA THR B 226 -13.08 38.72 -25.53
C THR B 226 -12.70 40.07 -24.95
N ILE B 227 -11.66 40.08 -24.14
CA ILE B 227 -11.10 41.31 -23.57
C ILE B 227 -9.71 41.48 -24.16
N ASN B 228 -9.47 42.65 -24.75
CA ASN B 228 -8.23 42.92 -25.49
C ASN B 228 -8.07 44.42 -25.75
N GLY B 229 -6.85 44.80 -26.15
CA GLY B 229 -6.54 46.20 -26.48
C GLY B 229 -6.76 46.51 -27.96
N PRO B 230 -6.43 47.74 -28.39
CA PRO B 230 -6.55 48.18 -29.79
C PRO B 230 -5.84 47.28 -30.82
N TRP B 231 -4.56 46.98 -30.57
CA TRP B 231 -3.73 46.12 -31.42
C TRP B 231 -4.41 44.87 -32.00
N ALA B 232 -5.30 44.25 -31.21
CA ALA B 232 -6.04 43.05 -31.64
C ALA B 232 -7.08 43.30 -32.74
N TRP B 233 -7.53 44.54 -32.90
CA TRP B 233 -8.61 44.86 -33.86
C TRP B 233 -8.24 44.53 -35.31
N SER B 234 -6.96 44.65 -35.64
CA SER B 234 -6.48 44.40 -37.00
C SER B 234 -6.83 43.00 -37.50
N ASN B 235 -6.53 41.99 -36.68
CA ASN B 235 -6.80 40.59 -37.05
C ASN B 235 -8.30 40.26 -37.12
N ILE B 236 -9.11 40.96 -36.32
CA ILE B 236 -10.56 40.74 -36.30
C ILE B 236 -11.21 41.25 -37.59
N ASP B 237 -10.76 42.41 -38.06
CA ASP B 237 -11.19 42.97 -39.34
C ASP B 237 -10.96 42.00 -40.50
N THR B 238 -9.81 41.31 -40.48
CA THR B 238 -9.44 40.34 -41.52
C THR B 238 -10.44 39.19 -41.57
N SER B 239 -10.70 38.58 -40.41
CA SER B 239 -11.69 37.51 -40.28
C SER B 239 -13.12 37.99 -40.53
N ALA B 240 -13.37 39.28 -40.27
CA ALA B 240 -14.65 39.93 -40.54
C ALA B 240 -15.76 39.23 -39.74
N VAL B 241 -15.53 39.14 -38.44
CA VAL B 241 -16.55 38.79 -37.48
C VAL B 241 -17.19 40.12 -37.12
N ASN B 242 -18.47 40.29 -37.43
CA ASN B 242 -19.15 41.56 -37.16
C ASN B 242 -19.11 41.84 -35.67
N TYR B 243 -18.24 42.78 -35.28
CA TYR B 243 -17.88 43.01 -33.88
C TYR B 243 -18.03 44.46 -33.46
N GLY B 244 -18.14 44.67 -32.16
CA GLY B 244 -18.17 46.00 -31.55
C GLY B 244 -17.23 46.04 -30.36
N VAL B 245 -16.71 47.22 -30.08
CA VAL B 245 -15.85 47.43 -28.92
C VAL B 245 -16.61 48.32 -27.95
N THR B 246 -16.65 47.95 -26.68
CA THR B 246 -17.45 48.66 -25.69
C THR B 246 -16.84 48.61 -24.27
N VAL B 247 -17.56 49.19 -23.31
CA VAL B 247 -17.10 49.32 -21.94
C VAL B 247 -17.08 47.94 -21.26
N LEU B 248 -16.10 47.74 -20.39
CA LEU B 248 -15.97 46.50 -19.64
C LEU B 248 -17.12 46.34 -18.64
N PRO B 249 -17.57 45.09 -18.42
CA PRO B 249 -18.70 44.86 -17.53
C PRO B 249 -18.40 45.21 -16.07
N THR B 250 -19.43 45.65 -15.34
CA THR B 250 -19.28 46.05 -13.95
C THR B 250 -19.24 44.82 -13.04
N PHE B 251 -18.62 44.99 -11.86
CA PHE B 251 -18.60 43.95 -10.83
C PHE B 251 -19.02 44.59 -9.51
N LYS B 252 -19.98 43.96 -8.82
CA LYS B 252 -20.56 44.50 -7.59
C LYS B 252 -21.02 45.95 -7.74
N GLY B 253 -21.57 46.29 -8.92
CA GLY B 253 -22.01 47.66 -9.22
C GLY B 253 -20.94 48.58 -9.77
N GLN B 254 -19.72 48.50 -9.22
CA GLN B 254 -18.60 49.35 -9.63
C GLN B 254 -18.00 48.86 -10.95
N PRO B 255 -17.40 49.78 -11.74
CA PRO B 255 -16.90 49.41 -13.05
C PRO B 255 -15.54 48.72 -12.97
N SER B 256 -15.23 47.90 -13.97
CA SER B 256 -13.90 47.31 -14.08
C SER B 256 -12.89 48.42 -14.35
N LYS B 257 -11.76 48.37 -13.64
CA LYS B 257 -10.70 49.37 -13.74
C LYS B 257 -9.46 48.74 -14.38
N PRO B 258 -9.35 48.80 -15.73
CA PRO B 258 -8.13 48.29 -16.35
C PRO B 258 -6.98 49.25 -16.10
N PHE B 259 -5.78 48.70 -15.96
CA PHE B 259 -4.58 49.54 -15.91
C PHE B 259 -4.37 50.14 -17.29
N VAL B 260 -4.08 51.44 -17.34
CA VAL B 260 -3.90 52.17 -18.59
C VAL B 260 -2.42 52.34 -18.88
N GLY B 261 -1.99 51.78 -20.02
CA GLY B 261 -0.62 51.89 -20.48
C GLY B 261 -0.42 53.02 -21.46
N VAL B 262 0.78 53.60 -21.43
CA VAL B 262 1.22 54.59 -22.41
C VAL B 262 2.43 53.95 -23.09
N LEU B 263 2.21 53.45 -24.31
CA LEU B 263 3.29 52.90 -25.12
C LEU B 263 4.31 54.00 -25.33
N SER B 264 5.50 53.82 -24.78
CA SER B 264 6.54 54.84 -24.82
C SER B 264 7.77 54.33 -25.55
N ALA B 265 8.55 55.26 -26.09
CA ALA B 265 9.78 54.95 -26.81
C ALA B 265 10.94 55.64 -26.11
N GLY B 266 11.75 54.85 -25.40
CA GLY B 266 12.94 55.35 -24.69
C GLY B 266 14.20 54.97 -25.42
N ILE B 267 15.21 55.83 -25.31
CA ILE B 267 16.49 55.66 -25.99
C ILE B 267 17.48 55.04 -25.00
N ASN B 268 18.29 54.09 -25.49
CA ASN B 268 19.27 53.38 -24.65
C ASN B 268 20.42 54.32 -24.28
N ALA B 269 20.72 54.41 -22.99
CA ALA B 269 21.81 55.26 -22.49
C ALA B 269 23.20 54.83 -22.98
N ALA B 270 23.35 53.54 -23.29
CA ALA B 270 24.59 52.98 -23.79
C ALA B 270 24.71 52.93 -25.32
N SER B 271 23.86 53.68 -26.04
CA SER B 271 23.93 53.74 -27.50
C SER B 271 24.75 54.95 -27.96
N PRO B 272 25.49 54.82 -29.07
CA PRO B 272 26.16 55.97 -29.69
C PRO B 272 25.22 56.85 -30.52
N ASN B 273 24.06 56.32 -30.91
CA ASN B 273 23.14 56.97 -31.84
C ASN B 273 21.99 57.69 -31.10
N LYS B 274 22.32 58.48 -30.08
CA LYS B 274 21.33 59.20 -29.28
C LYS B 274 20.64 60.33 -30.07
N GLU B 275 21.42 61.05 -30.86
CA GLU B 275 20.90 62.14 -31.69
C GLU B 275 20.18 61.63 -32.95
N LEU B 276 20.62 60.47 -33.48
CA LEU B 276 19.93 59.83 -34.61
C LEU B 276 18.55 59.27 -34.25
N ALA B 277 18.39 58.81 -33.01
CA ALA B 277 17.09 58.32 -32.51
C ALA B 277 16.09 59.46 -32.29
N LYS B 278 16.56 60.59 -31.78
CA LYS B 278 15.71 61.76 -31.55
C LYS B 278 15.14 62.36 -32.85
N GLU B 279 15.91 62.30 -33.94
CA GLU B 279 15.42 62.66 -35.26
C GLU B 279 14.34 61.68 -35.72
N PHE B 280 14.59 60.38 -35.54
CA PHE B 280 13.62 59.33 -35.89
C PHE B 280 12.31 59.45 -35.11
N LEU B 281 12.41 59.74 -33.81
CA LEU B 281 11.22 59.84 -32.95
C LEU B 281 10.43 61.12 -33.21
N GLU B 282 11.10 62.26 -33.08
CA GLU B 282 10.42 63.56 -33.13
C GLU B 282 9.96 63.96 -34.54
N ASN B 283 10.80 63.72 -35.53
CA ASN B 283 10.54 64.19 -36.90
C ASN B 283 10.02 63.14 -37.89
N TYR B 284 10.07 61.85 -37.54
CA TYR B 284 9.58 60.77 -38.43
C TYR B 284 8.45 59.91 -37.86
N LEU B 285 8.61 59.42 -36.62
CA LEU B 285 7.57 58.60 -35.98
C LEU B 285 6.41 59.44 -35.45
N LEU B 286 6.71 60.38 -34.55
CA LEU B 286 5.67 61.26 -33.98
C LEU B 286 5.27 62.36 -34.96
N THR B 287 4.64 61.92 -36.05
CA THR B 287 4.05 62.78 -37.06
C THR B 287 2.82 62.05 -37.59
N ASP B 288 1.97 62.77 -38.29
CA ASP B 288 0.69 62.20 -38.73
C ASP B 288 0.89 61.09 -39.76
N GLU B 289 1.88 61.25 -40.65
CA GLU B 289 2.23 60.22 -41.64
C GLU B 289 2.77 58.96 -40.96
N GLY B 290 3.72 59.16 -40.04
CA GLY B 290 4.41 58.07 -39.36
C GLY B 290 3.52 57.20 -38.49
N LEU B 291 2.65 57.84 -37.70
CA LEU B 291 1.76 57.11 -36.79
C LEU B 291 0.72 56.27 -37.53
N GLU B 292 0.17 56.79 -38.64
CA GLU B 292 -0.83 56.04 -39.41
C GLU B 292 -0.26 54.82 -40.15
N ALA B 293 1.03 54.88 -40.51
CA ALA B 293 1.73 53.73 -41.09
C ALA B 293 1.82 52.57 -40.10
N VAL B 294 1.99 52.90 -38.82
CA VAL B 294 1.97 51.92 -37.73
C VAL B 294 0.53 51.49 -37.47
N ASN B 295 -0.35 52.47 -37.27
CA ASN B 295 -1.77 52.25 -36.96
C ASN B 295 -2.50 51.39 -38.01
N LYS B 296 -2.13 51.55 -39.28
CA LYS B 296 -2.69 50.72 -40.36
C LYS B 296 -2.35 49.24 -40.19
N ASP B 297 -1.12 48.93 -39.81
CA ASP B 297 -0.69 47.54 -39.61
C ASP B 297 -1.44 46.94 -38.42
N LYS B 298 -1.26 47.54 -37.24
CA LYS B 298 -1.97 47.13 -36.02
C LYS B 298 -2.17 48.35 -35.11
N PRO B 299 -3.44 48.75 -34.85
CA PRO B 299 -3.79 49.98 -34.13
C PRO B 299 -2.96 50.28 -32.89
N LEU B 300 -2.52 51.53 -32.77
CA LEU B 300 -1.77 52.00 -31.60
C LEU B 300 -2.68 52.21 -30.39
N GLY B 301 -3.89 52.72 -30.66
CA GLY B 301 -4.86 53.08 -29.63
C GLY B 301 -5.21 54.54 -29.80
N ALA B 302 -5.33 55.24 -28.67
CA ALA B 302 -5.53 56.68 -28.68
C ALA B 302 -4.17 57.35 -28.55
N VAL B 303 -3.67 57.94 -29.62
CA VAL B 303 -2.28 58.44 -29.65
C VAL B 303 -2.03 59.68 -28.79
N ALA B 304 -0.77 59.86 -28.41
CA ALA B 304 -0.33 61.00 -27.62
C ALA B 304 -0.21 62.27 -28.46
N LEU B 305 0.00 62.12 -29.77
CA LEU B 305 0.12 63.24 -30.70
C LEU B 305 -1.24 63.91 -30.96
N LYS B 306 -1.35 65.17 -30.54
CA LYS B 306 -2.64 65.91 -30.60
C LYS B 306 -3.24 65.95 -32.01
N SER B 307 -2.40 66.21 -33.01
CA SER B 307 -2.83 66.34 -34.40
C SER B 307 -3.45 65.06 -34.96
N TYR B 308 -2.86 63.91 -34.65
CA TYR B 308 -3.36 62.62 -35.15
C TYR B 308 -4.49 62.04 -34.30
N GLU B 309 -4.52 62.37 -33.00
CA GLU B 309 -5.64 61.96 -32.13
C GLU B 309 -6.99 62.56 -32.57
N GLU B 310 -6.94 63.77 -33.11
CA GLU B 310 -8.11 64.44 -33.69
C GLU B 310 -8.88 63.55 -34.67
N GLU B 311 -8.15 62.80 -35.50
CA GLU B 311 -8.77 61.84 -36.43
C GLU B 311 -9.25 60.57 -35.75
N LEU B 312 -8.42 60.01 -34.88
CA LEU B 312 -8.74 58.75 -34.21
C LEU B 312 -9.88 58.86 -33.20
N ALA B 313 -10.10 60.05 -32.65
CA ALA B 313 -11.22 60.29 -31.71
C ALA B 313 -12.61 60.07 -32.35
N LYS B 314 -12.72 60.27 -33.66
CA LYS B 314 -13.96 60.07 -34.42
C LYS B 314 -14.43 58.61 -34.43
N ASP B 315 -13.46 57.68 -34.47
CA ASP B 315 -13.74 56.24 -34.43
C ASP B 315 -14.32 55.84 -33.06
N PRO B 316 -15.53 55.22 -33.04
CA PRO B 316 -16.14 54.83 -31.74
C PRO B 316 -15.40 53.75 -30.94
N ARG B 317 -14.52 52.98 -31.59
CA ARG B 317 -13.67 52.02 -30.90
C ARG B 317 -12.71 52.72 -29.93
N ILE B 318 -12.09 53.80 -30.40
CA ILE B 318 -11.21 54.64 -29.56
C ILE B 318 -12.01 55.34 -28.47
N ALA B 319 -13.21 55.81 -28.81
CA ALA B 319 -14.13 56.40 -27.82
C ALA B 319 -14.47 55.42 -26.70
N ALA B 320 -14.67 54.15 -27.07
CA ALA B 320 -14.86 53.06 -26.09
C ALA B 320 -13.57 52.81 -25.28
N THR B 321 -12.42 52.79 -25.96
CA THR B 321 -11.12 52.61 -25.29
C THR B 321 -10.84 53.71 -24.25
N MET B 322 -11.09 54.97 -24.61
CA MET B 322 -10.92 56.10 -23.68
C MET B 322 -11.90 56.06 -22.51
N GLU B 323 -13.13 55.61 -22.77
CA GLU B 323 -14.13 55.47 -21.71
C GLU B 323 -13.70 54.44 -20.66
N ASN B 324 -13.12 53.33 -21.11
CA ASN B 324 -12.52 52.34 -20.20
C ASN B 324 -11.35 52.93 -19.43
N ALA B 325 -10.45 53.62 -20.16
CA ALA B 325 -9.27 54.25 -19.55
C ALA B 325 -9.62 55.33 -18.51
N GLN B 326 -10.70 56.07 -18.75
CA GLN B 326 -11.20 57.04 -17.75
C GLN B 326 -11.61 56.34 -16.46
N LYS B 327 -12.43 55.30 -16.59
CA LYS B 327 -12.91 54.53 -15.44
C LYS B 327 -11.79 53.77 -14.74
N GLY B 328 -10.81 53.32 -15.51
CA GLY B 328 -9.59 52.73 -14.93
C GLY B 328 -8.67 53.79 -14.36
N GLU B 329 -7.42 53.40 -14.12
CA GLU B 329 -6.39 54.32 -13.64
C GLU B 329 -5.03 54.01 -14.26
N ILE B 330 -4.20 55.05 -14.36
CA ILE B 330 -2.92 54.98 -15.05
C ILE B 330 -1.90 54.18 -14.24
N MET B 331 -1.08 53.38 -14.93
CA MET B 331 -0.05 52.59 -14.26
C MET B 331 1.00 53.50 -13.62
N PRO B 332 1.49 53.13 -12.42
CA PRO B 332 2.72 53.75 -11.93
C PRO B 332 3.91 53.38 -12.83
N ASN B 333 4.88 54.29 -12.95
CA ASN B 333 6.14 53.98 -13.65
C ASN B 333 7.25 53.46 -12.72
N ILE B 334 7.03 53.53 -11.40
CA ILE B 334 8.06 53.23 -10.38
C ILE B 334 8.69 51.83 -10.51
N PRO B 335 9.92 51.63 -9.97
CA PRO B 335 10.62 50.35 -10.13
C PRO B 335 9.96 49.15 -9.43
N GLN B 336 9.06 49.41 -8.48
CA GLN B 336 8.38 48.36 -7.74
C GLN B 336 7.40 47.55 -8.61
N MET B 337 6.90 48.16 -9.69
CA MET B 337 5.88 47.55 -10.55
C MET B 337 6.27 46.21 -11.17
N SER B 338 7.53 46.07 -11.56
CA SER B 338 8.03 44.81 -12.13
C SER B 338 7.87 43.65 -11.15
N ALA B 339 8.15 43.91 -9.88
CA ALA B 339 7.95 42.95 -8.79
C ALA B 339 6.47 42.66 -8.56
N PHE B 340 5.67 43.74 -8.51
CA PHE B 340 4.20 43.64 -8.40
C PHE B 340 3.60 42.75 -9.48
N TRP B 341 4.00 42.97 -10.72
CA TRP B 341 3.40 42.26 -11.86
C TRP B 341 3.61 40.75 -11.81
N TYR B 342 4.87 40.30 -11.71
CA TYR B 342 5.15 38.85 -11.63
C TYR B 342 4.75 38.22 -10.28
N ALA B 343 4.48 39.05 -9.27
CA ALA B 343 3.83 38.58 -8.02
C ALA B 343 2.35 38.25 -8.25
N VAL B 344 1.64 39.15 -8.94
CA VAL B 344 0.22 38.93 -9.27
C VAL B 344 0.05 37.86 -10.36
N ARG B 345 0.99 37.79 -11.31
CA ARG B 345 0.99 36.74 -12.34
C ARG B 345 0.84 35.34 -11.75
N THR B 346 1.65 35.06 -10.72
CA THR B 346 1.63 33.76 -10.04
C THR B 346 0.29 33.51 -9.34
N ALA B 347 -0.14 34.49 -8.54
CA ALA B 347 -1.39 34.39 -7.78
C ALA B 347 -2.61 34.12 -8.66
N VAL B 348 -2.67 34.76 -9.83
CA VAL B 348 -3.75 34.51 -10.79
C VAL B 348 -3.69 33.08 -11.36
N ILE B 349 -2.50 32.65 -11.75
CA ILE B 349 -2.32 31.34 -12.40
C ILE B 349 -2.52 30.17 -11.42
N ASN B 350 -2.00 30.31 -10.20
CA ASN B 350 -2.16 29.28 -9.17
C ASN B 350 -3.62 29.09 -8.75
N ALA B 351 -4.31 30.21 -8.52
CA ALA B 351 -5.73 30.19 -8.15
C ALA B 351 -6.60 29.66 -9.29
N ALA B 352 -6.28 30.04 -10.53
CA ALA B 352 -7.00 29.57 -11.72
C ALA B 352 -6.87 28.06 -11.93
N SER B 353 -5.65 27.56 -11.85
CA SER B 353 -5.38 26.13 -11.98
C SER B 353 -5.84 25.32 -10.76
N GLY B 354 -5.94 25.97 -9.59
CA GLY B 354 -6.49 25.34 -8.39
C GLY B 354 -5.45 24.67 -7.49
N ARG B 355 -4.20 25.10 -7.59
CA ARG B 355 -3.15 24.64 -6.68
C ARG B 355 -3.27 25.33 -5.32
N GLN B 356 -3.54 26.64 -5.35
CA GLN B 356 -3.80 27.44 -4.16
C GLN B 356 -5.24 27.98 -4.14
N THR B 357 -5.67 28.41 -2.95
CA THR B 357 -6.89 29.21 -2.80
C THR B 357 -6.59 30.66 -3.12
N VAL B 358 -7.66 31.42 -3.30
CA VAL B 358 -7.57 32.84 -3.60
C VAL B 358 -6.99 33.61 -2.40
N ASP B 359 -7.46 33.27 -1.20
CA ASP B 359 -6.97 33.89 0.04
C ASP B 359 -5.48 33.62 0.26
N ALA B 360 -5.05 32.39 -0.03
CA ALA B 360 -3.64 32.01 0.09
C ALA B 360 -2.76 32.62 -1.00
N ALA B 361 -3.24 32.57 -2.24
CA ALA B 361 -2.50 33.09 -3.40
C ALA B 361 -2.21 34.59 -3.31
N LEU B 362 -3.23 35.36 -2.96
CA LEU B 362 -3.10 36.83 -2.83
C LEU B 362 -2.34 37.26 -1.59
N ALA B 363 -2.43 36.47 -0.51
CA ALA B 363 -1.61 36.70 0.68
C ALA B 363 -0.12 36.51 0.38
N ALA B 364 0.20 35.54 -0.48
CA ALA B 364 1.57 35.32 -0.95
C ALA B 364 2.05 36.48 -1.83
N ALA B 365 1.21 36.86 -2.79
CA ALA B 365 1.51 38.00 -3.68
C ALA B 365 1.59 39.35 -2.94
N GLN B 366 0.87 39.48 -1.82
CA GLN B 366 0.91 40.68 -0.98
C GLN B 366 2.32 40.96 -0.47
N THR B 367 2.93 39.97 0.17
CA THR B 367 4.30 40.07 0.67
C THR B 367 5.31 40.21 -0.47
N ASN B 368 5.10 39.46 -1.56
CA ASN B 368 6.01 39.49 -2.72
C ASN B 368 6.01 40.82 -3.47
N ALA B 369 4.83 41.39 -3.68
CA ALA B 369 4.69 42.67 -4.37
C ALA B 369 5.29 43.82 -3.57
N ALA B 370 5.01 43.81 -2.26
CA ALA B 370 5.57 44.79 -1.33
C ALA B 370 7.10 44.80 -1.39
N ALA B 371 7.68 43.60 -1.36
CA ALA B 371 9.11 43.37 -1.58
C ALA B 371 10.00 44.13 -0.58
N ILE B 372 9.90 43.85 0.60
CA ILE B 372 10.54 44.58 1.70
C ILE B 372 11.99 44.14 1.86
N ALA B 373 12.20 42.83 1.88
CA ALA B 373 13.55 42.25 2.02
C ALA B 373 14.37 42.46 0.75
N GLN B 374 13.79 42.14 -0.41
CA GLN B 374 14.48 42.25 -1.70
C GLN B 374 14.98 43.67 -2.00
N GLN B 375 14.23 44.68 -1.58
CA GLN B 375 14.64 46.09 -1.70
C GLN B 375 15.62 46.49 -0.60
N TRP B 376 15.45 45.96 0.61
CA TRP B 376 16.40 46.18 1.70
C TRP B 376 17.80 45.66 1.36
N ILE B 377 17.85 44.46 0.76
CA ILE B 377 19.11 43.92 0.22
C ILE B 377 19.69 44.84 -0.84
N GLN B 378 18.85 45.29 -1.77
CA GLN B 378 19.30 46.22 -2.82
C GLN B 378 19.79 47.57 -2.29
N SER B 379 19.20 48.06 -1.21
CA SER B 379 19.60 49.33 -0.61
C SER B 379 20.99 49.30 0.04
N LYS B 380 21.36 48.14 0.61
CA LYS B 380 22.68 47.95 1.24
C LYS B 380 23.43 46.81 0.54
N ARG B 381 23.46 46.85 -0.79
CA ARG B 381 23.97 45.76 -1.62
C ARG B 381 25.46 45.52 -1.43
N GLU B 382 26.26 46.58 -1.60
CA GLU B 382 27.72 46.48 -1.50
C GLU B 382 28.20 46.25 -0.07
N ASP B 383 27.47 46.80 0.90
CA ASP B 383 27.77 46.57 2.33
C ASP B 383 27.62 45.08 2.67
N ILE B 384 26.56 44.46 2.17
CA ILE B 384 26.31 43.02 2.38
C ILE B 384 27.39 42.16 1.71
N VAL B 385 27.88 42.57 0.54
CA VAL B 385 28.97 41.83 -0.13
C VAL B 385 30.24 41.86 0.72
N ASN B 386 30.56 43.02 1.28
CA ASN B 386 31.76 43.16 2.12
C ASN B 386 31.60 42.55 3.52
N GLN B 387 30.42 42.66 4.12
CA GLN B 387 30.22 42.32 5.54
C GLN B 387 29.65 40.93 5.86
N MET B 388 29.22 40.16 4.85
CA MET B 388 28.66 38.82 5.10
C MET B 388 29.78 37.84 5.41
N THR B 389 29.65 37.10 6.52
CA THR B 389 30.60 36.06 6.88
C THR B 389 30.42 34.83 5.98
N GLU B 390 31.46 34.02 5.89
CA GLU B 390 31.43 32.78 5.11
C GLU B 390 30.51 31.74 5.75
N ALA B 391 30.33 31.84 7.08
CA ALA B 391 29.36 31.03 7.81
C ALA B 391 27.93 31.40 7.43
N CYS B 392 27.62 32.70 7.45
CA CYS B 392 26.30 33.23 7.08
C CYS B 392 25.90 32.87 5.65
N LEU B 393 26.88 32.93 4.73
CA LEU B 393 26.70 32.48 3.35
C LEU B 393 26.24 31.02 3.29
N ASN B 394 27.01 30.14 3.94
CA ASN B 394 26.73 28.69 3.93
C ASN B 394 25.43 28.33 4.66
N GLN B 395 25.18 29.01 5.78
CA GLN B 395 23.90 28.89 6.49
C GLN B 395 22.70 29.27 5.62
N SER B 396 22.84 30.36 4.85
CA SER B 396 21.82 30.78 3.89
C SER B 396 21.69 29.78 2.75
N LEU B 397 22.81 29.38 2.16
CA LEU B 397 22.83 28.39 1.08
C LEU B 397 22.24 27.02 1.46
N ASP B 398 22.48 26.60 2.72
CA ASP B 398 21.91 25.34 3.24
C ASP B 398 20.40 25.46 3.45
N ALA B 399 19.99 26.51 4.18
CA ALA B 399 18.57 26.75 4.49
C ALA B 399 17.72 27.03 3.24
N LEU B 400 18.29 27.74 2.26
CA LEU B 400 17.62 27.97 0.97
C LEU B 400 17.44 26.70 0.14
N LEU B 401 18.44 25.81 0.19
CA LEU B 401 18.37 24.52 -0.51
C LEU B 401 17.39 23.52 0.15
N SER B 402 17.28 23.58 1.48
CA SER B 402 16.33 22.73 2.23
C SER B 402 14.86 23.09 1.98
N ARG B 403 14.59 24.36 1.62
CA ARG B 403 13.24 24.81 1.25
C ARG B 403 12.99 24.88 -0.26
N ASP B 404 13.84 24.23 -1.06
CA ASP B 404 13.73 24.20 -2.53
C ASP B 404 13.60 25.58 -3.21
N LEU B 405 14.25 26.59 -2.62
CA LEU B 405 14.21 27.96 -3.14
C LEU B 405 15.32 28.23 -4.18
N ILE B 406 16.40 27.43 -4.15
CA ILE B 406 17.46 27.52 -5.16
C ILE B 406 17.33 26.33 -6.11
N MET B 407 17.53 26.58 -7.40
CA MET B 407 17.68 25.50 -8.38
C MET B 407 19.05 24.83 -8.22
N LYS B 408 19.21 23.67 -8.86
CA LYS B 408 20.46 22.90 -8.79
C LYS B 408 21.60 23.59 -9.53
N GLU B 409 21.28 24.21 -10.67
CA GLU B 409 22.24 25.02 -11.43
C GLU B 409 22.66 26.30 -10.68
N ASP B 410 21.70 27.00 -10.08
CA ASP B 410 21.96 28.26 -9.35
C ASP B 410 22.82 28.07 -8.09
N TYR B 411 22.60 26.98 -7.36
CA TYR B 411 23.41 26.67 -6.18
C TYR B 411 24.86 26.42 -6.53
N GLU B 412 25.10 25.59 -7.55
CA GLU B 412 26.46 25.27 -8.01
C GLU B 412 27.19 26.48 -8.62
N LEU B 413 26.44 27.34 -9.31
CA LEU B 413 27.01 28.56 -9.91
C LEU B 413 27.50 29.56 -8.84
N VAL B 414 26.82 29.60 -7.70
CA VAL B 414 27.24 30.43 -6.56
C VAL B 414 28.51 29.86 -5.92
N SER B 415 28.45 28.60 -5.49
CA SER B 415 29.53 27.98 -4.71
C SER B 415 30.85 27.76 -5.48
N THR B 416 30.78 27.65 -6.81
CA THR B 416 31.99 27.51 -7.65
C THR B 416 32.68 28.84 -8.00
N LYS B 417 32.19 29.96 -7.46
CA LYS B 417 32.94 31.23 -7.48
C LYS B 417 34.24 31.12 -6.67
N PRO B 418 35.26 31.92 -7.01
CA PRO B 418 36.57 31.78 -6.35
C PRO B 418 36.61 32.23 -4.89
N THR B 419 36.00 33.38 -4.60
CA THR B 419 36.01 33.92 -3.24
C THR B 419 34.64 34.24 -2.67
N ARG B 420 34.61 34.45 -1.38
CA ARG B 420 33.46 34.77 -0.61
C ARG B 420 32.87 36.06 -0.94
N THR B 421 33.69 36.95 -1.36
CA THR B 421 33.26 38.26 -1.82
C THR B 421 32.50 38.07 -3.12
N SER B 422 33.01 37.17 -3.97
CA SER B 422 32.35 36.87 -5.25
C SER B 422 31.16 35.92 -5.12
N LYS B 423 31.20 35.02 -4.13
CA LYS B 423 30.07 34.12 -3.83
C LYS B 423 28.84 34.90 -3.37
N VAL B 424 29.05 35.82 -2.43
CA VAL B 424 27.95 36.64 -1.88
C VAL B 424 27.36 37.54 -2.96
N ARG B 425 28.23 38.10 -3.80
CA ARG B 425 27.81 38.85 -4.99
C ARG B 425 26.87 38.01 -5.86
N GLN B 426 27.30 36.79 -6.17
CA GLN B 426 26.51 35.87 -6.99
C GLN B 426 25.22 35.40 -6.30
N LEU B 427 25.25 35.33 -4.97
CA LEU B 427 24.03 35.08 -4.17
C LEU B 427 23.06 36.26 -4.29
N LEU B 428 23.55 37.47 -4.08
CA LEU B 428 22.72 38.68 -4.22
C LEU B 428 22.30 38.99 -5.67
N ASP B 429 23.00 38.45 -6.66
CA ASP B 429 22.55 38.51 -8.06
C ASP B 429 21.30 37.66 -8.28
N THR B 430 21.28 36.47 -7.69
CA THR B 430 20.12 35.57 -7.79
C THR B 430 18.94 35.96 -6.88
N THR B 431 19.15 36.77 -5.84
CA THR B 431 18.03 37.27 -5.01
C THR B 431 17.05 38.15 -5.80
N ASP B 432 17.58 38.92 -6.74
CA ASP B 432 16.78 39.79 -7.58
C ASP B 432 15.99 38.96 -8.60
N ILE B 433 16.62 37.92 -9.13
CA ILE B 433 16.00 37.03 -10.11
C ILE B 433 14.95 36.09 -9.45
N GLN B 434 15.28 35.50 -8.30
CA GLN B 434 14.52 34.36 -7.75
C GLN B 434 13.38 34.67 -6.78
N GLY B 435 13.07 35.95 -6.56
CA GLY B 435 11.87 36.34 -5.79
C GLY B 435 12.15 36.79 -4.37
N GLU B 436 11.09 37.07 -3.61
CA GLU B 436 11.18 37.73 -2.31
C GLU B 436 11.28 36.79 -1.11
N GLU B 437 10.73 35.57 -1.25
CA GLU B 437 10.86 34.57 -0.16
C GLU B 437 12.31 34.10 -0.05
N PHE B 438 13.01 34.08 -1.19
CA PHE B 438 14.47 33.89 -1.27
C PHE B 438 15.22 34.91 -0.41
N ALA B 439 14.86 36.18 -0.55
CA ALA B 439 15.53 37.27 0.18
C ALA B 439 15.29 37.25 1.69
N LYS B 440 14.10 36.83 2.12
CA LYS B 440 13.77 36.73 3.53
C LYS B 440 14.66 35.75 4.31
N VAL B 441 15.13 34.72 3.63
CA VAL B 441 16.05 33.75 4.23
C VAL B 441 17.39 34.42 4.54
N ILE B 442 17.94 35.13 3.56
CA ILE B 442 19.24 35.78 3.71
C ILE B 442 19.20 36.86 4.80
N VAL B 443 18.16 37.69 4.77
CA VAL B 443 17.99 38.76 5.77
C VAL B 443 17.77 38.16 7.18
N GLN B 444 17.17 36.97 7.25
CA GLN B 444 17.07 36.22 8.51
C GLN B 444 18.45 35.78 9.00
N LYS B 445 19.26 35.20 8.12
CA LYS B 445 20.61 34.73 8.48
C LYS B 445 21.57 35.87 8.82
N LEU B 446 21.45 37.01 8.10
CA LEU B 446 22.22 38.22 8.45
C LEU B 446 21.85 38.77 9.84
N LYS B 447 20.58 38.63 10.23
CA LYS B 447 20.12 39.01 11.55
C LYS B 447 20.45 37.97 12.63
N ASP B 448 20.50 36.69 12.25
CA ASP B 448 20.94 35.60 13.16
C ASP B 448 22.42 35.73 13.55
N ASN B 449 23.27 36.00 12.57
CA ASN B 449 24.71 36.19 12.80
C ASN B 449 25.11 37.60 13.27
N LYS B 450 24.12 38.48 13.45
CA LYS B 450 24.31 39.81 14.06
C LYS B 450 25.33 40.65 13.29
N GLN B 451 25.03 40.88 12.02
CA GLN B 451 25.85 41.71 11.14
C GLN B 451 25.47 43.17 11.40
N MET B 452 25.81 43.69 12.55
CA MET B 452 25.43 45.05 12.91
C MET B 452 25.97 46.13 11.99
N GLY B 453 26.88 45.78 11.11
CA GLY B 453 27.42 46.77 10.19
C GLY B 453 26.31 47.35 9.34
N LEU B 454 25.44 46.46 8.90
CA LEU B 454 24.28 46.76 8.07
C LEU B 454 23.41 47.64 8.93
N GLN B 455 22.74 48.59 8.30
CA GLN B 455 21.99 49.62 8.98
C GLN B 455 20.70 49.14 9.54
N PRO B 456 19.72 50.10 9.78
CA PRO B 456 18.50 49.57 10.39
C PRO B 456 17.86 48.46 9.56
N TYR B 457 17.43 47.43 10.26
CA TYR B 457 16.78 46.26 9.65
C TYR B 457 15.27 46.52 9.38
N PRO B 458 14.61 45.68 8.56
CA PRO B 458 13.21 45.95 8.15
C PRO B 458 12.20 46.11 9.31
N GLU B 459 12.04 45.07 10.12
CA GLU B 459 11.11 45.08 11.27
C GLU B 459 11.61 44.13 12.36
N ILE C 3 10.47 -16.63 32.65
CA ILE C 3 11.25 -16.37 31.40
C ILE C 3 12.75 -16.62 31.60
N GLU C 4 13.50 -16.71 30.50
CA GLU C 4 14.89 -17.15 30.53
C GLU C 4 15.84 -16.10 31.12
N GLU C 5 16.61 -16.53 32.12
CA GLU C 5 17.73 -15.73 32.66
C GLU C 5 18.96 -15.97 31.80
N GLY C 6 19.73 -14.90 31.58
CA GLY C 6 20.91 -14.94 30.73
C GLY C 6 20.73 -14.04 29.52
N LYS C 7 19.67 -14.29 28.75
CA LYS C 7 19.38 -13.56 27.50
C LYS C 7 18.33 -12.47 27.68
N LEU C 8 18.35 -11.49 26.78
CA LEU C 8 17.35 -10.41 26.73
C LEU C 8 16.40 -10.62 25.54
N VAL C 9 15.10 -10.48 25.80
CA VAL C 9 14.06 -10.58 24.78
C VAL C 9 13.28 -9.27 24.76
N ILE C 10 13.40 -8.53 23.65
CA ILE C 10 12.78 -7.22 23.47
C ILE C 10 11.55 -7.33 22.59
N TRP C 11 10.47 -6.69 23.04
CA TRP C 11 9.23 -6.57 22.27
C TRP C 11 9.04 -5.11 21.86
N ILE C 12 8.87 -4.87 20.56
CA ILE C 12 8.68 -3.53 19.99
C ILE C 12 7.76 -3.60 18.78
N ASN C 13 7.00 -2.54 18.52
CA ASN C 13 6.01 -2.52 17.44
C ASN C 13 6.65 -2.64 16.06
N GLY C 14 5.94 -3.28 15.14
CA GLY C 14 6.43 -3.57 13.79
C GLY C 14 6.69 -2.34 12.92
N ASP C 15 5.88 -1.30 13.09
CA ASP C 15 6.05 -0.03 12.35
C ASP C 15 7.33 0.75 12.71
N LYS C 16 7.85 0.54 13.93
CA LYS C 16 9.10 1.18 14.38
C LYS C 16 10.33 0.46 13.81
N GLY C 17 11.50 1.04 14.04
CA GLY C 17 12.77 0.48 13.54
C GLY C 17 13.32 -0.65 14.38
N TYR C 18 12.75 -1.84 14.23
CA TYR C 18 13.15 -3.02 15.01
C TYR C 18 14.50 -3.61 14.57
N ASN C 19 14.75 -3.63 13.26
CA ASN C 19 16.06 -4.07 12.73
C ASN C 19 17.21 -3.14 13.16
N GLY C 20 16.91 -1.85 13.32
CA GLY C 20 17.85 -0.90 13.90
C GLY C 20 18.16 -1.19 15.37
N LEU C 21 17.12 -1.50 16.14
CA LEU C 21 17.28 -1.90 17.54
C LEU C 21 17.97 -3.26 17.67
N ALA C 22 17.79 -4.14 16.67
CA ALA C 22 18.51 -5.41 16.60
C ALA C 22 20.03 -5.23 16.47
N GLU C 23 20.46 -4.19 15.73
CA GLU C 23 21.88 -3.85 15.63
C GLU C 23 22.47 -3.31 16.95
N VAL C 24 21.64 -2.67 17.76
CA VAL C 24 22.05 -2.23 19.12
C VAL C 24 22.23 -3.46 20.02
N GLY C 25 21.41 -4.50 19.80
CA GLY C 25 21.56 -5.79 20.47
C GLY C 25 22.83 -6.55 20.10
N LYS C 26 23.21 -6.51 18.83
CA LYS C 26 24.47 -7.15 18.37
C LYS C 26 25.74 -6.44 18.88
N LYS C 27 25.65 -5.14 19.14
CA LYS C 27 26.71 -4.39 19.83
C LYS C 27 26.80 -4.81 21.29
N PHE C 28 25.64 -5.02 21.93
CA PHE C 28 25.55 -5.49 23.31
C PHE C 28 26.07 -6.93 23.44
N GLU C 29 25.75 -7.77 22.45
CA GLU C 29 26.24 -9.15 22.37
C GLU C 29 27.76 -9.21 22.18
N LYS C 30 28.25 -8.40 21.24
CA LYS C 30 29.69 -8.32 20.96
C LYS C 30 30.49 -7.82 22.17
N ASP C 31 29.97 -6.81 22.86
CA ASP C 31 30.65 -6.22 24.03
C ASP C 31 30.53 -7.09 25.27
N THR C 32 29.35 -7.10 25.91
CA THR C 32 29.19 -7.73 27.23
C THR C 32 28.85 -9.25 27.20
N GLY C 33 28.57 -9.80 26.02
CA GLY C 33 28.37 -11.24 25.85
C GLY C 33 26.94 -11.74 25.86
N ILE C 34 26.02 -10.97 26.45
CA ILE C 34 24.61 -11.35 26.59
C ILE C 34 23.91 -11.16 25.23
N LYS C 35 23.31 -12.23 24.71
CA LYS C 35 22.61 -12.19 23.44
C LYS C 35 21.23 -11.51 23.57
N VAL C 36 20.86 -10.76 22.55
CA VAL C 36 19.59 -10.00 22.51
C VAL C 36 18.74 -10.48 21.33
N THR C 37 17.43 -10.61 21.57
CA THR C 37 16.47 -10.98 20.53
C THR C 37 15.35 -9.94 20.47
N VAL C 38 15.24 -9.25 19.34
CA VAL C 38 14.20 -8.24 19.12
C VAL C 38 13.06 -8.84 18.31
N GLU C 39 11.92 -9.03 18.96
CA GLU C 39 10.72 -9.57 18.32
C GLU C 39 9.69 -8.47 18.11
N HIS C 40 8.80 -8.66 17.15
CA HIS C 40 7.73 -7.67 16.85
C HIS C 40 6.38 -8.36 16.61
N PRO C 41 5.76 -8.89 17.68
CA PRO C 41 4.48 -9.59 17.56
C PRO C 41 3.30 -8.63 17.43
N ASP C 42 2.23 -9.11 16.79
CA ASP C 42 1.02 -8.30 16.58
C ASP C 42 0.23 -8.18 17.87
N LYS C 43 -0.42 -7.04 18.06
CA LYS C 43 -1.16 -6.72 19.28
C LYS C 43 -0.30 -6.90 20.55
N LEU C 44 0.95 -6.44 20.51
CA LEU C 44 1.83 -6.51 21.69
C LEU C 44 1.39 -5.62 22.85
N GLU C 45 0.57 -4.61 22.56
CA GLU C 45 -0.09 -3.81 23.60
C GLU C 45 -1.10 -4.64 24.42
N GLU C 46 -1.75 -5.61 23.77
CA GLU C 46 -2.72 -6.51 24.42
C GLU C 46 -2.14 -7.87 24.85
N LYS C 47 -1.06 -8.32 24.20
CA LYS C 47 -0.38 -9.57 24.59
C LYS C 47 0.42 -9.43 25.89
N PHE C 48 1.02 -8.27 26.11
CA PHE C 48 1.87 -8.03 27.29
C PHE C 48 1.15 -8.18 28.64
N PRO C 49 -0.02 -7.53 28.83
CA PRO C 49 -0.71 -7.70 30.12
C PRO C 49 -1.23 -9.11 30.40
N GLN C 50 -1.44 -9.91 29.36
CA GLN C 50 -1.83 -11.31 29.52
C GLN C 50 -0.64 -12.13 30.03
N VAL C 51 0.43 -12.15 29.24
CA VAL C 51 1.58 -13.03 29.50
C VAL C 51 2.40 -12.61 30.74
N ALA C 52 2.60 -11.31 30.94
CA ALA C 52 3.38 -10.80 32.08
C ALA C 52 2.66 -10.96 33.43
N ALA C 53 1.33 -11.00 33.40
CA ALA C 53 0.53 -11.23 34.62
C ALA C 53 0.76 -12.61 35.22
N THR C 54 0.87 -13.62 34.36
CA THR C 54 1.22 -14.99 34.78
C THR C 54 2.69 -15.08 35.17
N GLY C 55 3.57 -14.58 34.30
CA GLY C 55 5.01 -14.55 34.57
C GLY C 55 5.86 -14.30 33.34
N ASP C 56 5.67 -15.14 32.32
CA ASP C 56 6.49 -15.11 31.09
C ASP C 56 6.29 -13.84 30.23
N GLY C 57 7.02 -13.74 29.11
CA GLY C 57 6.88 -12.60 28.19
C GLY C 57 8.24 -12.06 27.79
N PRO C 58 8.32 -10.76 27.47
CA PRO C 58 9.62 -10.14 27.18
C PRO C 58 10.30 -9.60 28.43
N ASP C 59 11.60 -9.36 28.33
CA ASP C 59 12.34 -8.69 29.42
C ASP C 59 12.01 -7.20 29.44
N ILE C 60 11.81 -6.63 28.25
CA ILE C 60 11.68 -5.18 28.06
C ILE C 60 10.67 -4.88 26.94
N ILE C 61 9.78 -3.90 27.19
CA ILE C 61 8.62 -3.63 26.32
C ILE C 61 8.64 -2.20 25.75
N PHE C 62 8.51 -2.08 24.43
CA PHE C 62 8.52 -0.79 23.72
C PHE C 62 7.12 -0.43 23.20
N TRP C 63 6.55 0.62 23.79
CA TRP C 63 5.27 1.15 23.34
C TRP C 63 5.12 2.61 23.83
N ALA C 64 4.16 3.33 23.28
CA ALA C 64 3.82 4.67 23.76
C ALA C 64 3.45 4.65 25.24
N HIS C 65 3.76 5.74 25.93
CA HIS C 65 3.58 5.85 27.39
C HIS C 65 2.16 5.71 27.96
N ASP C 66 1.13 5.80 27.12
CA ASP C 66 -0.26 5.74 27.58
C ASP C 66 -0.66 4.38 28.20
N ARG C 67 -0.19 3.29 27.60
CA ARG C 67 -0.47 1.93 28.11
C ARG C 67 0.25 1.58 29.42
N PHE C 68 1.31 2.33 29.74
CA PHE C 68 2.22 1.93 30.82
C PHE C 68 1.67 2.09 32.23
N GLY C 69 0.90 3.14 32.48
CA GLY C 69 0.27 3.33 33.80
C GLY C 69 -0.77 2.26 34.13
N GLY C 70 -1.40 1.71 33.10
CA GLY C 70 -2.26 0.53 33.24
C GLY C 70 -1.50 -0.74 33.58
N TYR C 71 -0.32 -0.92 32.98
CA TYR C 71 0.58 -2.02 33.35
C TYR C 71 1.14 -1.84 34.75
N ALA C 72 1.40 -0.58 35.13
CA ALA C 72 1.99 -0.23 36.42
C ALA C 72 1.03 -0.46 37.59
N GLN C 73 -0.24 -0.06 37.40
CA GLN C 73 -1.29 -0.35 38.38
C GLN C 73 -1.50 -1.86 38.55
N SER C 74 -1.30 -2.62 37.46
CA SER C 74 -1.35 -4.08 37.49
C SER C 74 -0.06 -4.75 38.02
N GLY C 75 0.94 -3.97 38.41
CA GLY C 75 2.19 -4.50 38.96
C GLY C 75 3.07 -5.26 37.98
N LEU C 76 2.89 -5.00 36.68
CA LEU C 76 3.61 -5.73 35.62
C LEU C 76 4.99 -5.15 35.35
N LEU C 77 5.15 -3.84 35.52
CA LEU C 77 6.41 -3.15 35.21
C LEU C 77 7.29 -2.98 36.44
N ALA C 78 8.60 -3.16 36.23
CA ALA C 78 9.60 -2.93 37.26
C ALA C 78 9.81 -1.44 37.45
N GLU C 79 9.84 -1.01 38.72
CA GLU C 79 10.04 0.40 39.07
C GLU C 79 11.51 0.76 38.87
N ILE C 80 11.80 1.48 37.78
CA ILE C 80 13.18 1.82 37.40
C ILE C 80 13.79 2.90 38.31
N THR C 81 15.09 2.79 38.54
CA THR C 81 15.82 3.73 39.38
C THR C 81 17.11 4.18 38.67
N PRO C 82 16.97 5.05 37.65
CA PRO C 82 18.14 5.68 37.08
C PRO C 82 18.64 6.79 38.00
N ASP C 83 19.96 6.90 38.13
CA ASP C 83 20.57 7.96 38.94
C ASP C 83 20.30 9.35 38.34
N LYS C 84 20.28 10.36 39.20
CA LYS C 84 19.91 11.72 38.79
C LYS C 84 20.94 12.44 37.90
N ALA C 85 22.14 11.87 37.77
CA ALA C 85 23.08 12.27 36.72
C ALA C 85 22.60 11.80 35.34
N PHE C 86 21.96 10.63 35.29
CA PHE C 86 21.36 10.12 34.04
C PHE C 86 20.03 10.80 33.70
N GLN C 87 19.25 11.15 34.71
CA GLN C 87 17.97 11.85 34.50
C GLN C 87 18.12 13.21 33.80
N ASP C 88 19.27 13.87 33.99
CA ASP C 88 19.56 15.13 33.29
C ASP C 88 19.84 14.97 31.80
N LYS C 89 20.32 13.79 31.37
CA LYS C 89 20.61 13.53 29.95
C LYS C 89 19.37 13.49 29.05
N LEU C 90 18.24 13.06 29.61
CA LEU C 90 16.95 13.11 28.93
C LEU C 90 16.17 14.36 29.33
N TYR C 91 15.21 14.77 28.48
CA TYR C 91 14.38 15.96 28.78
C TYR C 91 13.47 15.74 29.98
N PRO C 92 13.21 16.80 30.76
CA PRO C 92 12.46 16.64 32.02
C PRO C 92 10.98 16.29 31.84
N PHE C 93 10.33 16.80 30.79
CA PHE C 93 8.91 16.51 30.58
C PHE C 93 8.67 15.10 30.04
N THR C 94 9.70 14.46 29.46
CA THR C 94 9.59 13.07 29.04
C THR C 94 9.60 12.11 30.23
N TRP C 95 10.29 12.50 31.31
CA TRP C 95 10.22 11.75 32.57
C TRP C 95 8.82 11.82 33.20
N ASP C 96 8.17 12.98 33.10
CA ASP C 96 6.79 13.15 33.58
C ASP C 96 5.78 12.24 32.86
N ALA C 97 6.06 11.96 31.58
CA ALA C 97 5.27 11.03 30.76
C ALA C 97 5.26 9.58 31.29
N VAL C 98 6.34 9.20 31.97
CA VAL C 98 6.54 7.84 32.49
C VAL C 98 6.57 7.78 34.02
N ARG C 99 5.94 8.76 34.66
CA ARG C 99 5.87 8.86 36.12
C ARG C 99 4.46 8.52 36.56
N TYR C 100 4.30 7.37 37.23
CA TYR C 100 2.98 6.91 37.71
C TYR C 100 2.95 6.84 39.24
N ASN C 101 2.22 7.79 39.85
CA ASN C 101 2.11 7.93 41.30
C ASN C 101 3.47 8.10 41.96
N GLY C 102 4.21 9.11 41.47
CA GLY C 102 5.55 9.44 41.98
C GLY C 102 6.60 8.35 41.81
N LYS C 103 6.44 7.52 40.78
CA LYS C 103 7.35 6.40 40.49
C LYS C 103 7.62 6.31 39.00
N LEU C 104 8.90 6.30 38.62
CA LEU C 104 9.30 6.18 37.22
C LEU C 104 9.18 4.72 36.81
N ILE C 105 8.40 4.45 35.76
CA ILE C 105 8.06 3.08 35.36
C ILE C 105 8.67 2.60 34.01
N ALA C 106 9.17 3.54 33.20
CA ALA C 106 9.86 3.21 31.95
C ALA C 106 10.85 4.31 31.57
N TYR C 107 11.77 3.98 30.66
CA TYR C 107 12.73 4.94 30.12
C TYR C 107 12.14 5.61 28.87
N PRO C 108 12.04 6.96 28.86
CA PRO C 108 11.56 7.64 27.64
C PRO C 108 12.57 7.56 26.50
N ILE C 109 12.12 7.13 25.33
CA ILE C 109 12.98 7.00 24.15
C ILE C 109 12.79 8.19 23.23
N ALA C 110 11.54 8.43 22.81
CA ALA C 110 11.26 9.51 21.86
C ALA C 110 9.81 10.00 21.87
N VAL C 111 9.65 11.31 21.72
CA VAL C 111 8.36 11.96 21.55
C VAL C 111 7.95 11.85 20.09
N GLU C 112 6.68 11.50 19.87
CA GLU C 112 6.12 11.27 18.54
C GLU C 112 4.70 11.83 18.44
N ALA C 113 4.39 12.44 17.30
CA ALA C 113 3.09 13.03 17.04
C ALA C 113 2.79 13.02 15.56
N LEU C 114 1.50 13.02 15.22
CA LEU C 114 1.06 12.93 13.84
C LEU C 114 1.25 14.27 13.11
N SER C 115 1.52 14.17 11.80
CA SER C 115 1.76 15.34 10.94
C SER C 115 1.06 15.15 9.60
N LEU C 116 0.78 16.25 8.92
CA LEU C 116 0.23 16.18 7.55
C LEU C 116 1.41 15.95 6.61
N ILE C 117 1.36 14.86 5.84
CA ILE C 117 2.42 14.50 4.90
C ILE C 117 1.85 14.58 3.49
N TYR C 118 2.37 15.51 2.68
CA TYR C 118 1.79 15.85 1.38
C TYR C 118 2.79 15.68 0.23
N ASN C 119 2.26 15.37 -0.96
CA ASN C 119 3.05 15.20 -2.18
C ASN C 119 3.23 16.56 -2.85
N LYS C 120 4.46 17.08 -2.84
CA LYS C 120 4.77 18.41 -3.40
C LYS C 120 4.51 18.51 -4.92
N ASP C 121 4.73 17.43 -5.66
CA ASP C 121 4.51 17.41 -7.10
C ASP C 121 3.02 17.44 -7.47
N LEU C 122 2.21 16.68 -6.74
CA LEU C 122 0.76 16.66 -6.96
C LEU C 122 0.05 17.86 -6.31
N LEU C 123 0.64 18.41 -5.25
CA LEU C 123 0.02 19.47 -4.47
C LEU C 123 1.11 20.30 -3.76
N PRO C 124 1.59 21.38 -4.41
CA PRO C 124 2.71 22.14 -3.85
C PRO C 124 2.34 22.99 -2.64
N ASN C 125 1.15 23.58 -2.66
CA ASN C 125 0.60 24.31 -1.53
C ASN C 125 -0.50 23.48 -0.88
N PRO C 126 -0.19 22.82 0.25
CA PRO C 126 -1.19 21.94 0.88
C PRO C 126 -2.24 22.73 1.66
N PRO C 127 -3.44 22.15 1.85
CA PRO C 127 -4.52 22.85 2.55
C PRO C 127 -4.26 23.03 4.04
N LYS C 128 -4.60 24.22 4.55
CA LYS C 128 -4.50 24.52 5.98
C LYS C 128 -5.86 24.44 6.68
N THR C 129 -6.89 23.95 5.98
CA THR C 129 -8.20 23.66 6.58
C THR C 129 -8.77 22.33 6.07
N TRP C 130 -9.43 21.60 6.97
CA TRP C 130 -10.16 20.36 6.61
C TRP C 130 -11.30 20.65 5.63
N GLU C 131 -11.93 21.81 5.79
CA GLU C 131 -13.14 22.17 5.04
C GLU C 131 -12.92 22.31 3.51
N GLU C 132 -11.67 22.55 3.08
CA GLU C 132 -11.35 22.65 1.65
C GLU C 132 -10.92 21.31 0.99
N ILE C 133 -10.80 20.25 1.78
CA ILE C 133 -10.40 18.92 1.28
C ILE C 133 -11.45 18.25 0.37
N PRO C 134 -12.75 18.39 0.69
CA PRO C 134 -13.79 17.89 -0.22
C PRO C 134 -13.69 18.50 -1.62
N ALA C 135 -13.50 19.82 -1.66
CA ALA C 135 -13.31 20.55 -2.93
C ALA C 135 -12.04 20.11 -3.66
N LEU C 136 -10.94 20.01 -2.93
CA LEU C 136 -9.65 19.59 -3.51
C LEU C 136 -9.71 18.19 -4.11
N ASP C 137 -10.45 17.28 -3.47
CA ASP C 137 -10.60 15.90 -3.96
C ASP C 137 -11.31 15.83 -5.30
N LYS C 138 -12.37 16.62 -5.46
CA LYS C 138 -13.14 16.67 -6.71
C LYS C 138 -12.26 17.05 -7.90
N GLU C 139 -11.32 17.98 -7.67
CA GLU C 139 -10.37 18.38 -8.70
C GLU C 139 -9.37 17.28 -9.04
N LEU C 140 -8.84 16.62 -8.01
CA LEU C 140 -7.87 15.51 -8.21
C LEU C 140 -8.50 14.24 -8.80
N LYS C 141 -9.79 14.03 -8.53
CA LYS C 141 -10.56 12.94 -9.18
C LYS C 141 -10.57 13.05 -10.71
N ALA C 142 -10.58 14.29 -11.22
CA ALA C 142 -10.52 14.54 -12.66
C ALA C 142 -9.20 14.07 -13.29
N LYS C 143 -8.09 14.26 -12.55
CA LYS C 143 -6.75 13.82 -12.99
C LYS C 143 -6.40 12.37 -12.58
N GLY C 144 -7.36 11.64 -12.03
CA GLY C 144 -7.19 10.23 -11.72
C GLY C 144 -6.40 10.00 -10.44
N LYS C 145 -6.75 10.75 -9.38
CA LYS C 145 -6.11 10.64 -8.07
C LYS C 145 -7.06 11.10 -6.97
N SER C 146 -6.61 11.01 -5.72
CA SER C 146 -7.41 11.42 -4.55
C SER C 146 -6.62 12.39 -3.67
N ALA C 147 -7.35 13.16 -2.86
CA ALA C 147 -6.75 14.21 -2.04
C ALA C 147 -6.05 13.62 -0.82
N LEU C 148 -6.84 12.96 0.03
CA LEU C 148 -6.39 12.45 1.31
C LEU C 148 -6.67 10.95 1.41
N MET C 149 -5.80 10.24 2.11
CA MET C 149 -5.99 8.82 2.36
C MET C 149 -5.14 8.39 3.56
N PHE C 150 -5.79 7.96 4.64
CA PHE C 150 -5.10 7.52 5.85
C PHE C 150 -5.84 6.41 6.61
N ASN C 151 -5.18 5.85 7.61
CA ASN C 151 -5.70 4.72 8.40
C ASN C 151 -6.92 5.14 9.25
N LEU C 152 -8.11 4.68 8.84
CA LEU C 152 -9.36 4.96 9.55
C LEU C 152 -9.69 3.93 10.63
N GLN C 153 -8.97 2.80 10.66
CA GLN C 153 -9.28 1.71 11.57
C GLN C 153 -8.87 2.09 12.99
N GLU C 154 -7.61 2.47 13.17
CA GLU C 154 -7.10 2.91 14.47
C GLU C 154 -7.61 4.31 14.80
N PRO C 155 -8.11 4.52 16.05
CA PRO C 155 -8.59 5.84 16.44
C PRO C 155 -7.50 6.90 16.70
N TYR C 156 -6.24 6.49 16.81
CA TYR C 156 -5.10 7.43 16.95
C TYR C 156 -5.08 8.48 15.84
N PHE C 157 -5.38 8.05 14.61
CA PHE C 157 -5.25 8.88 13.42
C PHE C 157 -6.44 9.83 13.23
N THR C 158 -7.64 9.33 13.52
CA THR C 158 -8.87 10.10 13.39
C THR C 158 -9.15 11.02 14.58
N TRP C 159 -8.48 10.77 15.71
CA TRP C 159 -8.67 11.58 16.92
C TRP C 159 -8.37 13.08 16.75
N PRO C 160 -7.25 13.44 16.08
CA PRO C 160 -6.96 14.85 15.78
C PRO C 160 -8.16 15.66 15.29
N LEU C 161 -8.95 15.08 14.41
CA LEU C 161 -10.16 15.73 13.89
C LEU C 161 -11.25 15.83 14.98
N ILE C 162 -11.39 14.75 15.75
CA ILE C 162 -12.42 14.66 16.80
C ILE C 162 -12.16 15.67 17.93
N ALA C 163 -10.93 15.72 18.41
CA ALA C 163 -10.54 16.64 19.50
C ALA C 163 -10.55 18.12 19.11
N ALA C 164 -10.36 18.41 17.82
CA ALA C 164 -10.19 19.77 17.31
C ALA C 164 -11.22 20.78 17.85
N ASP C 165 -12.49 20.55 17.54
CA ASP C 165 -13.56 21.48 17.93
C ASP C 165 -13.85 21.48 19.44
N GLY C 166 -13.51 20.39 20.12
CA GLY C 166 -13.62 20.31 21.58
C GLY C 166 -13.88 18.95 22.22
N GLY C 167 -13.45 17.86 21.58
CA GLY C 167 -13.48 16.54 22.18
C GLY C 167 -12.26 16.32 23.03
N TYR C 168 -12.36 15.40 23.99
CA TYR C 168 -11.25 15.07 24.89
C TYR C 168 -11.49 13.73 25.57
N ALA C 169 -10.39 13.05 25.92
CA ALA C 169 -10.47 11.72 26.56
C ALA C 169 -10.94 11.84 28.01
N PHE C 170 -10.14 12.49 28.86
CA PHE C 170 -10.49 12.72 30.25
C PHE C 170 -10.04 14.12 30.63
N LYS C 171 -10.91 14.90 31.27
CA LYS C 171 -10.58 16.29 31.60
C LYS C 171 -9.49 16.38 32.65
N TYR C 172 -8.60 17.34 32.47
CA TYR C 172 -7.52 17.63 33.40
C TYR C 172 -8.11 18.55 34.47
N GLU C 173 -7.96 18.15 35.74
CA GLU C 173 -8.47 18.95 36.87
C GLU C 173 -7.32 19.74 37.49
N ASN C 174 -6.61 20.48 36.63
CA ASN C 174 -5.32 21.14 36.95
C ASN C 174 -4.47 20.39 37.99
N GLY C 175 -4.01 19.21 37.61
CA GLY C 175 -3.06 18.41 38.40
C GLY C 175 -3.19 16.91 38.21
N LYS C 176 -4.44 16.44 38.19
CA LYS C 176 -4.75 15.05 37.86
C LYS C 176 -6.00 14.97 37.00
N TYR C 177 -6.16 13.84 36.31
CA TYR C 177 -7.27 13.64 35.39
C TYR C 177 -8.52 13.21 36.13
N ASP C 178 -9.65 13.83 35.78
CA ASP C 178 -10.97 13.42 36.28
C ASP C 178 -11.44 12.22 35.47
N ILE C 179 -11.41 11.03 36.09
CA ILE C 179 -11.79 9.78 35.40
C ILE C 179 -13.28 9.68 35.03
N LYS C 180 -14.11 10.51 35.66
CA LYS C 180 -15.55 10.51 35.41
C LYS C 180 -16.00 11.53 34.34
N ASP C 181 -15.17 12.54 34.06
CA ASP C 181 -15.47 13.55 33.03
C ASP C 181 -14.84 13.18 31.68
N VAL C 182 -15.60 12.43 30.87
CA VAL C 182 -15.18 11.98 29.54
C VAL C 182 -15.87 12.83 28.48
N GLY C 183 -15.11 13.24 27.46
CA GLY C 183 -15.61 14.17 26.44
C GLY C 183 -15.61 13.66 25.01
N VAL C 184 -15.89 12.37 24.82
CA VAL C 184 -16.12 11.82 23.46
C VAL C 184 -17.54 12.08 22.96
N ASP C 185 -18.45 12.46 23.86
CA ASP C 185 -19.87 12.67 23.53
C ASP C 185 -20.18 14.10 23.08
N ASN C 186 -19.43 15.07 23.61
CA ASN C 186 -19.66 16.51 23.41
C ASN C 186 -19.75 16.97 21.93
N ALA C 187 -20.43 18.10 21.72
CA ALA C 187 -20.71 18.63 20.37
C ALA C 187 -19.45 18.79 19.50
N GLY C 188 -18.36 19.23 20.11
CA GLY C 188 -17.06 19.31 19.45
C GLY C 188 -16.60 17.98 18.90
N ALA C 189 -16.80 16.92 19.69
CA ALA C 189 -16.44 15.56 19.27
C ALA C 189 -17.36 15.04 18.16
N LYS C 190 -18.65 15.30 18.29
CA LYS C 190 -19.63 14.94 17.27
C LYS C 190 -19.32 15.64 15.94
N ALA C 191 -19.08 16.95 16.00
CA ALA C 191 -18.75 17.75 14.82
C ALA C 191 -17.57 17.19 14.02
N GLY C 192 -16.51 16.83 14.74
CA GLY C 192 -15.31 16.27 14.11
C GLY C 192 -15.57 14.95 13.40
N LEU C 193 -16.20 14.01 14.12
CA LEU C 193 -16.49 12.69 13.56
C LEU C 193 -17.51 12.75 12.42
N THR C 194 -18.50 13.63 12.56
CA THR C 194 -19.49 13.89 11.50
C THR C 194 -18.79 14.25 10.20
N PHE C 195 -17.81 15.17 10.27
CA PHE C 195 -17.06 15.59 9.10
C PHE C 195 -16.26 14.43 8.48
N LEU C 196 -15.69 13.58 9.32
CA LEU C 196 -15.00 12.37 8.86
C LEU C 196 -15.96 11.41 8.17
N VAL C 197 -17.15 11.23 8.74
CA VAL C 197 -18.18 10.38 8.14
C VAL C 197 -18.65 10.95 6.79
N ASP C 198 -18.83 12.27 6.74
CA ASP C 198 -19.27 12.97 5.52
C ASP C 198 -18.29 12.81 4.35
N LEU C 199 -16.99 12.87 4.64
CA LEU C 199 -15.95 12.62 3.62
C LEU C 199 -16.06 11.21 3.02
N ILE C 200 -16.40 10.24 3.87
CA ILE C 200 -16.58 8.85 3.44
C ILE C 200 -17.89 8.69 2.68
N LYS C 201 -18.95 9.32 3.17
CA LYS C 201 -20.26 9.28 2.50
C LYS C 201 -20.25 9.91 1.10
N ASN C 202 -19.46 10.97 0.92
CA ASN C 202 -19.34 11.65 -0.39
C ASN C 202 -18.22 11.07 -1.29
N LYS C 203 -17.77 9.85 -1.01
CA LYS C 203 -16.80 9.13 -1.85
C LYS C 203 -15.41 9.80 -1.95
N HIS C 204 -15.07 10.67 -1.00
CA HIS C 204 -13.75 11.29 -0.95
C HIS C 204 -12.77 10.31 -0.30
N MET C 205 -13.23 9.67 0.80
CA MET C 205 -12.50 8.60 1.47
C MET C 205 -13.25 7.28 1.41
N ASN C 206 -12.57 6.20 1.80
CA ASN C 206 -13.11 4.84 1.79
C ASN C 206 -13.08 4.28 3.22
N ALA C 207 -14.23 3.81 3.70
CA ALA C 207 -14.44 3.43 5.11
C ALA C 207 -13.45 2.39 5.66
N ASP C 208 -13.06 1.43 4.81
CA ASP C 208 -12.21 0.30 5.25
C ASP C 208 -10.79 0.44 4.72
N THR C 209 -10.19 1.59 4.97
CA THR C 209 -8.81 1.90 4.61
C THR C 209 -7.93 1.70 5.83
N ASP C 210 -7.02 0.73 5.76
CA ASP C 210 -6.06 0.46 6.83
C ASP C 210 -4.69 1.10 6.55
N TYR C 211 -3.74 0.93 7.46
CA TYR C 211 -2.40 1.52 7.36
C TYR C 211 -1.66 1.12 6.08
N SER C 212 -1.71 -0.16 5.73
CA SER C 212 -1.02 -0.70 4.55
C SER C 212 -1.61 -0.16 3.24
N ILE C 213 -2.91 0.11 3.23
CA ILE C 213 -3.58 0.69 2.05
C ILE C 213 -3.12 2.14 1.87
N ALA C 214 -3.13 2.88 2.97
CA ALA C 214 -2.78 4.31 2.98
C ALA C 214 -1.34 4.58 2.56
N GLU C 215 -0.38 3.95 3.25
CA GLU C 215 1.04 4.16 2.95
C GLU C 215 1.36 3.76 1.50
N ALA C 216 0.84 2.60 1.08
CA ALA C 216 1.03 2.13 -0.30
C ALA C 216 0.52 3.12 -1.34
N ALA C 217 -0.65 3.71 -1.08
CA ALA C 217 -1.25 4.68 -2.00
C ALA C 217 -0.43 5.97 -2.13
N PHE C 218 -0.03 6.55 -1.00
CA PHE C 218 0.77 7.78 -0.99
C PHE C 218 2.19 7.57 -1.53
N ASN C 219 2.80 6.44 -1.17
CA ASN C 219 4.17 6.13 -1.59
C ASN C 219 4.26 5.76 -3.09
N LYS C 220 3.20 5.19 -3.65
CA LYS C 220 3.10 4.94 -5.10
C LYS C 220 2.73 6.20 -5.91
N GLY C 221 2.24 7.24 -5.24
CA GLY C 221 1.86 8.50 -5.87
C GLY C 221 0.42 8.53 -6.35
N GLU C 222 -0.45 7.75 -5.70
CA GLU C 222 -1.86 7.64 -6.06
C GLU C 222 -2.75 8.63 -5.28
N THR C 223 -2.23 9.16 -4.17
CA THR C 223 -2.92 10.20 -3.38
C THR C 223 -1.96 11.31 -3.00
N ALA C 224 -2.51 12.50 -2.78
CA ALA C 224 -1.73 13.72 -2.56
C ALA C 224 -1.38 14.00 -1.10
N MET C 225 -2.11 13.40 -0.16
CA MET C 225 -1.90 13.62 1.27
C MET C 225 -2.13 12.37 2.11
N THR C 226 -1.39 12.27 3.21
CA THR C 226 -1.62 11.25 4.26
C THR C 226 -1.30 11.84 5.62
N ILE C 227 -1.86 11.23 6.67
CA ILE C 227 -1.57 11.60 8.05
C ILE C 227 -0.85 10.42 8.68
N ASN C 228 0.32 10.70 9.27
CA ASN C 228 1.20 9.65 9.79
C ASN C 228 2.28 10.25 10.68
N GLY C 229 2.95 9.38 11.45
CA GLY C 229 4.05 9.77 12.33
C GLY C 229 5.41 9.72 11.66
N PRO C 230 6.49 9.98 12.41
CA PRO C 230 7.87 9.94 11.90
C PRO C 230 8.28 8.60 11.24
N TRP C 231 8.03 7.50 11.93
CA TRP C 231 8.31 6.13 11.44
C TRP C 231 8.02 5.86 9.96
N ALA C 232 6.94 6.45 9.45
CA ALA C 232 6.54 6.29 8.05
C ALA C 232 7.47 6.97 7.02
N TRP C 233 8.27 7.95 7.46
CA TRP C 233 9.12 8.71 6.54
C TRP C 233 10.16 7.85 5.81
N SER C 234 10.63 6.80 6.48
CA SER C 234 11.65 5.91 5.92
C SER C 234 11.23 5.31 4.58
N ASN C 235 10.01 4.75 4.52
CA ASN C 235 9.50 4.14 3.30
C ASN C 235 9.23 5.13 2.17
N ILE C 236 8.90 6.37 2.54
CA ILE C 236 8.60 7.43 1.57
C ILE C 236 9.88 7.88 0.85
N ASP C 237 10.97 8.00 1.61
CA ASP C 237 12.30 8.31 1.06
C ASP C 237 12.72 7.29 0.00
N THR C 238 12.43 6.01 0.26
CA THR C 238 12.77 4.92 -0.67
C THR C 238 12.07 5.10 -2.02
N SER C 239 10.75 5.29 -1.96
CA SER C 239 9.93 5.54 -3.16
C SER C 239 10.27 6.87 -3.81
N ALA C 240 10.74 7.83 -3.02
CA ALA C 240 11.20 9.13 -3.50
C ALA C 240 10.04 9.86 -4.19
N VAL C 241 8.95 9.98 -3.45
CA VAL C 241 7.86 10.86 -3.79
C VAL C 241 8.25 12.18 -3.14
N ASN C 242 8.47 13.22 -3.96
CA ASN C 242 8.90 14.51 -3.43
C ASN C 242 7.83 15.03 -2.47
N TYR C 243 8.13 14.94 -1.17
CA TYR C 243 7.13 15.14 -0.11
C TYR C 243 7.61 16.16 0.92
N GLY C 244 6.64 16.72 1.64
CA GLY C 244 6.89 17.61 2.77
C GLY C 244 6.03 17.21 3.95
N VAL C 245 6.52 17.48 5.15
CA VAL C 245 5.79 17.22 6.38
C VAL C 245 5.43 18.57 6.97
N THR C 246 4.16 18.75 7.36
CA THR C 246 3.67 20.04 7.84
C THR C 246 2.55 19.91 8.87
N VAL C 247 2.02 21.05 9.29
CA VAL C 247 1.01 21.13 10.35
C VAL C 247 -0.31 20.56 9.83
N LEU C 248 -1.04 19.90 10.73
CA LEU C 248 -2.35 19.34 10.40
C LEU C 248 -3.37 20.44 10.11
N PRO C 249 -4.32 20.17 9.18
CA PRO C 249 -5.29 21.21 8.81
C PRO C 249 -6.25 21.55 9.95
N THR C 250 -6.71 22.80 9.97
CA THR C 250 -7.62 23.27 11.02
C THR C 250 -9.05 22.83 10.74
N PHE C 251 -9.84 22.74 11.80
CA PHE C 251 -11.27 22.45 11.69
C PHE C 251 -12.04 23.47 12.51
N LYS C 252 -13.05 24.09 11.90
CA LYS C 252 -13.82 25.18 12.51
C LYS C 252 -12.91 26.29 13.08
N GLY C 253 -11.82 26.57 12.37
CA GLY C 253 -10.85 27.59 12.81
C GLY C 253 -9.76 27.08 13.74
N GLN C 254 -10.14 26.21 14.69
CA GLN C 254 -9.20 25.66 15.68
C GLN C 254 -8.34 24.55 15.06
N PRO C 255 -7.11 24.37 15.58
CA PRO C 255 -6.20 23.40 14.98
C PRO C 255 -6.52 21.97 15.40
N SER C 256 -6.13 21.01 14.57
CA SER C 256 -6.23 19.60 14.93
C SER C 256 -5.30 19.32 16.09
N LYS C 257 -5.79 18.59 17.09
CA LYS C 257 -5.02 18.24 18.28
C LYS C 257 -4.72 16.74 18.31
N PRO C 258 -3.57 16.32 17.72
CA PRO C 258 -3.22 14.90 17.82
C PRO C 258 -2.76 14.56 19.23
N PHE C 259 -3.06 13.35 19.67
CA PHE C 259 -2.51 12.86 20.92
C PHE C 259 -1.01 12.64 20.71
N VAL C 260 -0.22 13.08 21.68
CA VAL C 260 1.25 12.99 21.61
C VAL C 260 1.73 11.82 22.44
N GLY C 261 2.38 10.86 21.78
CA GLY C 261 2.97 9.69 22.44
C GLY C 261 4.44 9.88 22.75
N VAL C 262 4.86 9.24 23.85
CA VAL C 262 6.26 9.15 24.23
C VAL C 262 6.58 7.66 24.21
N LEU C 263 7.28 7.23 23.15
CA LEU C 263 7.73 5.85 23.02
C LEU C 263 8.63 5.56 24.21
N SER C 264 8.18 4.66 25.09
CA SER C 264 8.89 4.35 26.32
C SER C 264 9.33 2.89 26.35
N ALA C 265 10.38 2.61 27.12
CA ALA C 265 10.90 1.27 27.29
C ALA C 265 10.83 0.89 28.77
N GLY C 266 9.89 0.03 29.11
CA GLY C 266 9.72 -0.46 30.49
C GLY C 266 10.21 -1.88 30.64
N ILE C 267 10.71 -2.19 31.83
CA ILE C 267 11.28 -3.51 32.13
C ILE C 267 10.22 -4.36 32.82
N ASN C 268 10.16 -5.64 32.47
CA ASN C 268 9.15 -6.56 33.03
C ASN C 268 9.50 -6.88 34.49
N ALA C 269 8.53 -6.72 35.38
CA ALA C 269 8.72 -7.00 36.82
C ALA C 269 9.00 -8.47 37.12
N ALA C 270 8.52 -9.36 36.25
CA ALA C 270 8.73 -10.80 36.39
C ALA C 270 9.96 -11.35 35.64
N SER C 271 10.90 -10.47 35.24
CA SER C 271 12.12 -10.91 34.57
C SER C 271 13.26 -11.03 35.57
N PRO C 272 14.17 -12.01 35.36
CA PRO C 272 15.39 -12.11 36.16
C PRO C 272 16.48 -11.12 35.72
N ASN C 273 16.38 -10.59 34.50
CA ASN C 273 17.43 -9.76 33.90
C ASN C 273 17.13 -8.26 34.04
N LYS C 274 16.79 -7.83 35.24
CA LYS C 274 16.46 -6.41 35.51
C LYS C 274 17.67 -5.50 35.41
N GLU C 275 18.81 -5.96 35.92
CA GLU C 275 20.07 -5.20 35.86
C GLU C 275 20.72 -5.25 34.48
N LEU C 276 20.53 -6.34 33.75
CA LEU C 276 21.02 -6.47 32.36
C LEU C 276 20.27 -5.55 31.38
N ALA C 277 18.98 -5.32 31.63
CA ALA C 277 18.17 -4.40 30.81
C ALA C 277 18.56 -2.93 31.03
N LYS C 278 18.83 -2.56 32.29
CA LYS C 278 19.24 -1.19 32.64
C LYS C 278 20.57 -0.79 32.01
N GLU C 279 21.49 -1.75 31.87
CA GLU C 279 22.74 -1.54 31.12
C GLU C 279 22.44 -1.32 29.64
N PHE C 280 21.57 -2.15 29.08
CA PHE C 280 21.17 -2.03 27.66
C PHE C 280 20.47 -0.70 27.36
N LEU C 281 19.59 -0.27 28.27
CA LEU C 281 18.84 0.98 28.06
C LEU C 281 19.70 2.22 28.26
N GLU C 282 20.31 2.32 29.43
CA GLU C 282 21.04 3.55 29.82
C GLU C 282 22.36 3.73 29.08
N ASN C 283 23.12 2.65 28.92
CA ASN C 283 24.48 2.73 28.37
C ASN C 283 24.62 2.32 26.90
N TYR C 284 23.61 1.69 26.30
CA TYR C 284 23.68 1.25 24.89
C TYR C 284 22.61 1.87 23.97
N LEU C 285 21.33 1.83 24.39
CA LEU C 285 20.25 2.41 23.58
C LEU C 285 20.19 3.92 23.70
N LEU C 286 20.02 4.43 24.92
CA LEU C 286 19.96 5.89 25.15
C LEU C 286 21.35 6.53 25.09
N THR C 287 21.92 6.49 23.90
CA THR C 287 23.18 7.15 23.56
C THR C 287 23.07 7.59 22.11
N ASP C 288 23.96 8.47 21.70
CA ASP C 288 23.88 9.07 20.37
C ASP C 288 24.10 8.03 19.27
N GLU C 289 25.00 7.07 19.49
CA GLU C 289 25.25 5.97 18.54
C GLU C 289 24.04 5.05 18.43
N GLY C 290 23.50 4.66 19.59
CA GLY C 290 22.38 3.71 19.66
C GLY C 290 21.09 4.22 19.03
N LEU C 291 20.73 5.47 19.33
CA LEU C 291 19.49 6.05 18.81
C LEU C 291 19.51 6.24 17.29
N GLU C 292 20.66 6.64 16.73
CA GLU C 292 20.75 6.82 15.27
C GLU C 292 20.71 5.51 14.48
N ALA C 293 21.17 4.42 15.09
CA ALA C 293 21.05 3.08 14.49
C ALA C 293 19.59 2.67 14.33
N VAL C 294 18.75 3.07 15.29
CA VAL C 294 17.30 2.87 15.22
C VAL C 294 16.70 3.87 14.23
N ASN C 295 17.02 5.15 14.42
CA ASN C 295 16.51 6.25 13.60
C ASN C 295 16.80 6.09 12.10
N LYS C 296 17.96 5.52 11.77
CA LYS C 296 18.30 5.22 10.37
C LYS C 296 17.35 4.22 9.74
N ASP C 297 16.99 3.17 10.48
CA ASP C 297 16.06 2.15 9.97
C ASP C 297 14.68 2.76 9.75
N LYS C 298 14.08 3.27 10.83
CA LYS C 298 12.79 3.97 10.78
C LYS C 298 12.73 5.03 11.89
N PRO C 299 12.63 6.34 11.51
CA PRO C 299 12.71 7.47 12.45
C PRO C 299 11.95 7.31 13.75
N LEU C 300 12.61 7.67 14.86
CA LEU C 300 12.00 7.63 16.19
C LEU C 300 11.06 8.81 16.39
N GLY C 301 11.45 9.96 15.86
CA GLY C 301 10.72 11.23 16.03
C GLY C 301 11.64 12.24 16.66
N ALA C 302 11.12 13.03 17.60
CA ALA C 302 11.93 13.95 18.38
C ALA C 302 12.33 13.23 19.66
N VAL C 303 13.60 12.85 19.78
CA VAL C 303 14.05 11.99 20.88
C VAL C 303 14.09 12.68 22.25
N ALA C 304 13.99 11.88 23.30
CA ALA C 304 14.05 12.35 24.68
C ALA C 304 15.48 12.69 25.12
N LEU C 305 16.47 12.07 24.46
CA LEU C 305 17.89 12.31 24.77
C LEU C 305 18.35 13.68 24.25
N LYS C 306 18.73 14.56 25.19
CA LYS C 306 19.09 15.96 24.85
C LYS C 306 20.19 16.08 23.81
N SER C 307 21.23 15.25 23.95
CA SER C 307 22.39 15.28 23.07
C SER C 307 22.06 14.95 21.62
N TYR C 308 21.20 13.94 21.41
CA TYR C 308 20.81 13.52 20.06
C TYR C 308 19.68 14.36 19.47
N GLU C 309 18.81 14.93 20.31
CA GLU C 309 17.75 15.85 19.84
C GLU C 309 18.33 17.12 19.19
N GLU C 310 19.48 17.57 19.69
CA GLU C 310 20.23 18.70 19.13
C GLU C 310 20.42 18.58 17.61
N GLU C 311 20.73 17.37 17.14
CA GLU C 311 20.87 17.08 15.70
C GLU C 311 19.54 17.00 14.98
N LEU C 312 18.59 16.28 15.58
CA LEU C 312 17.28 16.05 14.96
C LEU C 312 16.41 17.32 14.87
N ALA C 313 16.64 18.28 15.76
CA ALA C 313 15.91 19.56 15.74
C ALA C 313 16.16 20.39 14.48
N LYS C 314 17.34 20.21 13.87
CA LYS C 314 17.70 20.90 12.61
C LYS C 314 16.81 20.51 11.42
N ASP C 315 16.40 19.24 11.39
CA ASP C 315 15.52 18.72 10.35
C ASP C 315 14.12 19.35 10.45
N PRO C 316 13.62 20.00 9.37
CA PRO C 316 12.29 20.63 9.42
C PRO C 316 11.09 19.69 9.58
N ARG C 317 11.28 18.40 9.29
CA ARG C 317 10.24 17.39 9.54
C ARG C 317 9.94 17.25 11.04
N ILE C 318 11.00 17.21 11.85
CA ILE C 318 10.88 17.18 13.32
C ILE C 318 10.30 18.51 13.83
N ALA C 319 10.72 19.63 13.25
CA ALA C 319 10.16 20.93 13.57
C ALA C 319 8.65 20.98 13.32
N ALA C 320 8.22 20.37 12.21
CA ALA C 320 6.78 20.21 11.92
C ALA C 320 6.10 19.28 12.93
N THR C 321 6.76 18.16 13.26
CA THR C 321 6.24 17.20 14.25
C THR C 321 6.04 17.84 15.64
N MET C 322 7.02 18.61 16.09
CA MET C 322 6.91 19.33 17.38
C MET C 322 5.83 20.42 17.36
N GLU C 323 5.67 21.10 16.22
CA GLU C 323 4.63 22.11 16.08
C GLU C 323 3.22 21.50 16.21
N ASN C 324 3.03 20.31 15.63
CA ASN C 324 1.78 19.56 15.82
C ASN C 324 1.60 19.14 17.28
N ALA C 325 2.67 18.60 17.87
CA ALA C 325 2.65 18.15 19.27
C ALA C 325 2.36 19.29 20.26
N GLN C 326 2.87 20.49 19.98
CA GLN C 326 2.55 21.67 20.80
C GLN C 326 1.05 21.98 20.77
N LYS C 327 0.50 22.04 19.57
CA LYS C 327 -0.93 22.33 19.37
C LYS C 327 -1.83 21.22 19.92
N GLY C 328 -1.36 19.97 19.82
CA GLY C 328 -2.04 18.85 20.45
C GLY C 328 -1.82 18.83 21.95
N GLU C 329 -2.11 17.68 22.56
CA GLU C 329 -1.87 17.48 24.00
C GLU C 329 -1.38 16.06 24.28
N ILE C 330 -0.61 15.94 25.36
CA ILE C 330 0.05 14.69 25.74
C ILE C 330 -0.96 13.66 26.24
N MET C 331 -0.77 12.39 25.89
CA MET C 331 -1.65 11.32 26.34
C MET C 331 -1.55 11.16 27.86
N PRO C 332 -2.70 10.89 28.52
CA PRO C 332 -2.62 10.38 29.89
C PRO C 332 -1.97 8.99 29.93
N ASN C 333 -1.27 8.67 31.02
CA ASN C 333 -0.74 7.32 31.22
C ASN C 333 -1.68 6.40 32.02
N ILE C 334 -2.74 6.99 32.60
CA ILE C 334 -3.65 6.29 33.54
C ILE C 334 -4.28 4.99 32.98
N PRO C 335 -4.71 4.07 33.87
CA PRO C 335 -5.25 2.77 33.41
C PRO C 335 -6.56 2.84 32.62
N GLN C 336 -7.27 3.96 32.72
CA GLN C 336 -8.54 4.14 32.03
C GLN C 336 -8.40 4.25 30.50
N MET C 337 -7.21 4.67 30.04
CA MET C 337 -6.95 4.92 28.61
C MET C 337 -7.16 3.71 27.70
N SER C 338 -6.80 2.52 28.17
CA SER C 338 -7.00 1.29 27.40
C SER C 338 -8.47 1.05 27.07
N ALA C 339 -9.34 1.32 28.05
CA ALA C 339 -10.79 1.25 27.86
C ALA C 339 -11.29 2.35 26.93
N PHE C 340 -10.80 3.59 27.15
CA PHE C 340 -11.10 4.73 26.26
C PHE C 340 -10.78 4.43 24.80
N TRP C 341 -9.59 3.89 24.55
CA TRP C 341 -9.13 3.67 23.18
C TRP C 341 -10.00 2.69 22.38
N TYR C 342 -10.21 1.49 22.90
CA TYR C 342 -11.06 0.51 22.20
C TYR C 342 -12.56 0.85 22.24
N ALA C 343 -12.96 1.79 23.11
CA ALA C 343 -14.30 2.38 23.06
C ALA C 343 -14.45 3.33 21.87
N VAL C 344 -13.46 4.19 21.65
CA VAL C 344 -13.45 5.12 20.51
C VAL C 344 -13.18 4.38 19.19
N ARG C 345 -12.35 3.34 19.22
CA ARG C 345 -12.08 2.49 18.04
C ARG C 345 -13.37 2.02 17.38
N THR C 346 -14.29 1.50 18.19
CA THR C 346 -15.59 1.00 17.71
C THR C 346 -16.43 2.12 17.12
N ALA C 347 -16.58 3.21 17.87
CA ALA C 347 -17.39 4.36 17.46
C ALA C 347 -16.94 4.96 16.11
N VAL C 348 -15.64 5.03 15.89
CA VAL C 348 -15.10 5.50 14.61
C VAL C 348 -15.42 4.53 13.47
N ILE C 349 -15.23 3.23 13.70
CA ILE C 349 -15.42 2.21 12.65
C ILE C 349 -16.90 2.01 12.30
N ASN C 350 -17.76 2.00 13.32
CA ASN C 350 -19.21 1.85 13.10
C ASN C 350 -19.80 3.04 12.33
N ALA C 351 -19.43 4.25 12.73
CA ALA C 351 -19.89 5.48 12.06
C ALA C 351 -19.34 5.58 10.64
N ALA C 352 -18.08 5.19 10.45
CA ALA C 352 -17.44 5.19 9.12
C ALA C 352 -18.12 4.22 8.14
N SER C 353 -18.33 2.99 8.60
CA SER C 353 -19.01 1.97 7.79
C SER C 353 -20.50 2.24 7.63
N GLY C 354 -21.10 2.97 8.56
CA GLY C 354 -22.50 3.40 8.46
C GLY C 354 -23.51 2.47 9.10
N ARG C 355 -23.05 1.66 10.06
CA ARG C 355 -23.96 0.82 10.85
C ARG C 355 -24.69 1.66 11.90
N GLN C 356 -23.96 2.56 12.55
CA GLN C 356 -24.52 3.54 13.50
C GLN C 356 -24.38 4.96 13.00
N THR C 357 -25.16 5.86 13.62
CA THR C 357 -24.96 7.30 13.46
C THR C 357 -23.86 7.78 14.39
N VAL C 358 -23.38 8.98 14.13
CA VAL C 358 -22.33 9.60 14.93
C VAL C 358 -22.82 9.88 16.36
N ASP C 359 -24.05 10.39 16.47
CA ASP C 359 -24.65 10.66 17.79
C ASP C 359 -24.84 9.39 18.61
N ALA C 360 -25.24 8.30 17.95
CA ALA C 360 -25.41 7.00 18.60
C ALA C 360 -24.09 6.34 18.96
N ALA C 361 -23.14 6.37 18.02
CA ALA C 361 -21.83 5.73 18.20
C ALA C 361 -21.03 6.34 19.35
N LEU C 362 -20.98 7.67 19.41
CA LEU C 362 -20.25 8.39 20.46
C LEU C 362 -20.95 8.34 21.82
N ALA C 363 -22.28 8.30 21.81
CA ALA C 363 -23.05 8.08 23.05
C ALA C 363 -22.75 6.71 23.66
N ALA C 364 -22.55 5.70 22.81
CA ALA C 364 -22.15 4.36 23.25
C ALA C 364 -20.73 4.36 23.81
N ALA C 365 -19.81 4.97 23.07
CA ALA C 365 -18.42 5.11 23.52
C ALA C 365 -18.26 5.98 24.77
N GLN C 366 -19.18 6.92 24.99
CA GLN C 366 -19.17 7.77 26.20
C GLN C 366 -19.30 6.94 27.47
N THR C 367 -20.33 6.10 27.53
CA THR C 367 -20.53 5.19 28.66
C THR C 367 -19.41 4.16 28.78
N ASN C 368 -18.96 3.62 27.64
CA ASN C 368 -17.91 2.60 27.61
C ASN C 368 -16.54 3.12 28.07
N ALA C 369 -16.16 4.30 27.60
CA ALA C 369 -14.89 4.92 27.98
C ALA C 369 -14.85 5.31 29.46
N ALA C 370 -15.96 5.87 29.94
CA ALA C 370 -16.11 6.23 31.35
C ALA C 370 -15.89 5.01 32.24
N ALA C 371 -16.54 3.90 31.86
CA ALA C 371 -16.35 2.59 32.48
C ALA C 371 -16.72 2.62 33.95
N ILE C 372 -17.95 3.04 34.21
CA ILE C 372 -18.38 3.41 35.56
C ILE C 372 -18.81 2.16 36.32
N ALA C 373 -19.63 1.33 35.67
CA ALA C 373 -20.13 0.10 36.28
C ALA C 373 -19.04 -0.96 36.43
N GLN C 374 -18.29 -1.19 35.34
CA GLN C 374 -17.24 -2.22 35.32
C GLN C 374 -16.16 -1.99 36.38
N GLN C 375 -15.85 -0.72 36.67
CA GLN C 375 -14.91 -0.35 37.74
C GLN C 375 -15.57 -0.39 39.13
N TRP C 376 -16.85 -0.02 39.20
CA TRP C 376 -17.62 -0.12 40.45
C TRP C 376 -17.74 -1.58 40.92
N ILE C 377 -17.99 -2.50 39.97
CA ILE C 377 -17.96 -3.93 40.26
C ILE C 377 -16.57 -4.36 40.76
N GLN C 378 -15.53 -3.92 40.08
CA GLN C 378 -14.15 -4.23 40.47
C GLN C 378 -13.77 -3.67 41.85
N SER C 379 -14.30 -2.51 42.21
CA SER C 379 -14.02 -1.89 43.51
C SER C 379 -14.61 -2.66 44.69
N LYS C 380 -15.78 -3.28 44.50
CA LYS C 380 -16.45 -4.07 45.53
C LYS C 380 -16.63 -5.52 45.04
N ARG C 381 -15.56 -6.09 44.52
CA ARG C 381 -15.59 -7.40 43.85
C ARG C 381 -15.98 -8.54 44.80
N GLU C 382 -15.23 -8.66 45.89
CA GLU C 382 -15.45 -9.75 46.86
C GLU C 382 -16.75 -9.58 47.65
N ASP C 383 -17.14 -8.33 47.92
CA ASP C 383 -18.42 -8.05 48.57
C ASP C 383 -19.59 -8.54 47.72
N ILE C 384 -19.52 -8.30 46.41
CA ILE C 384 -20.56 -8.75 45.47
C ILE C 384 -20.61 -10.29 45.39
N VAL C 385 -19.46 -10.95 45.46
CA VAL C 385 -19.43 -12.43 45.46
C VAL C 385 -20.16 -12.98 46.69
N ASN C 386 -19.91 -12.39 47.85
CA ASN C 386 -20.54 -12.82 49.11
C ASN C 386 -22.01 -12.40 49.23
N GLN C 387 -22.36 -11.21 48.74
CA GLN C 387 -23.68 -10.60 49.00
C GLN C 387 -24.75 -10.75 47.92
N MET C 388 -24.41 -11.27 46.74
CA MET C 388 -25.39 -11.44 45.66
C MET C 388 -26.29 -12.64 45.95
N THR C 389 -27.61 -12.43 45.89
CA THR C 389 -28.57 -13.51 46.06
C THR C 389 -28.61 -14.41 44.82
N GLU C 390 -29.08 -15.63 45.00
CA GLU C 390 -29.22 -16.58 43.88
C GLU C 390 -30.33 -16.16 42.92
N ALA C 391 -31.30 -15.39 43.42
CA ALA C 391 -32.33 -14.76 42.59
C ALA C 391 -31.73 -13.68 41.68
N CYS C 392 -30.94 -12.78 42.27
CA CYS C 392 -30.26 -11.70 41.54
C CYS C 392 -29.33 -12.22 40.44
N LEU C 393 -28.62 -13.31 40.75
CA LEU C 393 -27.81 -14.03 39.76
C LEU C 393 -28.62 -14.47 38.55
N ASN C 394 -29.70 -15.18 38.81
CA ASN C 394 -30.56 -15.73 37.74
C ASN C 394 -31.30 -14.63 36.97
N GLN C 395 -31.77 -13.61 37.68
CA GLN C 395 -32.34 -12.40 37.05
C GLN C 395 -31.35 -11.72 36.10
N SER C 396 -30.08 -11.60 36.54
CA SER C 396 -29.01 -11.06 35.69
C SER C 396 -28.72 -11.98 34.50
N LEU C 397 -28.56 -13.27 34.78
CA LEU C 397 -28.32 -14.28 33.71
C LEU C 397 -29.43 -14.36 32.66
N ASP C 398 -30.68 -14.19 33.10
CA ASP C 398 -31.84 -14.18 32.18
C ASP C 398 -31.85 -12.91 31.33
N ALA C 399 -31.76 -11.76 31.99
CA ALA C 399 -31.79 -10.45 31.32
C ALA C 399 -30.59 -10.24 30.39
N LEU C 400 -29.42 -10.72 30.78
CA LEU C 400 -28.22 -10.67 29.93
C LEU C 400 -28.34 -11.56 28.68
N LEU C 401 -28.97 -12.72 28.83
CA LEU C 401 -29.18 -13.64 27.70
C LEU C 401 -30.27 -13.14 26.73
N SER C 402 -31.28 -12.44 27.26
CA SER C 402 -32.34 -11.84 26.42
C SER C 402 -31.85 -10.68 25.53
N ARG C 403 -30.79 -9.99 25.98
CA ARG C 403 -30.14 -8.92 25.18
C ARG C 403 -28.89 -9.38 24.40
N ASP C 404 -28.70 -10.70 24.25
CA ASP C 404 -27.55 -11.28 23.53
C ASP C 404 -26.17 -10.78 24.00
N LEU C 405 -26.06 -10.48 25.30
CA LEU C 405 -24.79 -9.99 25.87
C LEU C 405 -23.88 -11.13 26.35
N ILE C 406 -24.45 -12.31 26.61
CA ILE C 406 -23.66 -13.51 26.95
C ILE C 406 -23.66 -14.44 25.75
N MET C 407 -22.50 -15.04 25.47
CA MET C 407 -22.41 -16.14 24.50
C MET C 407 -23.01 -17.42 25.10
N LYS C 408 -23.24 -18.41 24.24
CA LYS C 408 -23.82 -19.69 24.64
C LYS C 408 -22.86 -20.50 25.51
N GLU C 409 -21.57 -20.45 25.19
CA GLU C 409 -20.52 -21.08 26.00
C GLU C 409 -20.33 -20.42 27.37
N ASP C 410 -20.28 -19.07 27.40
CA ASP C 410 -20.11 -18.29 28.65
C ASP C 410 -21.25 -18.46 29.65
N TYR C 411 -22.54 -18.55 29.15
CA TYR C 411 -23.69 -18.77 30.01
C TYR C 411 -23.64 -20.13 30.70
N GLU C 412 -23.36 -21.18 29.93
CA GLU C 412 -23.26 -22.54 30.47
C GLU C 412 -22.08 -22.74 31.41
N LEU C 413 -20.97 -22.06 31.13
CA LEU C 413 -19.77 -22.13 31.99
C LEU C 413 -20.02 -21.50 33.38
N VAL C 414 -20.86 -20.47 33.43
CA VAL C 414 -21.27 -19.85 34.71
C VAL C 414 -22.19 -20.79 35.49
N SER C 415 -23.29 -21.19 34.88
CA SER C 415 -24.35 -21.96 35.58
C SER C 415 -23.95 -23.39 35.99
N THR C 416 -22.96 -23.99 35.31
CA THR C 416 -22.45 -25.33 35.67
C THR C 416 -21.39 -25.32 36.79
N LYS C 417 -21.09 -24.14 37.38
CA LYS C 417 -20.33 -24.06 38.63
C LYS C 417 -21.10 -24.71 39.78
N PRO C 418 -20.38 -25.20 40.81
CA PRO C 418 -21.04 -25.95 41.90
C PRO C 418 -21.90 -25.11 42.82
N THR C 419 -21.41 -23.94 43.22
CA THR C 419 -22.06 -23.11 44.23
C THR C 419 -22.45 -21.75 43.70
N ARG C 420 -23.36 -21.11 44.42
CA ARG C 420 -23.79 -19.73 44.14
C ARG C 420 -22.65 -18.73 44.39
N THR C 421 -21.78 -19.01 45.36
CA THR C 421 -20.54 -18.24 45.55
C THR C 421 -19.60 -18.32 44.33
N SER C 422 -19.45 -19.52 43.77
CA SER C 422 -18.60 -19.75 42.59
C SER C 422 -19.23 -19.31 41.26
N LYS C 423 -20.56 -19.37 41.17
CA LYS C 423 -21.29 -18.85 39.99
C LYS C 423 -21.12 -17.34 39.83
N VAL C 424 -21.31 -16.60 40.93
CA VAL C 424 -21.18 -15.14 40.93
C VAL C 424 -19.74 -14.72 40.61
N ARG C 425 -18.79 -15.44 41.17
CA ARG C 425 -17.37 -15.28 40.84
C ARG C 425 -17.13 -15.41 39.33
N GLN C 426 -17.66 -16.48 38.75
CA GLN C 426 -17.55 -16.74 37.30
C GLN C 426 -18.31 -15.71 36.45
N LEU C 427 -19.41 -15.18 36.99
CA LEU C 427 -20.12 -14.05 36.37
C LEU C 427 -19.25 -12.79 36.37
N LEU C 428 -18.70 -12.44 37.53
CA LEU C 428 -17.80 -11.28 37.64
C LEU C 428 -16.45 -11.46 36.92
N ASP C 429 -16.04 -12.70 36.66
CA ASP C 429 -14.87 -12.95 35.79
C ASP C 429 -15.15 -12.55 34.34
N THR C 430 -16.35 -12.89 33.85
CA THR C 430 -16.77 -12.53 32.49
C THR C 430 -17.16 -11.05 32.32
N THR C 431 -17.51 -10.33 33.40
CA THR C 431 -17.80 -8.88 33.30
C THR C 431 -16.59 -8.07 32.84
N ASP C 432 -15.40 -8.49 33.27
CA ASP C 432 -14.15 -7.82 32.89
C ASP C 432 -13.83 -8.09 31.42
N ILE C 433 -14.06 -9.34 30.99
CA ILE C 433 -13.83 -9.74 29.59
C ILE C 433 -14.86 -9.15 28.62
N GLN C 434 -16.15 -9.20 28.98
CA GLN C 434 -17.26 -9.00 28.01
C GLN C 434 -17.78 -7.54 27.85
N GLY C 435 -17.16 -6.57 28.51
CA GLY C 435 -17.47 -5.15 28.29
C GLY C 435 -18.31 -4.50 29.36
N GLU C 436 -18.73 -3.23 29.09
CA GLU C 436 -19.36 -2.38 30.10
C GLU C 436 -20.89 -2.41 30.10
N GLU C 437 -21.44 -2.67 28.99
CA GLU C 437 -22.91 -2.83 28.90
C GLU C 437 -23.37 -4.10 29.64
N PHE C 438 -22.51 -5.11 29.63
CA PHE C 438 -22.65 -6.32 30.45
C PHE C 438 -22.75 -5.98 31.95
N ALA C 439 -21.85 -5.14 32.42
CA ALA C 439 -21.80 -4.74 33.84
C ALA C 439 -23.00 -3.92 34.30
N LYS C 440 -23.52 -3.05 33.42
CA LYS C 440 -24.71 -2.23 33.72
C LYS C 440 -25.95 -3.05 34.06
N VAL C 441 -26.07 -4.23 33.47
CA VAL C 441 -27.18 -5.13 33.76
C VAL C 441 -27.09 -5.65 35.19
N ILE C 442 -25.90 -6.12 35.58
CA ILE C 442 -25.69 -6.68 36.92
C ILE C 442 -25.89 -5.61 38.00
N VAL C 443 -25.32 -4.43 37.79
CA VAL C 443 -25.46 -3.32 38.75
C VAL C 443 -26.92 -2.84 38.83
N GLN C 444 -27.67 -2.98 37.74
CA GLN C 444 -29.11 -2.74 37.75
C GLN C 444 -29.85 -3.76 38.62
N LYS C 445 -29.53 -5.05 38.44
CA LYS C 445 -30.17 -6.12 39.22
C LYS C 445 -29.79 -6.09 40.69
N LEU C 446 -28.54 -5.74 41.00
CA LEU C 446 -28.10 -5.53 42.40
C LEU C 446 -28.85 -4.37 43.08
N LYS C 447 -29.18 -3.34 42.30
CA LYS C 447 -29.97 -2.19 42.78
C LYS C 447 -31.49 -2.52 42.84
N ASP C 448 -31.96 -3.38 41.93
CA ASP C 448 -33.37 -3.87 41.96
C ASP C 448 -33.66 -4.71 43.20
N ASN C 449 -32.76 -5.64 43.52
CA ASN C 449 -32.89 -6.51 44.70
C ASN C 449 -32.44 -5.86 46.01
N LYS C 450 -31.98 -4.60 45.96
CA LYS C 450 -31.68 -3.80 47.15
C LYS C 450 -30.60 -4.44 48.02
N GLN C 451 -29.44 -4.67 47.42
CA GLN C 451 -28.28 -5.25 48.10
C GLN C 451 -27.57 -4.12 48.85
N MET C 452 -28.26 -3.57 49.84
CA MET C 452 -27.83 -2.34 50.53
C MET C 452 -26.64 -2.52 51.49
N GLY C 453 -26.18 -3.75 51.66
CA GLY C 453 -24.85 -4.01 52.23
C GLY C 453 -23.73 -3.46 51.37
N LEU C 454 -23.60 -3.50 49.74
CA LEU C 454 -22.71 -2.86 48.79
C LEU C 454 -22.81 -1.38 49.11
N GLN C 455 -21.70 -0.68 48.97
CA GLN C 455 -21.57 0.70 49.38
C GLN C 455 -22.24 1.66 48.45
N PRO C 456 -21.80 2.97 48.47
CA PRO C 456 -22.54 3.87 47.58
C PRO C 456 -22.53 3.41 46.13
N TYR C 457 -23.70 3.51 45.52
CA TYR C 457 -23.89 3.12 44.11
C TYR C 457 -23.44 4.24 43.15
N PRO C 458 -23.44 3.96 41.84
CA PRO C 458 -23.40 5.03 40.85
C PRO C 458 -24.77 5.72 40.70
N LEU D 8 -28.75 -43.89 30.54
CA LEU D 8 -27.59 -44.08 29.63
C LEU D 8 -26.46 -43.13 30.00
N VAL D 9 -25.24 -43.66 30.06
CA VAL D 9 -24.04 -42.88 30.33
C VAL D 9 -23.07 -43.07 29.16
N ILE D 10 -22.83 -41.98 28.43
CA ILE D 10 -22.00 -41.97 27.22
C ILE D 10 -20.63 -41.37 27.53
N TRP D 11 -19.59 -42.06 27.05
CA TRP D 11 -18.21 -41.58 27.14
C TRP D 11 -17.72 -41.25 25.72
N ILE D 12 -17.24 -40.02 25.53
CA ILE D 12 -16.73 -39.53 24.23
C ILE D 12 -15.60 -38.55 24.46
N ASN D 13 -14.65 -38.48 23.52
CA ASN D 13 -13.46 -37.65 23.67
C ASN D 13 -13.80 -36.15 23.71
N GLY D 14 -13.01 -35.39 24.47
CA GLY D 14 -13.24 -33.96 24.68
C GLY D 14 -13.13 -33.08 23.46
N ASP D 15 -12.22 -33.44 22.55
CA ASP D 15 -12.03 -32.70 21.28
C ASP D 15 -13.23 -32.80 20.31
N LYS D 16 -14.02 -33.86 20.42
CA LYS D 16 -15.23 -34.05 19.59
C LYS D 16 -16.40 -33.22 20.13
N GLY D 17 -17.50 -33.21 19.38
CA GLY D 17 -18.70 -32.43 19.74
C GLY D 17 -19.59 -33.12 20.76
N TYR D 18 -19.17 -33.07 22.03
CA TYR D 18 -19.91 -33.72 23.13
C TYR D 18 -21.21 -32.99 23.51
N ASN D 19 -21.19 -31.65 23.50
CA ASN D 19 -22.40 -30.85 23.74
C ASN D 19 -23.45 -31.04 22.64
N GLY D 20 -23.00 -31.30 21.42
CA GLY D 20 -23.90 -31.67 20.33
C GLY D 20 -24.54 -33.03 20.55
N LEU D 21 -23.76 -34.01 21.00
CA LEU D 21 -24.27 -35.33 21.35
C LEU D 21 -25.17 -35.29 22.60
N ALA D 22 -24.92 -34.33 23.49
CA ALA D 22 -25.79 -34.09 24.65
C ALA D 22 -27.21 -33.64 24.23
N GLU D 23 -27.30 -32.85 23.16
CA GLU D 23 -28.60 -32.45 22.59
C GLU D 23 -29.36 -33.61 21.96
N VAL D 24 -28.64 -34.61 21.43
CA VAL D 24 -29.26 -35.84 20.93
C VAL D 24 -29.82 -36.67 22.11
N GLY D 25 -29.14 -36.60 23.26
CA GLY D 25 -29.63 -37.19 24.50
C GLY D 25 -30.89 -36.55 25.06
N LYS D 26 -30.99 -35.22 24.97
CA LYS D 26 -32.19 -34.49 25.42
C LYS D 26 -33.41 -34.73 24.53
N LYS D 27 -33.18 -35.02 23.24
CA LYS D 27 -34.24 -35.49 22.33
C LYS D 27 -34.70 -36.90 22.71
N PHE D 28 -33.76 -37.76 23.10
CA PHE D 28 -34.05 -39.12 23.57
C PHE D 28 -34.79 -39.10 24.91
N GLU D 29 -34.40 -38.19 25.79
CA GLU D 29 -35.05 -37.96 27.09
C GLU D 29 -36.48 -37.44 26.91
N LYS D 30 -36.65 -36.45 26.05
CA LYS D 30 -37.96 -35.86 25.75
C LYS D 30 -38.91 -36.88 25.13
N ASP D 31 -38.41 -37.69 24.20
CA ASP D 31 -39.22 -38.69 23.51
C ASP D 31 -39.51 -39.92 24.38
N THR D 32 -38.52 -40.79 24.56
CA THR D 32 -38.75 -42.11 25.21
C THR D 32 -38.63 -42.11 26.75
N GLY D 33 -38.19 -40.99 27.34
CA GLY D 33 -38.17 -40.84 28.81
C GLY D 33 -36.86 -41.13 29.51
N ILE D 34 -35.99 -41.94 28.87
CA ILE D 34 -34.72 -42.36 29.47
C ILE D 34 -33.73 -41.20 29.39
N LYS D 35 -33.20 -40.79 30.55
CA LYS D 35 -32.22 -39.69 30.63
C LYS D 35 -30.83 -40.14 30.17
N VAL D 36 -30.13 -39.24 29.48
CA VAL D 36 -28.80 -39.51 28.92
C VAL D 36 -27.78 -38.53 29.53
N THR D 37 -26.59 -39.03 29.87
CA THR D 37 -25.49 -38.21 30.40
C THR D 37 -24.24 -38.42 29.54
N VAL D 38 -23.78 -37.36 28.89
CA VAL D 38 -22.59 -37.39 28.05
C VAL D 38 -21.41 -36.83 28.83
N GLU D 39 -20.46 -37.71 29.18
CA GLU D 39 -19.26 -37.32 29.91
C GLU D 39 -18.05 -37.37 28.97
N HIS D 40 -17.00 -36.62 29.31
CA HIS D 40 -15.77 -36.58 28.51
C HIS D 40 -14.52 -36.61 29.39
N PRO D 41 -14.23 -37.79 29.99
CA PRO D 41 -13.08 -37.93 30.88
C PRO D 41 -11.76 -38.07 30.12
N ASP D 42 -10.67 -37.67 30.77
CA ASP D 42 -9.33 -37.73 30.17
C ASP D 42 -8.82 -39.17 30.14
N LYS D 43 -8.07 -39.51 29.11
CA LYS D 43 -7.57 -40.88 28.88
C LYS D 43 -8.69 -41.94 28.92
N LEU D 44 -9.81 -41.64 28.27
CA LEU D 44 -10.93 -42.59 28.20
C LEU D 44 -10.62 -43.85 27.38
N GLU D 45 -9.62 -43.76 26.50
CA GLU D 45 -9.08 -44.94 25.80
C GLU D 45 -8.41 -45.93 26.77
N GLU D 46 -7.79 -45.41 27.83
CA GLU D 46 -7.12 -46.23 28.87
C GLU D 46 -7.97 -46.49 30.11
N LYS D 47 -8.94 -45.63 30.40
CA LYS D 47 -9.87 -45.83 31.52
C LYS D 47 -10.90 -46.94 31.26
N PHE D 48 -11.37 -47.05 30.01
CA PHE D 48 -12.39 -48.03 29.64
C PHE D 48 -12.02 -49.50 29.88
N PRO D 49 -10.83 -49.95 29.41
CA PRO D 49 -10.46 -51.35 29.66
C PRO D 49 -10.23 -51.71 31.14
N GLN D 50 -9.92 -50.72 31.98
CA GLN D 50 -9.80 -50.93 33.43
C GLN D 50 -11.17 -51.14 34.04
N VAL D 51 -12.05 -50.14 33.92
CA VAL D 51 -13.34 -50.14 34.60
C VAL D 51 -14.34 -51.17 34.05
N ALA D 52 -14.38 -51.36 32.73
CA ALA D 52 -15.30 -52.32 32.09
C ALA D 52 -14.92 -53.78 32.35
N ALA D 53 -13.64 -54.04 32.59
CA ALA D 53 -13.15 -55.40 32.92
C ALA D 53 -13.72 -55.90 34.25
N THR D 54 -13.79 -55.01 35.24
CA THR D 54 -14.43 -55.32 36.53
C THR D 54 -15.95 -55.38 36.39
N GLY D 55 -16.54 -54.36 35.77
CA GLY D 55 -17.98 -54.31 35.53
C GLY D 55 -18.49 -52.93 35.16
N ASP D 56 -18.21 -51.95 36.03
CA ASP D 56 -18.73 -50.58 35.90
C ASP D 56 -18.16 -49.80 34.67
N GLY D 57 -18.60 -48.57 34.47
CA GLY D 57 -18.11 -47.71 33.38
C GLY D 57 -19.26 -47.04 32.65
N PRO D 58 -19.08 -46.75 31.35
CA PRO D 58 -20.17 -46.20 30.55
C PRO D 58 -21.02 -47.29 29.91
N ASP D 59 -22.22 -46.92 29.47
CA ASP D 59 -23.07 -47.83 28.69
C ASP D 59 -22.53 -47.97 27.27
N ILE D 60 -21.99 -46.86 26.74
CA ILE D 60 -21.62 -46.73 25.33
C ILE D 60 -20.35 -45.87 25.20
N ILE D 61 -19.40 -46.33 24.37
CA ILE D 61 -18.06 -45.73 24.28
C ILE D 61 -17.75 -45.20 22.87
N PHE D 62 -17.31 -43.94 22.78
CA PHE D 62 -16.97 -43.28 21.51
C PHE D 62 -15.47 -43.08 21.38
N TRP D 63 -14.87 -43.81 20.43
CA TRP D 63 -13.46 -43.66 20.10
C TRP D 63 -13.21 -44.21 18.68
N ALA D 64 -12.05 -43.89 18.12
CA ALA D 64 -11.62 -44.47 16.85
C ALA D 64 -11.59 -45.99 16.90
N HIS D 65 -11.88 -46.62 15.77
CA HIS D 65 -12.01 -48.09 15.66
C HIS D 65 -10.78 -48.95 16.02
N ASP D 66 -9.58 -48.35 16.09
CA ASP D 66 -8.35 -49.11 16.35
C ASP D 66 -8.29 -49.77 17.74
N ARG D 67 -8.78 -49.06 18.76
CA ARG D 67 -8.82 -49.58 20.13
C ARG D 67 -9.84 -50.68 20.36
N PHE D 68 -10.83 -50.80 19.47
CA PHE D 68 -12.01 -51.63 19.71
C PHE D 68 -11.75 -53.13 19.61
N GLY D 69 -10.91 -53.57 18.69
CA GLY D 69 -10.56 -54.99 18.58
C GLY D 69 -9.79 -55.52 19.79
N GLY D 70 -9.04 -54.64 20.44
CA GLY D 70 -8.41 -54.94 21.73
C GLY D 70 -9.41 -55.07 22.88
N TYR D 71 -10.44 -54.23 22.88
CA TYR D 71 -11.55 -54.36 23.83
C TYR D 71 -12.38 -55.62 23.55
N ALA D 72 -12.52 -55.95 22.27
CA ALA D 72 -13.33 -57.10 21.82
C ALA D 72 -12.69 -58.44 22.18
N GLN D 73 -11.37 -58.54 21.98
CA GLN D 73 -10.59 -59.72 22.41
C GLN D 73 -10.67 -59.89 23.93
N SER D 74 -10.73 -58.77 24.66
CA SER D 74 -10.91 -58.77 26.11
C SER D 74 -12.36 -59.00 26.58
N GLY D 75 -13.31 -59.18 25.65
CA GLY D 75 -14.71 -59.43 25.98
C GLY D 75 -15.46 -58.26 26.61
N LEU D 76 -14.96 -57.04 26.39
CA LEU D 76 -15.53 -55.84 27.01
C LEU D 76 -16.73 -55.29 26.25
N LEU D 77 -16.73 -55.46 24.93
CA LEU D 77 -17.76 -54.90 24.06
C LEU D 77 -18.86 -55.91 23.74
N ALA D 78 -20.10 -55.43 23.72
CA ALA D 78 -21.26 -56.22 23.33
C ALA D 78 -21.27 -56.40 21.81
N GLU D 79 -21.50 -57.63 21.37
CA GLU D 79 -21.54 -57.97 19.95
C GLU D 79 -22.87 -57.47 19.36
N ILE D 80 -22.81 -56.36 18.62
CA ILE D 80 -24.01 -55.71 18.08
C ILE D 80 -24.63 -56.49 16.91
N THR D 81 -25.96 -56.45 16.82
CA THR D 81 -26.71 -57.13 15.76
C THR D 81 -27.72 -56.18 15.13
N PRO D 82 -27.24 -55.23 14.30
CA PRO D 82 -28.15 -54.42 13.51
C PRO D 82 -28.67 -55.23 12.33
N ASP D 83 -29.95 -55.09 12.01
CA ASP D 83 -30.55 -55.77 10.86
C ASP D 83 -29.94 -55.26 9.55
N LYS D 84 -29.96 -56.13 8.54
CA LYS D 84 -29.31 -55.84 7.25
C LYS D 84 -30.00 -54.76 6.40
N ALA D 85 -31.22 -54.38 6.78
CA ALA D 85 -31.85 -53.16 6.26
C ALA D 85 -31.16 -51.91 6.82
N PHE D 86 -30.71 -51.95 8.07
CA PHE D 86 -29.94 -50.86 8.67
C PHE D 86 -28.48 -50.82 8.21
N GLN D 87 -27.88 -51.99 7.97
CA GLN D 87 -26.49 -52.07 7.48
C GLN D 87 -26.29 -51.38 6.11
N ASP D 88 -27.33 -51.33 5.29
CA ASP D 88 -27.28 -50.63 4.00
C ASP D 88 -27.26 -49.09 4.14
N LYS D 89 -27.79 -48.55 5.23
CA LYS D 89 -27.83 -47.10 5.46
C LYS D 89 -26.43 -46.49 5.70
N LEU D 90 -25.53 -47.26 6.30
CA LEU D 90 -24.12 -46.88 6.45
C LEU D 90 -23.27 -47.47 5.33
N TYR D 91 -22.11 -46.85 5.08
CA TYR D 91 -21.20 -47.33 4.03
C TYR D 91 -20.60 -48.70 4.37
N PRO D 92 -20.35 -49.55 3.35
CA PRO D 92 -19.94 -50.92 3.60
C PRO D 92 -18.52 -51.07 4.19
N PHE D 93 -17.59 -50.20 3.79
CA PHE D 93 -16.21 -50.28 4.29
C PHE D 93 -16.09 -49.78 5.74
N THR D 94 -17.04 -48.98 6.20
CA THR D 94 -17.06 -48.55 7.61
C THR D 94 -17.49 -49.70 8.54
N TRP D 95 -18.32 -50.61 8.04
CA TRP D 95 -18.63 -51.85 8.76
C TRP D 95 -17.40 -52.76 8.91
N ASP D 96 -16.57 -52.83 7.86
CA ASP D 96 -15.32 -53.59 7.89
C ASP D 96 -14.34 -53.08 8.96
N ALA D 97 -14.37 -51.77 9.20
CA ALA D 97 -13.57 -51.13 10.26
C ALA D 97 -13.90 -51.61 11.68
N VAL D 98 -15.15 -52.05 11.89
CA VAL D 98 -15.65 -52.47 13.20
C VAL D 98 -16.02 -53.96 13.22
N ARG D 99 -15.40 -54.75 12.34
CA ARG D 99 -15.63 -56.18 12.24
C ARG D 99 -14.41 -56.92 12.79
N TYR D 100 -14.58 -57.57 13.94
CA TYR D 100 -13.48 -58.31 14.58
C TYR D 100 -13.79 -59.81 14.64
N ASN D 101 -13.07 -60.59 13.80
CA ASN D 101 -13.26 -62.04 13.66
C ASN D 101 -14.69 -62.39 13.27
N GLY D 102 -15.15 -61.78 12.18
CA GLY D 102 -16.50 -61.99 11.65
C GLY D 102 -17.63 -61.58 12.57
N LYS D 103 -17.39 -60.58 13.42
CA LYS D 103 -18.38 -60.08 14.39
C LYS D 103 -18.32 -58.57 14.46
N LEU D 104 -19.47 -57.93 14.28
CA LEU D 104 -19.58 -56.47 14.35
C LEU D 104 -19.60 -56.05 15.82
N ILE D 105 -18.66 -55.19 16.21
CA ILE D 105 -18.45 -54.84 17.63
C ILE D 105 -18.81 -53.39 18.03
N ALA D 106 -18.98 -52.51 17.04
CA ALA D 106 -19.44 -51.14 17.28
C ALA D 106 -20.14 -50.56 16.05
N TYR D 107 -20.89 -49.48 16.24
CA TYR D 107 -21.55 -48.77 15.15
C TYR D 107 -20.61 -47.69 14.59
N PRO D 108 -20.30 -47.72 13.28
CA PRO D 108 -19.47 -46.65 12.70
C PRO D 108 -20.23 -45.33 12.63
N ILE D 109 -19.61 -44.26 13.14
CA ILE D 109 -20.21 -42.93 13.16
C ILE D 109 -19.65 -42.09 12.02
N ALA D 110 -18.32 -41.94 11.98
CA ALA D 110 -17.67 -41.10 10.97
C ALA D 110 -16.21 -41.44 10.71
N VAL D 111 -15.82 -41.35 9.43
CA VAL D 111 -14.44 -41.49 8.99
C VAL D 111 -13.75 -40.14 9.18
N GLU D 112 -12.53 -40.20 9.72
CA GLU D 112 -11.74 -39.01 10.05
C GLU D 112 -10.27 -39.23 9.71
N ALA D 113 -9.65 -38.19 9.16
CA ALA D 113 -8.23 -38.23 8.79
C ALA D 113 -7.64 -36.83 8.86
N LEU D 114 -6.32 -36.77 9.04
CA LEU D 114 -5.62 -35.51 9.21
C LEU D 114 -5.45 -34.79 7.87
N SER D 115 -5.45 -33.46 7.93
CA SER D 115 -5.34 -32.60 6.75
C SER D 115 -4.39 -31.44 7.05
N LEU D 116 -3.81 -30.84 6.01
CA LEU D 116 -3.01 -29.63 6.17
C LEU D 116 -3.97 -28.45 6.23
N ILE D 117 -3.91 -27.69 7.32
CA ILE D 117 -4.79 -26.54 7.52
C ILE D 117 -3.92 -25.28 7.55
N TYR D 118 -4.11 -24.41 6.55
CA TYR D 118 -3.22 -23.26 6.30
C TYR D 118 -3.96 -21.92 6.34
N ASN D 119 -3.24 -20.86 6.72
CA ASN D 119 -3.76 -19.49 6.78
C ASN D 119 -3.60 -18.84 5.42
N LYS D 120 -4.72 -18.59 4.74
CA LYS D 120 -4.71 -18.01 3.38
C LYS D 120 -4.12 -16.59 3.31
N ASP D 121 -4.33 -15.81 4.36
CA ASP D 121 -3.80 -14.43 4.43
C ASP D 121 -2.28 -14.40 4.61
N LEU D 122 -1.76 -15.27 5.48
CA LEU D 122 -0.31 -15.36 5.70
C LEU D 122 0.40 -16.18 4.61
N LEU D 123 -0.32 -17.09 3.98
CA LEU D 123 0.25 -18.02 3.01
C LEU D 123 -0.83 -18.50 2.04
N PRO D 124 -1.01 -17.79 0.90
CA PRO D 124 -2.11 -18.13 -0.03
C PRO D 124 -1.87 -19.41 -0.83
N ASN D 125 -0.63 -19.66 -1.22
CA ASN D 125 -0.24 -20.90 -1.89
C ASN D 125 0.56 -21.74 -0.91
N PRO D 126 -0.07 -22.77 -0.30
CA PRO D 126 0.62 -23.57 0.70
C PRO D 126 1.57 -24.59 0.07
N PRO D 127 2.62 -25.02 0.82
CA PRO D 127 3.62 -25.95 0.28
C PRO D 127 3.06 -27.35 0.06
N LYS D 128 3.45 -27.95 -1.07
CA LYS D 128 3.10 -29.34 -1.39
C LYS D 128 4.25 -30.31 -1.11
N THR D 129 5.33 -29.83 -0.47
CA THR D 129 6.42 -30.69 -0.01
C THR D 129 6.89 -30.28 1.41
N TRP D 130 7.23 -31.28 2.22
CA TRP D 130 7.83 -31.05 3.55
C TRP D 130 9.19 -30.35 3.43
N GLU D 131 9.94 -30.68 2.38
CA GLU D 131 11.31 -30.20 2.20
C GLU D 131 11.44 -28.67 2.04
N GLU D 132 10.38 -27.99 1.62
CA GLU D 132 10.38 -26.52 1.49
C GLU D 132 9.90 -25.76 2.74
N ILE D 133 9.48 -26.48 3.78
CA ILE D 133 9.00 -25.87 5.04
C ILE D 133 10.11 -25.19 5.85
N PRO D 134 11.33 -25.79 5.91
CA PRO D 134 12.46 -25.11 6.55
C PRO D 134 12.75 -23.74 5.93
N ALA D 135 12.77 -23.69 4.61
CA ALA D 135 12.95 -22.44 3.86
C ALA D 135 11.83 -21.44 4.12
N LEU D 136 10.59 -21.91 4.05
CA LEU D 136 9.41 -21.06 4.29
C LEU D 136 9.40 -20.44 5.68
N ASP D 137 9.85 -21.21 6.69
CA ASP D 137 9.90 -20.72 8.07
C ASP D 137 10.87 -19.56 8.26
N LYS D 138 12.03 -19.65 7.61
CA LYS D 138 13.05 -18.59 7.69
C LYS D 138 12.51 -17.26 7.19
N GLU D 139 11.69 -17.31 6.13
CA GLU D 139 11.05 -16.11 5.59
C GLU D 139 10.00 -15.54 6.55
N LEU D 140 9.17 -16.42 7.13
CA LEU D 140 8.13 -15.98 8.08
C LEU D 140 8.68 -15.51 9.44
N LYS D 141 9.84 -16.03 9.83
CA LYS D 141 10.56 -15.53 11.01
C LYS D 141 10.92 -14.04 10.89
N ALA D 142 11.22 -13.58 9.68
CA ALA D 142 11.49 -12.17 9.42
C ALA D 142 10.28 -11.27 9.69
N LYS D 143 9.08 -11.75 9.35
CA LYS D 143 7.82 -11.03 9.58
C LYS D 143 7.18 -11.31 10.96
N GLY D 144 7.90 -12.03 11.84
CA GLY D 144 7.46 -12.26 13.20
C GLY D 144 6.40 -13.34 13.32
N LYS D 145 6.62 -14.46 12.63
CA LYS D 145 5.70 -15.60 12.64
C LYS D 145 6.45 -16.90 12.33
N SER D 146 5.74 -18.03 12.36
CA SER D 146 6.33 -19.35 12.05
C SER D 146 5.51 -20.06 10.98
N ALA D 147 6.15 -21.02 10.31
CA ALA D 147 5.53 -21.73 9.18
C ALA D 147 4.52 -22.76 9.67
N LEU D 148 5.01 -23.74 10.42
CA LEU D 148 4.21 -24.88 10.86
C LEU D 148 4.24 -24.99 12.37
N MET D 149 3.15 -25.49 12.95
CA MET D 149 3.08 -25.75 14.38
C MET D 149 1.95 -26.73 14.67
N PHE D 150 2.28 -27.91 15.19
CA PHE D 150 1.28 -28.93 15.52
C PHE D 150 1.68 -29.81 16.70
N ASN D 151 0.73 -30.64 17.16
CA ASN D 151 0.91 -31.50 18.34
C ASN D 151 1.96 -32.59 18.10
N LEU D 152 3.13 -32.44 18.72
CA LEU D 152 4.23 -33.41 18.63
C LEU D 152 4.17 -34.52 19.69
N GLN D 153 3.30 -34.36 20.70
CA GLN D 153 3.24 -35.29 21.82
C GLN D 153 2.60 -36.60 21.37
N GLU D 154 1.41 -36.51 20.81
CA GLU D 154 0.69 -37.68 20.30
C GLU D 154 1.31 -38.17 18.98
N PRO D 155 1.55 -39.48 18.85
CA PRO D 155 2.11 -40.01 17.60
C PRO D 155 1.16 -40.04 16.40
N TYR D 156 -0.15 -39.87 16.62
CA TYR D 156 -1.14 -39.79 15.53
C TYR D 156 -0.77 -38.72 14.49
N PHE D 157 -0.27 -37.58 14.97
CA PHE D 157 -0.02 -36.41 14.14
C PHE D 157 1.32 -36.50 13.38
N THR D 158 2.33 -37.03 14.04
CA THR D 158 3.66 -37.19 13.46
C THR D 158 3.80 -38.43 12.58
N TRP D 159 2.89 -39.39 12.72
CA TRP D 159 2.92 -40.63 11.94
C TRP D 159 2.88 -40.43 10.41
N PRO D 160 1.99 -39.55 9.90
CA PRO D 160 1.99 -39.20 8.48
C PRO D 160 3.37 -39.01 7.84
N LEU D 161 4.24 -38.31 8.54
CA LEU D 161 5.61 -38.07 8.09
C LEU D 161 6.44 -39.37 8.13
N ILE D 162 6.26 -40.15 9.21
CA ILE D 162 7.01 -41.39 9.43
C ILE D 162 6.67 -42.44 8.38
N ALA D 163 5.37 -42.65 8.14
CA ALA D 163 4.91 -43.66 7.18
C ALA D 163 5.20 -43.30 5.72
N ALA D 164 5.34 -42.01 5.42
CA ALA D 164 5.49 -41.50 4.04
C ALA D 164 6.51 -42.27 3.21
N ASP D 165 7.78 -42.23 3.62
CA ASP D 165 8.87 -42.85 2.84
C ASP D 165 8.82 -44.39 2.87
N GLY D 166 8.19 -44.95 3.90
CA GLY D 166 7.97 -46.41 3.97
C GLY D 166 7.88 -47.08 5.33
N GLY D 167 7.45 -46.34 6.35
CA GLY D 167 7.16 -46.90 7.67
C GLY D 167 5.75 -47.47 7.70
N TYR D 168 5.53 -48.40 8.61
CA TYR D 168 4.21 -49.04 8.76
C TYR D 168 4.10 -49.73 10.12
N ALA D 169 2.87 -49.83 10.64
CA ALA D 169 2.62 -50.45 11.93
C ALA D 169 2.78 -51.96 11.87
N PHE D 170 1.91 -52.63 11.10
CA PHE D 170 2.00 -54.08 10.90
C PHE D 170 1.68 -54.39 9.45
N LYS D 171 2.49 -55.22 8.80
CA LYS D 171 2.30 -55.50 7.38
C LYS D 171 1.05 -56.32 7.13
N TYR D 172 0.36 -55.99 6.04
CA TYR D 172 -0.83 -56.71 5.60
C TYR D 172 -0.36 -57.91 4.79
N GLU D 173 -0.81 -59.10 5.15
CA GLU D 173 -0.41 -60.33 4.47
C GLU D 173 -1.53 -60.77 3.51
N ASN D 174 -1.95 -59.81 2.66
CA ASN D 174 -3.17 -59.91 1.83
C ASN D 174 -4.30 -60.74 2.44
N GLY D 175 -4.86 -60.23 3.54
CA GLY D 175 -6.06 -60.80 4.17
C GLY D 175 -6.13 -60.59 5.68
N LYS D 176 -4.98 -60.78 6.34
CA LYS D 176 -4.82 -60.42 7.75
C LYS D 176 -3.45 -59.82 8.00
N TYR D 177 -3.33 -59.12 9.12
CA TYR D 177 -2.09 -58.45 9.48
C TYR D 177 -1.08 -59.42 10.10
N ASP D 178 0.16 -59.33 9.65
CA ASP D 178 1.27 -60.10 10.24
C ASP D 178 1.73 -59.37 11.51
N ILE D 179 1.40 -59.94 12.67
CA ILE D 179 1.74 -59.32 13.97
C ILE D 179 3.24 -59.27 14.28
N LYS D 180 4.03 -60.08 13.58
CA LYS D 180 5.48 -60.13 13.78
C LYS D 180 6.28 -59.22 12.85
N ASP D 181 5.68 -58.79 11.74
CA ASP D 181 6.33 -57.87 10.79
C ASP D 181 5.95 -56.40 11.08
N VAL D 182 6.75 -55.76 11.94
CA VAL D 182 6.57 -54.36 12.33
C VAL D 182 7.58 -53.49 11.61
N GLY D 183 7.13 -52.34 11.11
CA GLY D 183 7.96 -51.47 10.27
C GLY D 183 8.19 -50.06 10.79
N VAL D 184 8.33 -49.91 12.11
CA VAL D 184 8.75 -48.62 12.69
C VAL D 184 10.27 -48.43 12.65
N ASP D 185 11.01 -49.51 12.40
CA ASP D 185 12.48 -49.51 12.40
C ASP D 185 13.08 -49.16 11.03
N ASN D 186 12.39 -49.53 9.95
CA ASN D 186 12.93 -49.42 8.58
C ASN D 186 13.36 -48.00 8.15
N ALA D 187 14.25 -47.95 7.15
CA ALA D 187 14.85 -46.69 6.67
C ALA D 187 13.83 -45.59 6.34
N GLY D 188 12.71 -45.98 5.74
CA GLY D 188 11.61 -45.06 5.47
C GLY D 188 11.09 -44.39 6.73
N ALA D 189 10.95 -45.18 7.79
CA ALA D 189 10.51 -44.67 9.09
C ALA D 189 11.54 -43.77 9.76
N LYS D 190 12.81 -44.19 9.69
CA LYS D 190 13.92 -43.38 10.19
C LYS D 190 14.00 -42.02 9.47
N ALA D 191 13.95 -42.07 8.15
CA ALA D 191 14.00 -40.86 7.31
C ALA D 191 12.95 -39.81 7.70
N GLY D 192 11.72 -40.28 7.89
CA GLY D 192 10.61 -39.40 8.28
C GLY D 192 10.82 -38.73 9.63
N LEU D 193 11.15 -39.54 10.64
CA LEU D 193 11.35 -39.03 12.00
C LEU D 193 12.59 -38.14 12.10
N THR D 194 13.66 -38.51 11.38
CA THR D 194 14.87 -37.69 11.28
C THR D 194 14.51 -36.28 10.82
N PHE D 195 13.70 -36.17 9.77
CA PHE D 195 13.28 -34.86 9.26
C PHE D 195 12.48 -34.07 10.29
N LEU D 196 11.62 -34.74 11.04
CA LEU D 196 10.88 -34.12 12.13
C LEU D 196 11.82 -33.62 13.24
N VAL D 197 12.82 -34.44 13.58
CA VAL D 197 13.82 -34.03 14.58
C VAL D 197 14.64 -32.84 14.07
N ASP D 198 15.02 -32.86 12.80
CA ASP D 198 15.80 -31.78 12.19
C ASP D 198 15.09 -30.43 12.20
N LEU D 199 13.78 -30.43 11.95
CA LEU D 199 12.97 -29.21 12.06
C LEU D 199 13.00 -28.61 13.47
N ILE D 200 13.01 -29.49 14.48
CA ILE D 200 13.08 -29.07 15.88
C ILE D 200 14.49 -28.59 16.23
N LYS D 201 15.50 -29.32 15.76
CA LYS D 201 16.90 -28.95 15.98
C LYS D 201 17.28 -27.60 15.37
N ASN D 202 16.71 -27.28 14.20
CA ASN D 202 16.97 -25.99 13.52
C ASN D 202 16.01 -24.85 13.93
N LYS D 203 15.33 -25.00 15.08
CA LYS D 203 14.47 -23.96 15.66
C LYS D 203 13.26 -23.58 14.80
N HIS D 204 12.84 -24.45 13.88
CA HIS D 204 11.64 -24.22 13.08
C HIS D 204 10.43 -24.63 13.90
N MET D 205 10.53 -25.78 14.59
CA MET D 205 9.53 -26.26 15.54
C MET D 205 10.08 -26.33 16.96
N ASN D 206 9.18 -26.56 17.92
CA ASN D 206 9.51 -26.63 19.35
C ASN D 206 9.10 -28.01 19.88
N ALA D 207 10.04 -28.71 20.52
CA ALA D 207 9.88 -30.12 20.91
C ALA D 207 8.67 -30.42 21.79
N ASP D 208 8.33 -29.51 22.69
CA ASP D 208 7.25 -29.70 23.68
C ASP D 208 6.01 -28.88 23.34
N THR D 209 5.54 -29.04 22.10
CA THR D 209 4.34 -28.38 21.60
C THR D 209 3.19 -29.39 21.67
N ASP D 210 2.18 -29.09 22.50
CA ASP D 210 0.99 -29.94 22.62
C ASP D 210 -0.17 -29.37 21.78
N TYR D 211 -1.32 -30.06 21.82
CA TYR D 211 -2.51 -29.68 21.03
C TYR D 211 -3.01 -28.27 21.33
N SER D 212 -3.07 -27.92 22.61
CA SER D 212 -3.55 -26.59 23.04
C SER D 212 -2.63 -25.45 22.62
N ILE D 213 -1.33 -25.72 22.54
CA ILE D 213 -0.34 -24.75 22.07
C ILE D 213 -0.54 -24.49 20.58
N ALA D 214 -0.65 -25.59 19.82
CA ALA D 214 -0.80 -25.56 18.36
C ALA D 214 -2.07 -24.85 17.89
N GLU D 215 -3.23 -25.30 18.37
CA GLU D 215 -4.51 -24.69 17.97
C GLU D 215 -4.55 -23.20 18.33
N ALA D 216 -4.12 -22.87 19.55
CA ALA D 216 -4.08 -21.47 20.01
C ALA D 216 -3.21 -20.59 19.11
N ALA D 217 -2.07 -21.11 18.68
CA ALA D 217 -1.14 -20.36 17.82
C ALA D 217 -1.73 -20.08 16.43
N PHE D 218 -2.27 -21.11 15.79
CA PHE D 218 -2.87 -20.97 14.45
C PHE D 218 -4.16 -20.15 14.47
N ASN D 219 -4.98 -20.34 15.49
CA ASN D 219 -6.26 -19.62 15.61
C ASN D 219 -6.07 -18.14 15.96
N LYS D 220 -5.01 -17.80 16.69
CA LYS D 220 -4.64 -16.40 16.96
C LYS D 220 -3.92 -15.72 15.77
N GLY D 221 -3.46 -16.50 14.81
CA GLY D 221 -2.76 -16.00 13.61
C GLY D 221 -1.27 -15.84 13.80
N GLU D 222 -0.69 -16.64 14.69
CA GLU D 222 0.75 -16.59 15.00
C GLU D 222 1.57 -17.57 14.16
N THR D 223 0.91 -18.56 13.55
CA THR D 223 1.55 -19.50 12.62
C THR D 223 0.70 -19.68 11.37
N ALA D 224 1.36 -20.05 10.27
CA ALA D 224 0.72 -20.12 8.94
C ALA D 224 0.11 -21.49 8.62
N MET D 225 0.54 -22.55 9.31
CA MET D 225 0.04 -23.90 9.05
C MET D 225 -0.09 -24.73 10.32
N THR D 226 -1.07 -25.64 10.31
CA THR D 226 -1.20 -26.69 11.33
C THR D 226 -1.75 -27.98 10.69
N ILE D 227 -1.52 -29.09 11.38
CA ILE D 227 -2.02 -30.39 10.96
C ILE D 227 -3.04 -30.83 12.01
N ASN D 228 -4.25 -31.16 11.56
CA ASN D 228 -5.37 -31.46 12.47
C ASN D 228 -6.52 -32.11 11.71
N GLY D 229 -7.45 -32.70 12.46
CA GLY D 229 -8.64 -33.33 11.89
C GLY D 229 -9.81 -32.37 11.77
N PRO D 230 -10.98 -32.89 11.32
CA PRO D 230 -12.21 -32.08 11.18
C PRO D 230 -12.67 -31.32 12.43
N TRP D 231 -12.73 -32.03 13.55
CA TRP D 231 -13.10 -31.47 14.87
C TRP D 231 -12.53 -30.08 15.20
N ALA D 232 -11.30 -29.82 14.78
CA ALA D 232 -10.63 -28.54 15.01
C ALA D 232 -11.21 -27.35 14.22
N TRP D 233 -11.92 -27.63 13.13
CA TRP D 233 -12.44 -26.56 12.25
C TRP D 233 -13.41 -25.61 12.96
N SER D 234 -14.16 -26.13 13.92
CA SER D 234 -15.15 -25.34 14.67
C SER D 234 -14.55 -24.11 15.35
N ASN D 235 -13.45 -24.31 16.07
CA ASN D 235 -12.76 -23.21 16.77
C ASN D 235 -12.12 -22.19 15.83
N ILE D 236 -11.69 -22.65 14.65
CA ILE D 236 -11.04 -21.79 13.65
C ILE D 236 -12.06 -20.82 13.04
N ASP D 237 -13.26 -21.33 12.75
CA ASP D 237 -14.38 -20.51 12.26
C ASP D 237 -14.70 -19.36 13.22
N THR D 238 -14.66 -19.64 14.53
CA THR D 238 -14.94 -18.65 15.57
C THR D 238 -13.94 -17.49 15.51
N SER D 239 -12.65 -17.83 15.50
CA SER D 239 -11.58 -16.85 15.39
C SER D 239 -11.56 -16.16 14.02
N ALA D 240 -12.06 -16.86 13.00
CA ALA D 240 -12.21 -16.31 11.65
C ALA D 240 -10.84 -15.90 11.10
N VAL D 241 -9.93 -16.86 11.13
CA VAL D 241 -8.68 -16.78 10.41
C VAL D 241 -9.00 -17.36 9.05
N ASN D 242 -8.90 -16.55 7.99
CA ASN D 242 -9.24 -17.00 6.65
C ASN D 242 -8.34 -18.18 6.28
N TYR D 243 -8.93 -19.38 6.32
CA TYR D 243 -8.17 -20.64 6.25
C TYR D 243 -8.71 -21.56 5.17
N GLY D 244 -7.84 -22.50 4.74
CA GLY D 244 -8.21 -23.56 3.82
C GLY D 244 -7.68 -24.88 4.33
N VAL D 245 -8.37 -25.96 3.97
CA VAL D 245 -7.95 -27.31 4.33
C VAL D 245 -7.55 -28.00 3.04
N THR D 246 -6.38 -28.66 3.06
CA THR D 246 -5.81 -29.26 1.85
C THR D 246 -4.98 -30.51 2.13
N VAL D 247 -4.39 -31.06 1.07
CA VAL D 247 -3.63 -32.31 1.14
C VAL D 247 -2.33 -32.08 1.90
N LEU D 248 -1.91 -33.09 2.65
CA LEU D 248 -0.66 -33.05 3.41
C LEU D 248 0.55 -33.01 2.47
N PRO D 249 1.61 -32.30 2.88
CA PRO D 249 2.79 -32.17 2.00
C PRO D 249 3.52 -33.50 1.79
N THR D 250 4.13 -33.66 0.62
CA THR D 250 4.84 -34.89 0.28
C THR D 250 6.23 -34.91 0.92
N PHE D 251 6.76 -36.11 1.12
CA PHE D 251 8.12 -36.31 1.62
C PHE D 251 8.83 -37.29 0.70
N LYS D 252 10.04 -36.92 0.25
CA LYS D 252 10.80 -37.71 -0.73
C LYS D 252 9.96 -38.08 -1.97
N GLY D 253 9.09 -37.18 -2.40
CA GLY D 253 8.21 -37.41 -3.54
C GLY D 253 6.89 -38.08 -3.20
N GLN D 254 6.93 -39.07 -2.31
CA GLN D 254 5.73 -39.82 -1.90
C GLN D 254 4.87 -39.01 -0.93
N PRO D 255 3.54 -39.26 -0.92
CA PRO D 255 2.65 -38.45 -0.09
C PRO D 255 2.66 -38.90 1.36
N SER D 256 2.33 -37.98 2.26
CA SER D 256 2.14 -38.32 3.67
C SER D 256 0.95 -39.24 3.80
N LYS D 257 1.11 -40.31 4.59
CA LYS D 257 0.06 -41.30 4.81
C LYS D 257 -0.45 -41.23 6.24
N PRO D 258 -1.49 -40.41 6.50
CA PRO D 258 -2.06 -40.39 7.84
C PRO D 258 -2.84 -41.66 8.10
N PHE D 259 -2.82 -42.14 9.35
CA PHE D 259 -3.70 -43.24 9.73
C PHE D 259 -5.13 -42.70 9.74
N VAL D 260 -6.05 -43.49 9.16
CA VAL D 260 -7.45 -43.10 9.03
C VAL D 260 -8.27 -43.79 10.11
N GLY D 261 -8.91 -42.97 10.97
CA GLY D 261 -9.77 -43.46 12.02
C GLY D 261 -11.24 -43.46 11.62
N VAL D 262 -11.98 -44.42 12.18
CA VAL D 262 -13.42 -44.50 12.05
C VAL D 262 -13.95 -44.37 13.47
N LEU D 263 -14.45 -43.18 13.81
CA LEU D 263 -15.06 -42.93 15.10
C LEU D 263 -16.23 -43.88 15.23
N SER D 264 -16.12 -44.82 16.18
CA SER D 264 -17.13 -45.87 16.36
C SER D 264 -17.77 -45.77 17.74
N ALA D 265 -18.99 -46.29 17.85
CA ALA D 265 -19.73 -46.32 19.10
C ALA D 265 -20.03 -47.77 19.46
N GLY D 266 -19.33 -48.28 20.46
CA GLY D 266 -19.53 -49.65 20.94
C GLY D 266 -20.26 -49.65 22.28
N ILE D 267 -21.05 -50.69 22.49
CA ILE D 267 -21.87 -50.83 23.70
C ILE D 267 -21.11 -51.73 24.69
N ASN D 268 -21.16 -51.36 25.99
CA ASN D 268 -20.46 -52.10 27.04
C ASN D 268 -21.16 -53.43 27.28
N ALA D 269 -20.39 -54.53 27.25
CA ALA D 269 -20.92 -55.88 27.49
C ALA D 269 -21.49 -56.08 28.90
N ALA D 270 -20.97 -55.31 29.86
CA ALA D 270 -21.42 -55.36 31.25
C ALA D 270 -22.53 -54.36 31.61
N SER D 271 -23.20 -53.79 30.61
CA SER D 271 -24.31 -52.86 30.85
C SER D 271 -25.65 -53.59 30.80
N PRO D 272 -26.63 -53.16 31.64
CA PRO D 272 -27.99 -53.68 31.54
C PRO D 272 -28.81 -53.04 30.39
N ASN D 273 -28.36 -51.88 29.90
CA ASN D 273 -29.12 -51.09 28.93
C ASN D 273 -28.64 -51.33 27.49
N LYS D 274 -28.49 -52.59 27.10
CA LYS D 274 -28.02 -52.96 25.75
C LYS D 274 -29.04 -52.62 24.66
N GLU D 275 -30.31 -52.87 24.94
CA GLU D 275 -31.39 -52.56 23.99
C GLU D 275 -31.74 -51.07 23.96
N LEU D 276 -31.57 -50.37 25.08
CA LEU D 276 -31.76 -48.91 25.14
C LEU D 276 -30.69 -48.13 24.36
N ALA D 277 -29.45 -48.65 24.32
CA ALA D 277 -28.37 -48.05 23.54
C ALA D 277 -28.57 -48.22 22.03
N LYS D 278 -29.05 -49.39 21.61
CA LYS D 278 -29.31 -49.68 20.20
C LYS D 278 -30.40 -48.80 19.59
N GLU D 279 -31.41 -48.45 20.40
CA GLU D 279 -32.41 -47.45 20.01
C GLU D 279 -31.77 -46.06 19.85
N PHE D 280 -30.94 -45.68 20.82
CA PHE D 280 -30.23 -44.40 20.77
C PHE D 280 -29.29 -44.28 19.57
N LEU D 281 -28.57 -45.35 19.27
CA LEU D 281 -27.60 -45.35 18.16
C LEU D 281 -28.29 -45.39 16.79
N GLU D 282 -29.12 -46.40 16.57
CA GLU D 282 -29.72 -46.66 15.26
C GLU D 282 -30.80 -45.66 14.88
N ASN D 283 -31.67 -45.31 15.84
CA ASN D 283 -32.85 -44.49 15.55
C ASN D 283 -32.75 -43.01 15.96
N TYR D 284 -31.73 -42.62 16.74
CA TYR D 284 -31.56 -41.22 17.17
C TYR D 284 -30.23 -40.57 16.73
N LEU D 285 -29.11 -41.25 16.96
CA LEU D 285 -27.79 -40.70 16.57
C LEU D 285 -27.52 -40.86 15.09
N LEU D 286 -27.55 -42.11 14.60
CA LEU D 286 -27.31 -42.37 13.17
C LEU D 286 -28.55 -42.04 12.32
N THR D 287 -28.86 -40.74 12.28
CA THR D 287 -29.90 -40.17 11.44
C THR D 287 -29.41 -38.79 11.05
N ASP D 288 -30.06 -38.21 10.05
CA ASP D 288 -29.60 -36.94 9.48
C ASP D 288 -29.73 -35.79 10.48
N GLU D 289 -30.80 -35.80 11.29
CA GLU D 289 -31.01 -34.80 12.35
C GLU D 289 -29.96 -34.93 13.44
N GLY D 290 -29.73 -36.16 13.90
CA GLY D 290 -28.82 -36.45 15.00
C GLY D 290 -27.36 -36.12 14.71
N LEU D 291 -26.89 -36.51 13.54
CA LEU D 291 -25.49 -36.28 13.15
C LEU D 291 -25.16 -34.80 12.98
N GLU D 292 -26.08 -34.01 12.42
CA GLU D 292 -25.83 -32.58 12.23
C GLU D 292 -25.82 -31.78 13.55
N ALA D 293 -26.56 -32.25 14.55
CA ALA D 293 -26.52 -31.67 15.90
C ALA D 293 -25.13 -31.81 16.53
N VAL D 294 -24.48 -32.93 16.26
CA VAL D 294 -23.09 -33.17 16.67
C VAL D 294 -22.14 -32.35 15.79
N ASN D 295 -22.31 -32.50 14.48
CA ASN D 295 -21.47 -31.83 13.47
C ASN D 295 -21.45 -30.30 13.60
N LYS D 296 -22.58 -29.72 13.99
CA LYS D 296 -22.66 -28.27 14.25
C LYS D 296 -21.76 -27.83 15.39
N ASP D 297 -21.72 -28.60 16.47
CA ASP D 297 -20.88 -28.28 17.62
C ASP D 297 -19.41 -28.38 17.24
N LYS D 298 -18.98 -29.57 16.81
CA LYS D 298 -17.62 -29.80 16.32
C LYS D 298 -17.62 -30.93 15.27
N PRO D 299 -17.25 -30.61 14.01
CA PRO D 299 -17.37 -31.54 12.87
C PRO D 299 -16.94 -32.98 13.13
N LEU D 300 -17.75 -33.92 12.68
CA LEU D 300 -17.45 -35.36 12.79
C LEU D 300 -16.40 -35.79 11.77
N GLY D 301 -16.49 -35.21 10.58
CA GLY D 301 -15.64 -35.56 9.44
C GLY D 301 -16.52 -36.00 8.29
N ALA D 302 -16.10 -37.04 7.58
CA ALA D 302 -16.91 -37.65 6.53
C ALA D 302 -17.68 -38.80 7.16
N VAL D 303 -18.99 -38.64 7.34
CA VAL D 303 -19.78 -39.62 8.11
C VAL D 303 -20.01 -40.94 7.40
N ALA D 304 -20.26 -41.98 8.20
CA ALA D 304 -20.54 -43.32 7.70
C ALA D 304 -21.96 -43.46 7.14
N LEU D 305 -22.88 -42.59 7.61
CA LEU D 305 -24.27 -42.60 7.15
C LEU D 305 -24.39 -42.02 5.73
N LYS D 306 -24.82 -42.87 4.80
CA LYS D 306 -24.89 -42.50 3.36
C LYS D 306 -25.71 -41.25 3.08
N SER D 307 -26.87 -41.16 3.74
CA SER D 307 -27.80 -40.05 3.55
C SER D 307 -27.22 -38.69 3.94
N TYR D 308 -26.49 -38.64 5.07
CA TYR D 308 -25.90 -37.39 5.55
C TYR D 308 -24.55 -37.07 4.91
N GLU D 309 -23.81 -38.10 4.48
CA GLU D 309 -22.54 -37.88 3.73
C GLU D 309 -22.78 -37.15 2.40
N GLU D 310 -23.92 -37.42 1.77
CA GLU D 310 -24.35 -36.73 0.54
C GLU D 310 -24.23 -35.21 0.65
N GLU D 311 -24.62 -34.66 1.80
CA GLU D 311 -24.50 -33.21 2.07
C GLU D 311 -23.07 -32.78 2.37
N LEU D 312 -22.39 -33.55 3.24
CA LEU D 312 -21.03 -33.21 3.66
C LEU D 312 -19.98 -33.34 2.54
N ALA D 313 -20.24 -34.18 1.55
CA ALA D 313 -19.34 -34.35 0.40
C ALA D 313 -19.19 -33.07 -0.45
N LYS D 314 -20.22 -32.22 -0.44
CA LYS D 314 -20.20 -30.93 -1.17
C LYS D 314 -19.16 -29.95 -0.62
N ASP D 315 -18.96 -29.97 0.69
CA ASP D 315 -17.97 -29.13 1.36
C ASP D 315 -16.54 -29.54 0.95
N PRO D 316 -15.73 -28.59 0.41
CA PRO D 316 -14.37 -28.95 -0.03
C PRO D 316 -13.39 -29.36 1.09
N ARG D 317 -13.70 -29.01 2.33
CA ARG D 317 -12.89 -29.44 3.49
C ARG D 317 -12.95 -30.97 3.65
N ILE D 318 -14.16 -31.52 3.53
CA ILE D 318 -14.36 -32.99 3.57
C ILE D 318 -13.72 -33.65 2.33
N ALA D 319 -13.83 -33.01 1.18
CA ALA D 319 -13.17 -33.48 -0.05
C ALA D 319 -11.65 -33.56 0.13
N ALA D 320 -11.08 -32.56 0.82
CA ALA D 320 -9.67 -32.59 1.19
C ALA D 320 -9.36 -33.70 2.21
N THR D 321 -10.23 -33.85 3.21
CA THR D 321 -10.08 -34.91 4.22
C THR D 321 -10.09 -36.31 3.60
N MET D 322 -11.03 -36.57 2.69
CA MET D 322 -11.09 -37.86 1.98
C MET D 322 -9.89 -38.10 1.07
N GLU D 323 -9.39 -37.04 0.43
CA GLU D 323 -8.20 -37.14 -0.41
C GLU D 323 -6.96 -37.56 0.40
N ASN D 324 -6.82 -37.02 1.61
CA ASN D 324 -5.78 -37.45 2.54
C ASN D 324 -5.98 -38.91 2.96
N ALA D 325 -7.21 -39.24 3.33
CA ALA D 325 -7.56 -40.60 3.76
C ALA D 325 -7.33 -41.66 2.67
N GLN D 326 -7.59 -41.29 1.40
CA GLN D 326 -7.27 -42.18 0.27
C GLN D 326 -5.78 -42.48 0.19
N LYS D 327 -4.97 -41.42 0.22
CA LYS D 327 -3.51 -41.55 0.16
C LYS D 327 -2.93 -42.25 1.38
N GLY D 328 -3.55 -42.03 2.54
CA GLY D 328 -3.20 -42.78 3.74
C GLY D 328 -3.72 -44.20 3.71
N GLU D 329 -3.76 -44.84 4.88
CA GLU D 329 -4.30 -46.18 5.02
C GLU D 329 -5.04 -46.33 6.35
N ILE D 330 -6.03 -47.22 6.34
CA ILE D 330 -6.95 -47.42 7.48
C ILE D 330 -6.22 -48.12 8.63
N MET D 331 -6.52 -47.70 9.86
CA MET D 331 -5.92 -48.32 11.04
C MET D 331 -6.35 -49.78 11.17
N PRO D 332 -5.44 -50.67 11.59
CA PRO D 332 -5.89 -51.98 12.06
C PRO D 332 -6.72 -51.84 13.34
N ASN D 333 -7.68 -52.74 13.55
CA ASN D 333 -8.44 -52.78 14.81
C ASN D 333 -7.84 -53.76 15.84
N ILE D 334 -6.86 -54.57 15.42
CA ILE D 334 -6.29 -55.67 16.24
C ILE D 334 -5.75 -55.23 17.61
N PRO D 335 -5.66 -56.17 18.58
CA PRO D 335 -5.23 -55.79 19.95
C PRO D 335 -3.78 -55.32 20.08
N GLN D 336 -2.95 -55.60 19.07
CA GLN D 336 -1.55 -55.20 19.09
C GLN D 336 -1.33 -53.69 18.98
N MET D 337 -2.32 -52.99 18.40
CA MET D 337 -2.22 -51.54 18.13
C MET D 337 -1.99 -50.66 19.36
N SER D 338 -2.61 -51.02 20.48
CA SER D 338 -2.45 -50.28 21.73
C SER D 338 -0.98 -50.28 22.19
N ALA D 339 -0.32 -51.43 22.04
CA ALA D 339 1.11 -51.56 22.32
C ALA D 339 1.97 -50.78 21.32
N PHE D 340 1.63 -50.91 20.04
CA PHE D 340 2.27 -50.14 18.95
C PHE D 340 2.23 -48.64 19.22
N TRP D 341 1.06 -48.12 19.58
CA TRP D 341 0.88 -46.68 19.74
C TRP D 341 1.75 -46.07 20.83
N TYR D 342 1.66 -46.58 22.06
CA TYR D 342 2.50 -46.05 23.14
C TYR D 342 3.99 -46.44 23.04
N ALA D 343 4.31 -47.39 22.16
CA ALA D 343 5.71 -47.64 21.77
C ALA D 343 6.25 -46.53 20.86
N VAL D 344 5.47 -46.13 19.88
CA VAL D 344 5.83 -45.03 18.97
C VAL D 344 5.76 -43.66 19.68
N ARG D 345 4.79 -43.50 20.57
CA ARG D 345 4.67 -42.26 21.39
C ARG D 345 6.00 -41.88 22.05
N THR D 346 6.63 -42.87 22.69
CA THR D 346 7.91 -42.67 23.38
C THR D 346 9.02 -42.29 22.40
N ALA D 347 9.16 -43.09 21.34
CA ALA D 347 10.19 -42.88 20.32
C ALA D 347 10.15 -41.48 19.68
N VAL D 348 8.93 -40.99 19.42
CA VAL D 348 8.75 -39.63 18.88
C VAL D 348 9.18 -38.57 19.90
N ILE D 349 8.75 -38.72 21.15
CA ILE D 349 9.02 -37.72 22.19
C ILE D 349 10.49 -37.68 22.61
N ASN D 350 11.11 -38.85 22.74
CA ASN D 350 12.53 -38.94 23.11
C ASN D 350 13.44 -38.34 22.03
N ALA D 351 13.17 -38.69 20.76
CA ALA D 351 13.93 -38.16 19.63
C ALA D 351 13.73 -36.65 19.46
N ALA D 352 12.49 -36.19 19.66
CA ALA D 352 12.16 -34.76 19.57
C ALA D 352 12.88 -33.92 20.63
N SER D 353 12.80 -34.38 21.88
CA SER D 353 13.48 -33.72 22.99
C SER D 353 15.01 -33.87 22.95
N GLY D 354 15.50 -34.93 22.30
CA GLY D 354 16.93 -35.14 22.08
C GLY D 354 17.64 -35.95 23.16
N ARG D 355 16.88 -36.78 23.87
CA ARG D 355 17.45 -37.72 24.84
C ARG D 355 18.06 -38.92 24.11
N GLN D 356 17.34 -39.43 23.10
CA GLN D 356 17.81 -40.50 22.22
C GLN D 356 18.00 -40.03 20.79
N THR D 357 18.75 -40.81 20.01
CA THR D 357 18.80 -40.65 18.55
C THR D 357 17.59 -41.33 17.93
N VAL D 358 17.37 -41.01 16.66
CA VAL D 358 16.25 -41.57 15.89
C VAL D 358 16.46 -43.07 15.68
N ASP D 359 17.69 -43.46 15.35
CA ASP D 359 18.04 -44.87 15.14
C ASP D 359 17.86 -45.70 16.42
N ALA D 360 18.23 -45.13 17.56
CA ALA D 360 18.08 -45.77 18.86
C ALA D 360 16.62 -45.81 19.32
N ALA D 361 15.92 -44.70 19.17
CA ALA D 361 14.52 -44.58 19.61
C ALA D 361 13.59 -45.55 18.88
N LEU D 362 13.72 -45.61 17.55
CA LEU D 362 12.89 -46.51 16.73
C LEU D 362 13.26 -47.98 16.85
N ALA D 363 14.55 -48.26 17.09
CA ALA D 363 14.99 -49.63 17.40
C ALA D 363 14.38 -50.13 18.70
N ALA D 364 14.23 -49.24 19.69
CA ALA D 364 13.56 -49.56 20.95
C ALA D 364 12.06 -49.80 20.74
N ALA D 365 11.42 -48.90 20.00
CA ALA D 365 10.00 -49.03 19.67
C ALA D 365 9.69 -50.24 18.77
N GLN D 366 10.68 -50.67 17.97
CA GLN D 366 10.53 -51.86 17.11
C GLN D 366 10.26 -53.12 17.93
N THR D 367 11.11 -53.38 18.92
CA THR D 367 10.94 -54.51 19.83
C THR D 367 9.68 -54.37 20.68
N ASN D 368 9.42 -53.15 21.18
CA ASN D 368 8.25 -52.87 22.03
C ASN D 368 6.91 -53.04 21.32
N ALA D 369 6.82 -52.54 20.09
CA ALA D 369 5.60 -52.63 19.29
C ALA D 369 5.30 -54.08 18.90
N ALA D 370 6.34 -54.80 18.49
CA ALA D 370 6.23 -56.21 18.14
C ALA D 370 5.69 -57.04 19.29
N ALA D 371 6.33 -56.91 20.44
CA ALA D 371 6.06 -57.77 21.59
C ALA D 371 6.20 -59.26 21.21
N ILE D 372 7.43 -59.68 20.93
CA ILE D 372 7.72 -61.05 20.52
C ILE D 372 7.79 -61.97 21.74
N ALA D 373 8.53 -61.54 22.76
CA ALA D 373 8.67 -62.30 24.00
C ALA D 373 7.37 -62.29 24.81
N GLN D 374 6.79 -61.11 25.00
CA GLN D 374 5.56 -60.94 25.79
C GLN D 374 4.39 -61.78 25.28
N GLN D 375 4.29 -61.94 23.95
CA GLN D 375 3.29 -62.81 23.33
C GLN D 375 3.69 -64.29 23.37
N TRP D 376 4.99 -64.58 23.23
CA TRP D 376 5.50 -65.95 23.38
C TRP D 376 5.23 -66.50 24.80
N ILE D 377 5.45 -65.66 25.82
CA ILE D 377 5.07 -66.01 27.20
C ILE D 377 3.57 -66.27 27.31
N GLN D 378 2.77 -65.39 26.71
CA GLN D 378 1.31 -65.55 26.72
C GLN D 378 0.82 -66.80 26.00
N SER D 379 1.52 -67.19 24.93
CA SER D 379 1.15 -68.38 24.15
C SER D 379 1.37 -69.70 24.92
N LYS D 380 2.40 -69.74 25.77
CA LYS D 380 2.72 -70.92 26.59
C LYS D 380 2.67 -70.56 28.08
N ARG D 381 1.60 -69.87 28.47
CA ARG D 381 1.47 -69.29 29.82
C ARG D 381 1.45 -70.34 30.92
N GLU D 382 0.52 -71.29 30.80
CA GLU D 382 0.33 -72.33 31.82
C GLU D 382 1.48 -73.33 31.85
N ASP D 383 2.08 -73.60 30.68
CA ASP D 383 3.25 -74.46 30.59
C ASP D 383 4.42 -73.88 31.39
N ILE D 384 4.64 -72.56 31.24
CA ILE D 384 5.71 -71.86 31.97
C ILE D 384 5.45 -71.87 33.50
N VAL D 385 4.19 -71.76 33.91
CA VAL D 385 3.85 -71.83 35.34
C VAL D 385 4.23 -73.20 35.92
N ASN D 386 3.92 -74.27 35.18
CA ASN D 386 4.23 -75.63 35.63
C ASN D 386 5.72 -76.00 35.49
N GLN D 387 6.38 -75.52 34.44
CA GLN D 387 7.72 -76.00 34.07
C GLN D 387 8.92 -75.13 34.53
N MET D 388 8.68 -73.94 35.07
CA MET D 388 9.78 -73.06 35.50
C MET D 388 10.36 -73.56 36.83
N THR D 389 11.67 -73.73 36.88
CA THR D 389 12.37 -74.12 38.11
C THR D 389 12.43 -72.94 39.08
N GLU D 390 12.59 -73.26 40.36
CA GLU D 390 12.72 -72.25 41.41
C GLU D 390 14.03 -71.47 41.29
N ALA D 391 15.04 -72.11 40.68
CA ALA D 391 16.30 -71.44 40.34
C ALA D 391 16.10 -70.40 39.25
N CYS D 392 15.42 -70.78 38.17
CA CYS D 392 15.12 -69.89 37.04
C CYS D 392 14.28 -68.67 37.45
N LEU D 393 13.34 -68.89 38.36
CA LEU D 393 12.55 -67.82 38.98
C LEU D 393 13.46 -66.80 39.67
N ASN D 394 14.32 -67.29 40.57
CA ASN D 394 15.21 -66.42 41.35
C ASN D 394 16.28 -65.74 40.49
N GLN D 395 16.82 -66.47 39.51
CA GLN D 395 17.72 -65.89 38.50
C GLN D 395 17.06 -64.74 37.72
N SER D 396 15.79 -64.94 37.33
CA SER D 396 15.02 -63.89 36.66
C SER D 396 14.75 -62.72 37.60
N LEU D 397 14.28 -63.01 38.81
CA LEU D 397 14.01 -61.98 39.83
C LEU D 397 15.25 -61.16 40.22
N ASP D 398 16.42 -61.80 40.27
CA ASP D 398 17.68 -61.11 40.56
C ASP D 398 18.11 -60.21 39.39
N ALA D 399 18.15 -60.78 38.20
CA ALA D 399 18.56 -60.06 36.98
C ALA D 399 17.61 -58.92 36.62
N LEU D 400 16.31 -59.12 36.83
CA LEU D 400 15.30 -58.07 36.63
C LEU D 400 15.44 -56.90 37.63
N LEU D 401 15.79 -57.22 38.88
CA LEU D 401 16.00 -56.20 39.92
C LEU D 401 17.31 -55.42 39.71
N SER D 402 18.34 -56.08 39.19
CA SER D 402 19.62 -55.42 38.88
C SER D 402 19.54 -54.41 37.72
N ARG D 403 18.58 -54.61 36.81
CA ARG D 403 18.32 -53.66 35.70
C ARG D 403 17.15 -52.69 35.98
N ASP D 404 16.72 -52.58 37.24
CA ASP D 404 15.61 -51.68 37.65
C ASP D 404 14.30 -51.87 36.86
N LEU D 405 14.03 -53.10 36.43
CA LEU D 405 12.82 -53.42 35.66
C LEU D 405 11.62 -53.78 36.55
N ILE D 406 11.88 -54.20 37.80
CA ILE D 406 10.83 -54.44 38.78
C ILE D 406 10.82 -53.31 39.80
N MET D 407 9.62 -52.86 40.18
CA MET D 407 9.46 -51.94 41.31
C MET D 407 9.69 -52.70 42.63
N LYS D 408 9.84 -51.93 43.72
CA LYS D 408 10.06 -52.51 45.05
C LYS D 408 8.83 -53.23 45.58
N GLU D 409 7.64 -52.68 45.31
CA GLU D 409 6.37 -53.33 45.66
C GLU D 409 6.12 -54.61 44.85
N ASP D 410 6.36 -54.55 43.52
CA ASP D 410 6.13 -55.71 42.62
C ASP D 410 7.04 -56.91 42.92
N TYR D 411 8.33 -56.66 43.30
CA TYR D 411 9.27 -57.73 43.67
C TYR D 411 8.82 -58.47 44.93
N GLU D 412 8.46 -57.71 45.97
CA GLU D 412 7.99 -58.28 47.24
C GLU D 412 6.64 -59.01 47.11
N LEU D 413 5.77 -58.50 46.25
CA LEU D 413 4.46 -59.13 46.01
C LEU D 413 4.59 -60.50 45.34
N VAL D 414 5.61 -60.66 44.48
CA VAL D 414 5.92 -61.95 43.85
C VAL D 414 6.48 -62.94 44.87
N SER D 415 7.56 -62.56 45.54
CA SER D 415 8.30 -63.47 46.44
C SER D 415 7.55 -63.87 47.72
N THR D 416 6.58 -63.06 48.17
CA THR D 416 5.75 -63.39 49.34
C THR D 416 4.54 -64.29 49.03
N LYS D 417 4.42 -64.76 47.78
CA LYS D 417 3.48 -65.85 47.44
C LYS D 417 3.90 -67.16 48.13
N PRO D 418 2.93 -68.06 48.39
CA PRO D 418 3.24 -69.28 49.15
C PRO D 418 4.10 -70.30 48.41
N THR D 419 3.78 -70.55 47.14
CA THR D 419 4.41 -71.61 46.35
C THR D 419 5.15 -71.09 45.15
N ARG D 420 6.04 -71.94 44.64
CA ARG D 420 6.79 -71.65 43.41
C ARG D 420 5.86 -71.66 42.19
N THR D 421 4.80 -72.47 42.21
CA THR D 421 3.73 -72.38 41.21
C THR D 421 3.02 -71.02 41.21
N SER D 422 2.72 -70.51 42.39
CA SER D 422 2.04 -69.21 42.55
C SER D 422 2.95 -68.00 42.36
N LYS D 423 4.25 -68.15 42.68
CA LYS D 423 5.25 -67.11 42.42
C LYS D 423 5.43 -66.84 40.92
N VAL D 424 5.58 -67.91 40.15
CA VAL D 424 5.76 -67.80 38.69
C VAL D 424 4.51 -67.22 38.03
N ARG D 425 3.34 -67.63 38.51
CA ARG D 425 2.06 -67.04 38.09
C ARG D 425 2.07 -65.52 38.31
N GLN D 426 2.46 -65.10 39.51
CA GLN D 426 2.53 -63.67 39.86
C GLN D 426 3.62 -62.92 39.07
N LEU D 427 4.70 -63.62 38.72
CA LEU D 427 5.72 -63.08 37.81
C LEU D 427 5.14 -62.86 36.41
N LEU D 428 4.49 -63.88 35.87
CA LEU D 428 3.84 -63.78 34.55
C LEU D 428 2.63 -62.84 34.52
N ASP D 429 2.02 -62.56 35.68
CA ASP D 429 0.99 -61.50 35.77
C ASP D 429 1.59 -60.11 35.56
N THR D 430 2.76 -59.87 36.16
CA THR D 430 3.46 -58.59 36.01
C THR D 430 4.19 -58.42 34.66
N THR D 431 4.47 -59.50 33.93
CA THR D 431 5.07 -59.39 32.58
C THR D 431 4.15 -58.68 31.58
N ASP D 432 2.84 -58.90 31.73
CA ASP D 432 1.84 -58.27 30.87
C ASP D 432 1.72 -56.78 31.21
N ILE D 433 1.78 -56.46 32.50
CA ILE D 433 1.69 -55.08 32.99
C ILE D 433 2.97 -54.27 32.70
N GLN D 434 4.14 -54.86 32.95
CA GLN D 434 5.41 -54.10 33.03
C GLN D 434 6.22 -53.96 31.74
N GLY D 435 5.71 -54.45 30.61
CA GLY D 435 6.34 -54.20 29.30
C GLY D 435 7.12 -55.38 28.74
N GLU D 436 7.82 -55.14 27.60
CA GLU D 436 8.42 -56.22 26.81
C GLU D 436 9.90 -56.50 27.12
N GLU D 437 10.59 -55.46 27.63
CA GLU D 437 11.98 -55.66 28.07
C GLU D 437 12.04 -56.55 29.32
N PHE D 438 10.99 -56.44 30.15
CA PHE D 438 10.73 -57.33 31.28
C PHE D 438 10.67 -58.80 30.83
N ALA D 439 9.88 -59.06 29.79
CA ALA D 439 9.67 -60.41 29.26
C ALA D 439 10.93 -61.04 28.65
N LYS D 440 11.76 -60.24 27.99
CA LYS D 440 13.01 -60.70 27.38
C LYS D 440 13.98 -61.32 28.39
N VAL D 441 13.96 -60.82 29.62
CA VAL D 441 14.79 -61.35 30.69
C VAL D 441 14.35 -62.77 31.05
N ILE D 442 13.05 -62.97 31.26
CA ILE D 442 12.51 -64.26 31.64
C ILE D 442 12.73 -65.31 30.54
N VAL D 443 12.45 -64.94 29.29
CA VAL D 443 12.65 -65.84 28.14
C VAL D 443 14.14 -66.17 27.96
N GLN D 444 15.03 -65.25 28.34
CA GLN D 444 16.47 -65.51 28.37
C GLN D 444 16.82 -66.55 29.43
N LYS D 445 16.28 -66.38 30.65
CA LYS D 445 16.55 -67.31 31.75
C LYS D 445 15.94 -68.70 31.53
N LEU D 446 14.74 -68.75 30.92
CA LEU D 446 14.14 -70.04 30.52
C LEU D 446 14.98 -70.78 29.47
N LYS D 447 15.64 -70.03 28.59
CA LYS D 447 16.56 -70.59 27.59
C LYS D 447 17.95 -70.92 28.18
N ASP D 448 18.38 -70.17 29.19
CA ASP D 448 19.63 -70.47 29.93
C ASP D 448 19.54 -71.79 30.71
N ASN D 449 18.42 -71.98 31.42
CA ASN D 449 18.19 -73.21 32.20
C ASN D 449 17.65 -74.38 31.37
N LYS D 450 17.48 -74.20 30.06
CA LYS D 450 17.14 -75.26 29.11
C LYS D 450 15.83 -75.96 29.47
N GLN D 451 14.77 -75.17 29.52
CA GLN D 451 13.42 -75.65 29.80
C GLN D 451 12.83 -76.21 28.50
N MET D 452 13.44 -77.29 28.02
CA MET D 452 13.16 -77.84 26.68
C MET D 452 11.82 -78.56 26.55
N GLY D 453 11.07 -78.70 27.65
CA GLY D 453 9.66 -79.04 27.59
C GLY D 453 8.83 -77.96 26.90
N LEU D 454 8.98 -76.33 27.04
CA LEU D 454 8.41 -75.22 26.33
C LEU D 454 8.75 -75.47 24.88
N GLN D 455 7.85 -75.08 23.99
CA GLN D 455 7.95 -75.40 22.58
C GLN D 455 8.95 -74.57 21.85
N PRO D 456 8.78 -74.44 20.48
CA PRO D 456 9.83 -73.66 19.82
C PRO D 456 9.98 -72.25 20.39
N TYR D 457 11.22 -71.86 20.57
CA TYR D 457 11.57 -70.52 21.10
C TYR D 457 11.52 -69.44 20.00
N PRO D 458 11.55 -68.17 20.38
CA PRO D 458 11.51 -67.09 19.38
C PRO D 458 12.56 -67.14 18.27
N GLU D 459 13.84 -67.08 18.63
CA GLU D 459 14.95 -67.20 17.67
C GLU D 459 16.18 -67.82 18.33
#